data_3V1A
# 
_entry.id   3V1A 
# 
_audit_conform.dict_name       mmcif_pdbx.dic 
_audit_conform.dict_version    5.379 
_audit_conform.dict_location   http://mmcif.pdb.org/dictionaries/ascii/mmcif_pdbx.dic 
# 
loop_
_database_2.database_id 
_database_2.database_code 
_database_2.pdbx_database_accession 
_database_2.pdbx_DOI 
PDB   3V1A         pdb_00003v1a 10.2210/pdb3v1a/pdb 
RCSB  RCSB069468   ?            ?                   
WWPDB D_1000069468 ?            ?                   
# 
loop_
_pdbx_database_related.db_name 
_pdbx_database_related.db_id 
_pdbx_database_related.details 
_pdbx_database_related.content_type 
PDB 1YZM 'This deposition is a computational redesign of 1YZM.' unspecified 
PDB 3V1B .                                                      unspecified 
PDB 3V1C .                                                      unspecified 
PDB 3V1D .                                                      unspecified 
PDB 3V1E .                                                      unspecified 
PDB 3V1F .                                                      unspecified 
# 
_pdbx_database_status.status_code                     REL 
_pdbx_database_status.entry_id                        3V1A 
_pdbx_database_status.recvd_initial_deposition_date   2011-12-09 
_pdbx_database_status.deposit_site                    RCSB 
_pdbx_database_status.process_site                    RCSB 
_pdbx_database_status.status_code_sf                  REL 
_pdbx_database_status.status_code_mr                  ? 
_pdbx_database_status.SG_entry                        ? 
_pdbx_database_status.status_code_cs                  ? 
_pdbx_database_status.pdb_format_compatible           Y 
_pdbx_database_status.status_code_nmr_data            ? 
_pdbx_database_status.methods_development_category    ? 
# 
loop_
_audit_author.name 
_audit_author.pdbx_ordinal 
'Der, B.S.'   1 
'Machius, M.' 2 
'Miley, M.J.' 3 
'Kuhlman, B.' 4 
# 
_citation.id                        primary 
_citation.title                     
'Metal-mediated affinity and orientation specificity in a computationally designed protein homodimer.' 
_citation.journal_abbrev            J.Am.Chem.Soc. 
_citation.journal_volume            134 
_citation.page_first                375 
_citation.page_last                 385 
_citation.year                      2012 
_citation.journal_id_ASTM           JACSAT 
_citation.country                   US 
_citation.journal_id_ISSN           0002-7863 
_citation.journal_id_CSD            0004 
_citation.book_publisher            ? 
_citation.pdbx_database_id_PubMed   22092237 
_citation.pdbx_database_id_DOI      10.1021/ja208015j 
# 
loop_
_citation_author.citation_id 
_citation_author.name 
_citation_author.ordinal 
_citation_author.identifier_ORCID 
primary 'Der, B.S.'     1 ? 
primary 'Machius, M.'   2 ? 
primary 'Miley, M.J.'   3 ? 
primary 'Mills, J.L.'   4 ? 
primary 'Szyperski, T.' 5 ? 
primary 'Kuhlman, B.'   6 ? 
# 
_cell.entry_id           3V1A 
_cell.length_a           25.264 
_cell.length_b           33.029 
_cell.length_c           42.916 
_cell.angle_alpha        90.00 
_cell.angle_beta         90.00 
_cell.angle_gamma        90.00 
_cell.Z_PDB              4 
_cell.pdbx_unique_axis   ? 
_cell.length_a_esd       ? 
_cell.length_b_esd       ? 
_cell.length_c_esd       ? 
_cell.angle_alpha_esd    ? 
_cell.angle_beta_esd     ? 
_cell.angle_gamma_esd    ? 
# 
_symmetry.entry_id                         3V1A 
_symmetry.space_group_name_H-M             'P 21 21 21' 
_symmetry.pdbx_full_space_group_name_H-M   ? 
_symmetry.cell_setting                     ? 
_symmetry.Int_Tables_number                19 
_symmetry.space_group_name_Hall            ? 
# 
loop_
_entity.id 
_entity.type 
_entity.src_method 
_entity.pdbx_description 
_entity.formula_weight 
_entity.pdbx_number_of_molecules 
_entity.pdbx_ec 
_entity.pdbx_mutation 
_entity.pdbx_fragment 
_entity.details 
1 polymer man 'Computational design, MID1-apo1' 5499.118 1  ? ? ? ? 
2 water   nat water                             18.015   52 ? ? ? ? 
# 
_entity_name_com.entity_id   1 
_entity_name_com.name        'Computational redesign of the biological sequence.' 
# 
_entity_poly.entity_id                      1 
_entity_poly.type                           'polypeptide(L)' 
_entity_poly.nstd_linkage                   no 
_entity_poly.nstd_monomer                   no 
_entity_poly.pdbx_seq_one_letter_code       GSGSPLAQQIKNIHSFIHQAKAAGRMDEVRTLQENLHQLMHEYFQQSD 
_entity_poly.pdbx_seq_one_letter_code_can   GSGSPLAQQIKNIHSFIHQAKAAGRMDEVRTLQENLHQLMHEYFQQSD 
_entity_poly.pdbx_strand_id                 A 
_entity_poly.pdbx_target_identifier         ? 
# 
loop_
_entity_poly_seq.entity_id 
_entity_poly_seq.num 
_entity_poly_seq.mon_id 
_entity_poly_seq.hetero 
1 1  GLY n 
1 2  SER n 
1 3  GLY n 
1 4  SER n 
1 5  PRO n 
1 6  LEU n 
1 7  ALA n 
1 8  GLN n 
1 9  GLN n 
1 10 ILE n 
1 11 LYS n 
1 12 ASN n 
1 13 ILE n 
1 14 HIS n 
1 15 SER n 
1 16 PHE n 
1 17 ILE n 
1 18 HIS n 
1 19 GLN n 
1 20 ALA n 
1 21 LYS n 
1 22 ALA n 
1 23 ALA n 
1 24 GLY n 
1 25 ARG n 
1 26 MET n 
1 27 ASP n 
1 28 GLU n 
1 29 VAL n 
1 30 ARG n 
1 31 THR n 
1 32 LEU n 
1 33 GLN n 
1 34 GLU n 
1 35 ASN n 
1 36 LEU n 
1 37 HIS n 
1 38 GLN n 
1 39 LEU n 
1 40 MET n 
1 41 HIS n 
1 42 GLU n 
1 43 TYR n 
1 44 PHE n 
1 45 GLN n 
1 46 GLN n 
1 47 SER n 
1 48 ASP n 
# 
_entity_src_gen.entity_id                          1 
_entity_src_gen.pdbx_src_id                        1 
_entity_src_gen.pdbx_alt_source_flag               sample 
_entity_src_gen.pdbx_seq_type                      ? 
_entity_src_gen.pdbx_beg_seq_num                   ? 
_entity_src_gen.pdbx_end_seq_num                   ? 
_entity_src_gen.gene_src_common_name               ? 
_entity_src_gen.gene_src_genus                     ? 
_entity_src_gen.pdbx_gene_src_gene                 ? 
_entity_src_gen.gene_src_species                   ? 
_entity_src_gen.gene_src_strain                    ? 
_entity_src_gen.gene_src_tissue                    ? 
_entity_src_gen.gene_src_tissue_fraction           ? 
_entity_src_gen.gene_src_details                   ? 
_entity_src_gen.pdbx_gene_src_fragment             ? 
_entity_src_gen.pdbx_gene_src_scientific_name      'ARTIFICIAL GENE' 
_entity_src_gen.pdbx_gene_src_ncbi_taxonomy_id     32630 
_entity_src_gen.pdbx_gene_src_variant              ? 
_entity_src_gen.pdbx_gene_src_cell_line            ? 
_entity_src_gen.pdbx_gene_src_atcc                 ? 
_entity_src_gen.pdbx_gene_src_organ                ? 
_entity_src_gen.pdbx_gene_src_organelle            ? 
_entity_src_gen.pdbx_gene_src_cell                 ? 
_entity_src_gen.pdbx_gene_src_cellular_location    ? 
_entity_src_gen.host_org_common_name               ? 
_entity_src_gen.pdbx_host_org_scientific_name      'Escherichia coli' 
_entity_src_gen.pdbx_host_org_ncbi_taxonomy_id     511693 
_entity_src_gen.host_org_genus                     ? 
_entity_src_gen.pdbx_host_org_gene                 ? 
_entity_src_gen.pdbx_host_org_organ                ? 
_entity_src_gen.host_org_species                   ? 
_entity_src_gen.pdbx_host_org_tissue               ? 
_entity_src_gen.pdbx_host_org_tissue_fraction      ? 
_entity_src_gen.pdbx_host_org_strain               BL21 
_entity_src_gen.pdbx_host_org_variant              ? 
_entity_src_gen.pdbx_host_org_cell_line            ? 
_entity_src_gen.pdbx_host_org_atcc                 ? 
_entity_src_gen.pdbx_host_org_culture_collection   ? 
_entity_src_gen.pdbx_host_org_cell                 ? 
_entity_src_gen.pdbx_host_org_organelle            ? 
_entity_src_gen.pdbx_host_org_cellular_location    ? 
_entity_src_gen.pdbx_host_org_vector_type          plasmid 
_entity_src_gen.pdbx_host_org_vector               ? 
_entity_src_gen.host_org_details                   ? 
_entity_src_gen.expression_system_id               ? 
_entity_src_gen.plasmid_name                       'pQE-80L MBP fusion' 
_entity_src_gen.plasmid_details                    ? 
_entity_src_gen.pdbx_description                   ? 
# 
_struct_ref.id                         1 
_struct_ref.db_name                    PDB 
_struct_ref.db_code                    3V1A 
_struct_ref.pdbx_db_accession          3V1A 
_struct_ref.entity_id                  1 
_struct_ref.pdbx_align_begin           ? 
_struct_ref.pdbx_seq_one_letter_code   ? 
_struct_ref.pdbx_db_isoform            ? 
# 
_struct_ref_seq.align_id                      1 
_struct_ref_seq.ref_id                        1 
_struct_ref_seq.pdbx_PDB_id_code              3V1A 
_struct_ref_seq.pdbx_strand_id                A 
_struct_ref_seq.seq_align_beg                 1 
_struct_ref_seq.pdbx_seq_align_beg_ins_code   ? 
_struct_ref_seq.seq_align_end                 48 
_struct_ref_seq.pdbx_seq_align_end_ins_code   ? 
_struct_ref_seq.pdbx_db_accession             3V1A 
_struct_ref_seq.db_align_beg                  -1 
_struct_ref_seq.pdbx_db_align_beg_ins_code    ? 
_struct_ref_seq.db_align_end                  46 
_struct_ref_seq.pdbx_db_align_end_ins_code    ? 
_struct_ref_seq.pdbx_auth_seq_align_beg       -1 
_struct_ref_seq.pdbx_auth_seq_align_end       46 
# 
loop_
_chem_comp.id 
_chem_comp.type 
_chem_comp.mon_nstd_flag 
_chem_comp.name 
_chem_comp.pdbx_synonyms 
_chem_comp.formula 
_chem_comp.formula_weight 
ALA 'L-peptide linking' y ALANINE         ? 'C3 H7 N O2'     89.093  
ARG 'L-peptide linking' y ARGININE        ? 'C6 H15 N4 O2 1' 175.209 
ASN 'L-peptide linking' y ASPARAGINE      ? 'C4 H8 N2 O3'    132.118 
ASP 'L-peptide linking' y 'ASPARTIC ACID' ? 'C4 H7 N O4'     133.103 
GLN 'L-peptide linking' y GLUTAMINE       ? 'C5 H10 N2 O3'   146.144 
GLU 'L-peptide linking' y 'GLUTAMIC ACID' ? 'C5 H9 N O4'     147.129 
GLY 'peptide linking'   y GLYCINE         ? 'C2 H5 N O2'     75.067  
HIS 'L-peptide linking' y HISTIDINE       ? 'C6 H10 N3 O2 1' 156.162 
HOH non-polymer         . WATER           ? 'H2 O'           18.015  
ILE 'L-peptide linking' y ISOLEUCINE      ? 'C6 H13 N O2'    131.173 
LEU 'L-peptide linking' y LEUCINE         ? 'C6 H13 N O2'    131.173 
LYS 'L-peptide linking' y LYSINE          ? 'C6 H15 N2 O2 1' 147.195 
MET 'L-peptide linking' y METHIONINE      ? 'C5 H11 N O2 S'  149.211 
PHE 'L-peptide linking' y PHENYLALANINE   ? 'C9 H11 N O2'    165.189 
PRO 'L-peptide linking' y PROLINE         ? 'C5 H9 N O2'     115.130 
SER 'L-peptide linking' y SERINE          ? 'C3 H7 N O3'     105.093 
THR 'L-peptide linking' y THREONINE       ? 'C4 H9 N O3'     119.119 
TYR 'L-peptide linking' y TYROSINE        ? 'C9 H11 N O3'    181.189 
VAL 'L-peptide linking' y VALINE          ? 'C5 H11 N O2'    117.146 
# 
_exptl.entry_id          3V1A 
_exptl.method            'X-RAY DIFFRACTION' 
_exptl.crystals_number   1 
# 
_exptl_crystal.id                    1 
_exptl_crystal.density_meas          ? 
_exptl_crystal.density_Matthews      1.63 
_exptl_crystal.density_percent_sol   24.45 
_exptl_crystal.description           ? 
_exptl_crystal.F_000                 ? 
_exptl_crystal.preparation           ? 
# 
_exptl_crystal_grow.crystal_id      1 
_exptl_crystal_grow.method          'VAPOR DIFFUSION, SITTING DROP' 
_exptl_crystal_grow.temp            293 
_exptl_crystal_grow.temp_details    ? 
_exptl_crystal_grow.pH              5.97 
_exptl_crystal_grow.pdbx_pH_range   ? 
_exptl_crystal_grow.pdbx_details    
;0.1 microliters protein (20 mg/ml, 100 mM ammonium acetate buffer) mixed with 0.1-0.2 microliters crystallization buffer (0.1 M MES pH 5.97, 30% PEG 600, 7.5% PEG 1000, 5% glycerol), VAPOR DIFFUSION, SITTING DROP, temperature 293K
;
# 
_diffrn.id                     1 
_diffrn.ambient_temp           100 
_diffrn.ambient_temp_details   ? 
_diffrn.crystal_id             1 
# 
_diffrn_detector.diffrn_id              1 
_diffrn_detector.detector               CCD 
_diffrn_detector.type                   'MARMOSAIC 300 mm CCD' 
_diffrn_detector.pdbx_collection_date   2010-11-11 
_diffrn_detector.details                ? 
# 
_diffrn_radiation.diffrn_id                        1 
_diffrn_radiation.wavelength_id                    1 
_diffrn_radiation.pdbx_monochromatic_or_laue_m_l   M 
_diffrn_radiation.monochromator                    'double crystal' 
_diffrn_radiation.pdbx_diffrn_protocol             'SINGLE WAVELENGTH' 
_diffrn_radiation.pdbx_scattering_type             x-ray 
# 
_diffrn_radiation_wavelength.id           1 
_diffrn_radiation_wavelength.wavelength   0.9794 
_diffrn_radiation_wavelength.wt           1.0 
# 
_diffrn_source.diffrn_id                   1 
_diffrn_source.source                      SYNCHROTRON 
_diffrn_source.type                        'APS BEAMLINE 23-ID-B' 
_diffrn_source.pdbx_synchrotron_site       APS 
_diffrn_source.pdbx_synchrotron_beamline   23-ID-B 
_diffrn_source.pdbx_wavelength             ? 
_diffrn_source.pdbx_wavelength_list        0.9794 
# 
_reflns.pdbx_diffrn_id               1 
_reflns.pdbx_ordinal                 1 
_reflns.entry_id                     3V1A 
_reflns.observed_criterion_sigma_I   -3 
_reflns.observed_criterion_sigma_F   -3 
_reflns.d_resolution_low             18.18 
_reflns.d_resolution_high            0.98 
_reflns.number_obs                   20751 
_reflns.number_all                   20751 
_reflns.percent_possible_obs         97.2 
_reflns.pdbx_Rmerge_I_obs            0.091 
_reflns.pdbx_Rsym_value              ? 
_reflns.pdbx_netI_over_sigmaI        11.1 
_reflns.B_iso_Wilson_estimate        7.3 
_reflns.pdbx_redundancy              10.0 
_reflns.R_free_details               ? 
_reflns.limit_h_max                  ? 
_reflns.limit_h_min                  ? 
_reflns.limit_k_max                  ? 
_reflns.limit_k_min                  ? 
_reflns.limit_l_max                  ? 
_reflns.limit_l_min                  ? 
_reflns.observed_criterion_F_max     ? 
_reflns.observed_criterion_F_min     ? 
_reflns.pdbx_chi_squared             ? 
_reflns.pdbx_scaling_rejects         ? 
# 
_reflns_shell.pdbx_diffrn_id         1 
_reflns_shell.pdbx_ordinal           1 
_reflns_shell.d_res_high             0.98 
_reflns_shell.d_res_low              0.99 
_reflns_shell.percent_possible_all   77.6 
_reflns_shell.Rmerge_I_obs           0.214 
_reflns_shell.pdbx_Rsym_value        ? 
_reflns_shell.meanI_over_sigI_obs    5.4 
_reflns_shell.pdbx_redundancy        3.6 
_reflns_shell.percent_possible_obs   ? 
_reflns_shell.number_unique_all      ? 
_reflns_shell.number_measured_all    ? 
_reflns_shell.number_measured_obs    ? 
_reflns_shell.number_unique_obs      ? 
_reflns_shell.pdbx_chi_squared       ? 
# 
_refine.pdbx_refine_id                           'X-RAY DIFFRACTION' 
_refine.entry_id                                 3V1A 
_refine.pdbx_diffrn_id                           1 
_refine.pdbx_TLS_residual_ADP_flag               ? 
_refine.ls_number_reflns_obs                     20588 
_refine.ls_number_reflns_all                     20588 
_refine.pdbx_ls_sigma_I                          ? 
_refine.pdbx_ls_sigma_F                          1.34 
_refine.pdbx_data_cutoff_high_absF               ? 
_refine.pdbx_data_cutoff_low_absF                ? 
_refine.pdbx_data_cutoff_high_rms_absF           ? 
_refine.ls_d_res_low                             18.18 
_refine.ls_d_res_high                            0.98 
_refine.ls_percent_reflns_obs                    96.67 
_refine.ls_R_factor_obs                          0.0948 
_refine.ls_R_factor_all                          ? 
_refine.ls_R_factor_R_work                       0.0938 
_refine.ls_R_factor_R_free                       0.1134 
_refine.ls_R_factor_R_free_error                 ? 
_refine.ls_R_factor_R_free_error_details         ? 
_refine.ls_percent_reflns_R_free                 5.13 
_refine.ls_number_reflns_R_free                  1057 
_refine.ls_number_parameters                     ? 
_refine.ls_number_restraints                     ? 
_refine.occupancy_min                            ? 
_refine.occupancy_max                            ? 
_refine.correlation_coeff_Fo_to_Fc               ? 
_refine.correlation_coeff_Fo_to_Fc_free          ? 
_refine.B_iso_mean                               ? 
_refine.aniso_B[1][1]                            -1.7181 
_refine.aniso_B[2][2]                            -1.0614 
_refine.aniso_B[3][3]                            2.7795 
_refine.aniso_B[1][2]                            -0.0000 
_refine.aniso_B[1][3]                            0.0000 
_refine.aniso_B[2][3]                            -0.0000 
_refine.solvent_model_details                    'FLAT BULK SOLVENT MODEL' 
_refine.solvent_model_param_ksol                 0.467 
_refine.solvent_model_param_bsol                 55.097 
_refine.pdbx_solvent_vdw_probe_radii             1.00 
_refine.pdbx_solvent_ion_probe_radii             ? 
_refine.pdbx_solvent_shrinkage_radii             0.73 
_refine.pdbx_ls_cross_valid_method               THROUGHOUT 
_refine.details                                  ? 
_refine.pdbx_starting_model                      'PDB ENTRY 1YZM' 
_refine.pdbx_method_to_determine_struct          'MOLECULAR REPLACEMENT' 
_refine.pdbx_isotropic_thermal_model             Anisotropic 
_refine.pdbx_stereochemistry_target_values       ML 
_refine.pdbx_stereochem_target_val_spec_case     ? 
_refine.pdbx_R_Free_selection_details            RANDOM 
_refine.pdbx_overall_ESU_R                       ? 
_refine.pdbx_overall_ESU_R_Free                  ? 
_refine.overall_SU_ML                            0.06 
_refine.pdbx_overall_phase_error                 8.39 
_refine.overall_SU_B                             ? 
_refine.overall_SU_R_Cruickshank_DPI             ? 
_refine.pdbx_overall_SU_R_free_Cruickshank_DPI   ? 
_refine.pdbx_overall_SU_R_Blow_DPI               ? 
_refine.pdbx_overall_SU_R_free_Blow_DPI          ? 
_refine.ls_redundancy_reflns_obs                 ? 
_refine.B_iso_min                                ? 
_refine.B_iso_max                                ? 
_refine.overall_SU_R_free                        ? 
_refine.ls_wR_factor_R_free                      ? 
_refine.ls_wR_factor_R_work                      ? 
_refine.overall_FOM_free_R_set                   ? 
_refine.overall_FOM_work_R_set                   ? 
# 
_refine_hist.pdbx_refine_id                   'X-RAY DIFFRACTION' 
_refine_hist.cycle_id                         LAST 
_refine_hist.pdbx_number_atoms_protein        386 
_refine_hist.pdbx_number_atoms_nucleic_acid   0 
_refine_hist.pdbx_number_atoms_ligand         0 
_refine_hist.number_atoms_solvent             52 
_refine_hist.number_atoms_total               438 
_refine_hist.d_res_high                       0.98 
_refine_hist.d_res_low                        18.18 
# 
loop_
_refine_ls_restr.type 
_refine_ls_restr.dev_ideal 
_refine_ls_restr.dev_ideal_target 
_refine_ls_restr.weight 
_refine_ls_restr.number 
_refine_ls_restr.pdbx_refine_id 
_refine_ls_restr.pdbx_restraint_function 
f_bond_d           0.017  ? ? 486 'X-RAY DIFFRACTION' ? 
f_angle_d          1.640  ? ? 667 'X-RAY DIFFRACTION' ? 
f_dihedral_angle_d 16.948 ? ? 196 'X-RAY DIFFRACTION' ? 
f_chiral_restr     0.091  ? ? 67  'X-RAY DIFFRACTION' ? 
f_plane_restr      0.011  ? ? 97  'X-RAY DIFFRACTION' ? 
# 
loop_
_refine_ls_shell.pdbx_refine_id 
_refine_ls_shell.pdbx_total_number_of_bins_used 
_refine_ls_shell.d_res_high 
_refine_ls_shell.d_res_low 
_refine_ls_shell.number_reflns_R_work 
_refine_ls_shell.R_factor_R_work 
_refine_ls_shell.percent_reflns_obs 
_refine_ls_shell.R_factor_R_free 
_refine_ls_shell.R_factor_R_free_error 
_refine_ls_shell.percent_reflns_R_free 
_refine_ls_shell.number_reflns_R_free 
_refine_ls_shell.number_reflns_all 
_refine_ls_shell.R_factor_all 
_refine_ls_shell.redundancy_reflns_obs 
_refine_ls_shell.number_reflns_obs 
'X-RAY DIFFRACTION' . 0.9794 1.0239  2199 0.1102 88.00  0.1359 . . 95  . . . . 
'X-RAY DIFFRACTION' . 1.0239 1.0779  2405 0.0851 97.00  0.1133 . . 131 . . . . 
'X-RAY DIFFRACTION' . 1.0779 1.1454  2426 0.0727 96.00  0.0985 . . 124 . . . . 
'X-RAY DIFFRACTION' . 1.1454 1.2339  2421 0.0712 98.00  0.0982 . . 151 . . . . 
'X-RAY DIFFRACTION' . 1.2339 1.3580  2457 0.0728 98.00  0.1009 . . 128 . . . . 
'X-RAY DIFFRACTION' . 1.3580 1.5544  2461 0.0774 99.00  0.0985 . . 163 . . . . 
'X-RAY DIFFRACTION' . 1.5544 1.9580  2557 0.0854 100.00 0.1076 . . 131 . . . . 
'X-RAY DIFFRACTION' . 1.9580 18.1809 2605 0.1204 97.00  0.1326 . . 134 . . . . 
# 
_struct.entry_id                  3V1A 
_struct.title                     'Crystal structure of de novo designed MID1-apo1' 
_struct.pdbx_model_details        ? 
_struct.pdbx_CASP_flag            N 
_struct.pdbx_model_type_details   ? 
# 
_struct_keywords.entry_id        3V1A 
_struct_keywords.pdbx_keywords   'DE NOVO PROTEIN, METAL BINDING PROTEIN' 
_struct_keywords.text            'Helix-turn-helix, metal binding, homodimer, DE NOVO PROTEIN, METAL BINDING PROTEIN' 
# 
loop_
_struct_asym.id 
_struct_asym.pdbx_blank_PDB_chainid_flag 
_struct_asym.pdbx_modified 
_struct_asym.entity_id 
_struct_asym.details 
A N N 1 ? 
B N N 2 ? 
# 
_struct_biol.id        1 
_struct_biol.details   ? 
# 
loop_
_struct_conf.conf_type_id 
_struct_conf.id 
_struct_conf.pdbx_PDB_helix_id 
_struct_conf.beg_label_comp_id 
_struct_conf.beg_label_asym_id 
_struct_conf.beg_label_seq_id 
_struct_conf.pdbx_beg_PDB_ins_code 
_struct_conf.end_label_comp_id 
_struct_conf.end_label_asym_id 
_struct_conf.end_label_seq_id 
_struct_conf.pdbx_end_PDB_ins_code 
_struct_conf.beg_auth_comp_id 
_struct_conf.beg_auth_asym_id 
_struct_conf.beg_auth_seq_id 
_struct_conf.end_auth_comp_id 
_struct_conf.end_auth_asym_id 
_struct_conf.end_auth_seq_id 
_struct_conf.pdbx_PDB_helix_class 
_struct_conf.details 
_struct_conf.pdbx_PDB_helix_length 
HELX_P HELX_P1 1 SER A 4  ? ALA A 22 ? SER A 2  ALA A 20 1 ? 19 
HELX_P HELX_P2 2 ARG A 25 ? GLN A 46 ? ARG A 23 GLN A 44 1 ? 22 
# 
_struct_conf_type.id          HELX_P 
_struct_conf_type.criteria    ? 
_struct_conf_type.reference   ? 
# 
_atom_sites.entry_id                    3V1A 
_atom_sites.fract_transf_matrix[1][1]   -0.01522132 
_atom_sites.fract_transf_matrix[1][2]   0.00642033 
_atom_sites.fract_transf_matrix[1][3]   0.03596979 
_atom_sites.fract_transf_matrix[2][1]   -0.02784995 
_atom_sites.fract_transf_matrix[2][2]   -0.00453158 
_atom_sites.fract_transf_matrix[2][3]   -0.01097640 
_atom_sites.fract_transf_matrix[3][1]   0.00179908 
_atom_sites.fract_transf_matrix[3][2]   -0.02272639 
_atom_sites.fract_transf_matrix[3][3]   0.00481780 
_atom_sites.fract_transf_vector[1]      -0.154435 
_atom_sites.fract_transf_vector[2]      -0.048098 
_atom_sites.fract_transf_vector[3]      0.036881 
# 
loop_
_atom_type.symbol 
C 
H 
N 
O 
S 
# 
loop_
_atom_site.group_PDB 
_atom_site.id 
_atom_site.type_symbol 
_atom_site.label_atom_id 
_atom_site.label_alt_id 
_atom_site.label_comp_id 
_atom_site.label_asym_id 
_atom_site.label_entity_id 
_atom_site.label_seq_id 
_atom_site.pdbx_PDB_ins_code 
_atom_site.Cartn_x 
_atom_site.Cartn_y 
_atom_site.Cartn_z 
_atom_site.occupancy 
_atom_site.B_iso_or_equiv 
_atom_site.pdbx_formal_charge 
_atom_site.auth_seq_id 
_atom_site.auth_comp_id 
_atom_site.auth_asym_id 
_atom_site.auth_atom_id 
_atom_site.pdbx_PDB_model_num 
ATOM   1   N N    . GLY A 1 1  ? 13.051  7.519   1.418  1.00 15.68 ? -1 GLY A N    1 
ATOM   2   C CA   . GLY A 1 1  ? 12.588  8.487   2.370  1.00 16.61 ? -1 GLY A CA   1 
ATOM   3   C C    . GLY A 1 1  ? 11.276  8.932   1.803  1.00 16.74 ? -1 GLY A C    1 
ATOM   4   O O    . GLY A 1 1  ? 10.791  8.480   0.782  1.00 16.02 ? -1 GLY A O    1 
ATOM   5   H H1   . GLY A 1 1  ? 13.924  7.211   1.673  1.00 18.82 ? -1 GLY A H1   1 
ATOM   6   H H2   . GLY A 1 1  ? 12.444  6.776   1.397  1.00 18.82 ? -1 GLY A H2   1 
ATOM   7   H H3   . GLY A 1 1  ? 13.096  7.922   0.548  1.00 18.82 ? -1 GLY A H3   1 
ATOM   8   H HA2  . GLY A 1 1  ? 12.457  8.087   3.243  1.00 19.93 ? -1 GLY A HA2  1 
ATOM   9   H HA3  . GLY A 1 1  ? 13.200  9.238   2.432  1.00 19.93 ? -1 GLY A HA3  1 
ATOM   10  N N    . SER A 1 2  ? 10.662  9.831   2.528  1.00 17.45 ? 0  SER A N    1 
ATOM   11  C CA   . SER A 1 2  ? 9.308   10.240  2.172  1.00 21.04 ? 0  SER A CA   1 
ATOM   12  C C    . SER A 1 2  ? 9.181   10.968  0.797  1.00 21.12 ? 0  SER A C    1 
ATOM   13  O O    . SER A 1 2  ? 8.058   11.118  0.315  1.00 24.24 ? 0  SER A O    1 
ATOM   14  C CB   . SER A 1 2  ? 8.691   11.086  3.313  1.00 24.34 ? 0  SER A CB   1 
ATOM   15  O OG   . SER A 1 2  ? 9.548   12.147  3.720  1.00 27.55 ? 0  SER A OG   1 
ATOM   16  H H    . SER A 1 2  ? 10.989  10.221  3.221  1.00 20.94 ? 0  SER A H    1 
ATOM   17  H HA   . SER A 1 2  ? 8.766   9.427   2.104  1.00 25.25 ? 0  SER A HA   1 
ATOM   18  H HB2  . SER A 1 2  ? 7.854   11.465  3.002  1.00 29.21 ? 0  SER A HB2  1 
ATOM   19  H HB3  . SER A 1 2  ? 8.527   10.510  4.075  1.00 29.21 ? 0  SER A HB3  1 
ATOM   20  H HG   . SER A 1 2  ? 10.238  12.136  3.276  1.00 33.06 ? 0  SER A HG   1 
ATOM   21  N N    . GLY A 1 3  ? 10.293  11.435  0.184  1.00 19.44 ? 1  GLY A N    1 
ATOM   22  C CA   . GLY A 1 3  ? 10.346  11.913  -1.213 1.00 16.85 ? 1  GLY A CA   1 
ATOM   23  C C    . GLY A 1 3  ? 10.456  10.809  -2.284 1.00 10.77 ? 1  GLY A C    1 
ATOM   24  O O    . GLY A 1 3  ? 10.504  11.085  -3.464 1.00 14.36 ? 1  GLY A O    1 
ATOM   25  H H    . GLY A 1 3  ? 11.057  11.482  0.577  1.00 23.33 ? 1  GLY A H    1 
ATOM   26  H HA2  . GLY A 1 3  ? 9.545   12.427  -1.397 1.00 20.22 ? 1  GLY A HA2  1 
ATOM   27  H HA3  . GLY A 1 3  ? 11.109  12.502  -1.313 1.00 20.22 ? 1  GLY A HA3  1 
ATOM   28  N N    . SER A 1 4  ? 10.459  9.558   -1.841 1.00 8.27  ? 2  SER A N    1 
ATOM   29  C CA   . SER A 1 4  ? 10.501  8.378   -2.701 1.00 7.03  ? 2  SER A CA   1 
ATOM   30  C C    . SER A 1 4  ? 9.201   8.261   -3.550 1.00 6.17  ? 2  SER A C    1 
ATOM   31  O O    . SER A 1 4  ? 8.090   8.347   -3.014 1.00 6.82  ? 2  SER A O    1 
ATOM   32  C CB   . SER A 1 4  ? 10.637  7.101   -1.796 1.00 6.07  ? 2  SER A CB   1 
ATOM   33  O OG   . SER A 1 4  ? 10.632  5.966   -2.595 1.00 6.92  ? 2  SER A OG   1 
ATOM   34  H H    . SER A 1 4  ? 10.435  9.359   -1.004 1.00 9.93  ? 2  SER A H    1 
ATOM   35  H HA   . SER A 1 4  ? 11.274  8.427   -3.302 1.00 8.44  ? 2  SER A HA   1 
ATOM   36  H HB2  . SER A 1 4  ? 11.472  7.143   -1.304 1.00 7.29  ? 2  SER A HB2  1 
ATOM   37  H HB3  . SER A 1 4  ? 9.834   7.000   -1.261 1.00 7.29  ? 2  SER A HB3  1 
ATOM   38  H HG   . SER A 1 4  ? 10.703  5.295   -2.130 1.00 8.30  ? 2  SER A HG   1 
ATOM   39  N N    . PRO A 1 5  ? 9.320   7.937   -4.846 1.00 5.82  ? 3  PRO A N    1 
ATOM   40  C CA   . PRO A 1 5  ? 8.090   7.525   -5.538 1.00 5.58  ? 3  PRO A CA   1 
ATOM   41  C C    . PRO A 1 5  ? 7.418   6.357   -4.886 1.00 5.09  ? 3  PRO A C    1 
ATOM   42  O O    . PRO A 1 5  ? 6.194   6.309   -4.880 1.00 5.14  ? 3  PRO A O    1 
ATOM   43  C CB   . PRO A 1 5  ? 8.607   7.210   -6.938 1.00 6.09  ? 3  PRO A CB   1 
ATOM   44  C CG   . PRO A 1 5  ? 9.780   8.164   -7.104 1.00 6.45  ? 3  PRO A CG   1 
ATOM   45  C CD   . PRO A 1 5  ? 10.447  8.127   -5.775 1.00 6.10  ? 3  PRO A CD   1 
ATOM   46  H HA   . PRO A 1 5  ? 7.461   8.275   -5.587 1.00 6.70  ? 3  PRO A HA   1 
ATOM   47  H HB2  . PRO A 1 5  ? 8.901   6.286   -6.983 1.00 7.31  ? 3  PRO A HB2  1 
ATOM   48  H HB3  . PRO A 1 5  ? 7.917   7.390   -7.595 1.00 7.31  ? 3  PRO A HB3  1 
ATOM   49  H HG2  . PRO A 1 5  ? 10.374  7.842   -7.800 1.00 7.74  ? 3  PRO A HG2  1 
ATOM   50  H HG3  . PRO A 1 5  ? 9.456   9.056   -7.306 1.00 7.74  ? 3  PRO A HG3  1 
ATOM   51  H HD2  . PRO A 1 5  ? 11.058  7.376   -5.724 1.00 7.32  ? 3  PRO A HD2  1 
ATOM   52  H HD3  . PRO A 1 5  ? 10.896  8.967   -5.596 1.00 7.32  ? 3  PRO A HD3  1 
ATOM   53  N N    . LEU A 1 6  ? 8.175   5.421   -4.340 1.00 5.38  ? 4  LEU A N    1 
ATOM   54  C CA   . LEU A 1 6  ? 7.586   4.272   -3.674 1.00 5.38  ? 4  LEU A CA   1 
ATOM   55  C C    . LEU A 1 6  ? 6.664   4.710   -2.523 1.00 5.48  ? 4  LEU A C    1 
ATOM   56  O O    . LEU A 1 6  ? 5.587   4.146   -2.321 1.00 5.61  ? 4  LEU A O    1 
ATOM   57  C CB   . LEU A 1 6  ? 8.690   3.328   -3.234 1.00 5.87  ? 4  LEU A CB   1 
ATOM   58  C CG   . LEU A 1 6  ? 8.275   2.094   -2.454 1.00 6.30  ? 4  LEU A CG   1 
ATOM   59  C CD1  . LEU A 1 6  ? 7.259   1.246   -3.176 1.00 7.38  ? 4  LEU A CD1  1 
ATOM   60  C CD2  . LEU A 1 6  ? 9.523   1.302   -2.115 1.00 7.40  ? 4  LEU A CD2  1 
ATOM   61  H H    . LEU A 1 6  ? 9.036   5.427   -4.341 1.00 6.46  ? 4  LEU A H    1 
ATOM   62  H HA   . LEU A 1 6  ? 7.032   3.790   -4.324 1.00 6.45  ? 4  LEU A HA   1 
ATOM   63  H HB2  . LEU A 1 6  ? 9.157   3.021   -4.027 1.00 7.05  ? 4  LEU A HB2  1 
ATOM   64  H HB3  . LEU A 1 6  ? 9.306   3.826   -2.673 1.00 7.05  ? 4  LEU A HB3  1 
ATOM   65  H HG   . LEU A 1 6  ? 7.874   2.379   -1.618 1.00 7.56  ? 4  LEU A HG   1 
ATOM   66  H HD11 . LEU A 1 6  ? 7.041   0.488   -2.630 1.00 8.86  ? 4  LEU A HD11 1 
ATOM   67  H HD12 . LEU A 1 6  ? 6.471   1.773   -3.335 1.00 8.86  ? 4  LEU A HD12 1 
ATOM   68  H HD13 . LEU A 1 6  ? 7.632   0.954   -4.010 1.00 8.86  ? 4  LEU A HD13 1 
ATOM   69  H HD21 . LEU A 1 6  ? 9.272   0.518   -1.622 1.00 8.88  ? 4  LEU A HD21 1 
ATOM   70  H HD22 . LEU A 1 6  ? 9.963   1.049   -2.931 1.00 8.88  ? 4  LEU A HD22 1 
ATOM   71  H HD23 . LEU A 1 6  ? 10.106  1.850   -1.586 1.00 8.88  ? 4  LEU A HD23 1 
ATOM   72  N N    . ALA A 1 7  ? 7.092   5.717   -1.741 1.00 5.63  ? 5  ALA A N    1 
ATOM   73  C CA   . ALA A 1 7  ? 6.248   6.235   -0.701 1.00 6.42  ? 5  ALA A CA   1 
ATOM   74  C C    . ALA A 1 7  ? 4.912   6.753   -1.243 1.00 5.37  ? 5  ALA A C    1 
ATOM   75  O O    . ALA A 1 7  ? 3.855   6.581   -0.629 1.00 5.83  ? 5  ALA A O    1 
ATOM   76  C CB   . ALA A 1 7  ? 6.944   7.346   0.098  1.00 8.12  ? 5  ALA A CB   1 
ATOM   77  H H    . ALA A 1 7  ? 7.859   6.101   -1.807 1.00 6.75  ? 5  ALA A H    1 
ATOM   78  H HA   . ALA A 1 7  ? 6.048   5.508   -0.076 1.00 7.70  ? 5  ALA A HA   1 
ATOM   79  H HB1  . ALA A 1 7  ? 6.346   7.662   0.780  1.00 9.75  ? 5  ALA A HB1  1 
ATOM   80  H HB2  . ALA A 1 7  ? 7.740   6.990   0.499  1.00 9.75  ? 5  ALA A HB2  1 
ATOM   81  H HB3  . ALA A 1 7  ? 7.170   8.064   -0.498 1.00 9.75  ? 5  ALA A HB3  1 
ATOM   82  N N    . GLN A 1 8  ? 4.957   7.441   -2.366 1.00 4.97  ? 6  GLN A N    1 
ATOM   83  C CA   . GLN A 1 8  ? 3.716   7.950   -2.979 1.00 4.92  ? 6  GLN A CA   1 
ATOM   84  C C    . GLN A 1 8  ? 2.853   6.805   -3.532 1.00 4.22  ? 6  GLN A C    1 
ATOM   85  O O    . GLN A 1 8  ? 1.628   6.864   -3.465 1.00 4.37  ? 6  GLN A O    1 
ATOM   86  C CB   . GLN A 1 8  ? 4.029   8.964   -4.058 1.00 6.20  ? 6  GLN A CB   1 
ATOM   87  C CG   . GLN A 1 8  ? 2.756   9.595   -4.650 1.00 7.23  ? 6  GLN A CG   1 
ATOM   88  C CD   . GLN A 1 8  ? 1.910   10.332  -3.645 1.00 6.93  ? 6  GLN A CD   1 
ATOM   89  O OE1  . GLN A 1 8  ? 2.420   11.118  -2.841 1.00 8.05  ? 6  GLN A OE1  1 
ATOM   90  N NE2  . GLN A 1 8  ? 0.607   10.117  -3.709 1.00 7.29  ? 6  GLN A NE2  1 
ATOM   91  H H    . GLN A 1 8  ? 5.675   7.632   -2.798 1.00 5.97  ? 6  GLN A H    1 
ATOM   92  H HA   . GLN A 1 8  ? 3.192   8.407   -2.288 1.00 5.91  ? 6  GLN A HA   1 
ATOM   93  H HB2  . GLN A 1 8  ? 4.570   9.674   -3.680 1.00 7.44  ? 6  GLN A HB2  1 
ATOM   94  H HB3  . GLN A 1 8  ? 4.510   8.524   -4.778 1.00 7.44  ? 6  GLN A HB3  1 
ATOM   95  H HG2  . GLN A 1 8  ? 3.013   10.225  -5.340 1.00 8.67  ? 6  GLN A HG2  1 
ATOM   96  H HG3  . GLN A 1 8  ? 2.210   8.891   -5.036 1.00 8.67  ? 6  GLN A HG3  1 
ATOM   97  H HE21 . GLN A 1 8  ? 0.289   9.582   -4.302 1.00 8.75  ? 6  GLN A HE21 1 
ATOM   98  H HE22 . GLN A 1 8  ? 0.079   10.514  -3.159 1.00 8.75  ? 6  GLN A HE22 1 
ATOM   99  N N    . GLN A 1 9  ? 3.458   5.745   -4.068 1.00 3.83  ? 7  GLN A N    1 
ATOM   100 C CA   . GLN A 1 9  ? 2.703   4.592   -4.524 1.00 3.84  ? 7  GLN A CA   1 
ATOM   101 C C    . GLN A 1 9  ? 1.898   4.006   -3.370 1.00 3.08  ? 7  GLN A C    1 
ATOM   102 O O    . GLN A 1 9  ? 0.745   3.590   -3.539 1.00 3.43  ? 7  GLN A O    1 
ATOM   103 C CB   . GLN A 1 9  ? 3.579   3.506   -5.121 1.00 4.58  ? 7  GLN A CB   1 
ATOM   104 C CG   . GLN A 1 9  ? 4.406   3.944   -6.321 1.00 5.61  ? 7  GLN A CG   1 
ATOM   105 C CD   . GLN A 1 9  ? 3.582   4.519   -7.437 1.00 6.35  ? 7  GLN A CD   1 
ATOM   106 O OE1  . GLN A 1 9  ? 3.793   5.660   -7.815 1.00 9.54  ? 7  GLN A OE1  1 
ATOM   107 N NE2  . GLN A 1 9  ? 2.704   3.714   -8.020 1.00 7.07  ? 7  GLN A NE2  1 
ATOM   108 H H    . GLN A 1 9  ? 4.308   5.675   -4.176 1.00 4.59  ? 7  GLN A H    1 
ATOM   109 H HA   . GLN A 1 9  ? 2.070   4.882   -5.215 1.00 4.60  ? 7  GLN A HA   1 
ATOM   110 H HB2  . GLN A 1 9  ? 4.194   3.196   -4.439 1.00 5.49  ? 7  GLN A HB2  1 
ATOM   111 H HB3  . GLN A 1 9  ? 3.013   2.773   -5.407 1.00 5.49  ? 7  GLN A HB3  1 
ATOM   112 H HG2  . GLN A 1 9  ? 5.036   4.624   -6.036 1.00 6.73  ? 7  GLN A HG2  1 
ATOM   113 H HG3  . GLN A 1 9  ? 4.884   3.175   -6.669 1.00 6.73  ? 7  GLN A HG3  1 
ATOM   114 H HE21 . GLN A 1 9  ? 2.624   2.899   -7.755 1.00 8.49  ? 7  GLN A HE21 1 
ATOM   115 H HE22 . GLN A 1 9  ? 2.213   4.006   -8.664 1.00 8.49  ? 7  GLN A HE22 1 
ATOM   116 N N    . ILE A 1 10 ? 2.506   3.929   -2.185 1.00 3.39  ? 8  ILE A N    1 
ATOM   117 C CA   . ILE A 1 10 ? 1.832   3.442   -0.994 1.00 3.50  ? 8  ILE A CA   1 
ATOM   118 C C    . ILE A 1 10 ? 0.624   4.328   -0.671 1.00 3.01  ? 8  ILE A C    1 
ATOM   119 O O    . ILE A 1 10 ? -0.470  3.814   -0.430 1.00 3.29  ? 8  ILE A O    1 
ATOM   120 C CB   . ILE A 1 10 ? 2.843   3.339   0.163  1.00 4.12  ? 8  ILE A CB   1 
ATOM   121 C CG1  . ILE A 1 10 ? 3.828   2.210   -0.111 1.00 5.00  ? 8  ILE A CG1  1 
ATOM   122 C CG2  . ILE A 1 10 ? 2.133   3.165   1.496  1.00 5.25  ? 8  ILE A CG2  1 
ATOM   123 C CD1  . ILE A 1 10 ? 5.087   2.284   0.748  1.00 6.01  ? 8  ILE A CD1  1 
ATOM   124 H H    . ILE A 1 10 ? 3.325   4.159   -2.051 1.00 4.07  ? 8  ILE A H    1 
ATOM   125 H HA   . ILE A 1 10 ? 1.496   2.538   -1.173 1.00 4.20  ? 8  ILE A HA   1 
ATOM   126 H HB   . ILE A 1 10 ? 3.342   4.170   0.198  1.00 4.94  ? 8  ILE A HB   1 
ATOM   127 H HG12 . ILE A 1 10 ? 3.394   1.363   0.070  1.00 6.00  ? 8  ILE A HG12 1 
ATOM   128 H HG13 . ILE A 1 10 ? 4.101   2.250   -1.041 1.00 6.00  ? 8  ILE A HG13 1 
ATOM   129 H HG21 . ILE A 1 10 ? 2.790   3.104   2.193  1.00 6.30  ? 8  ILE A HG21 1 
ATOM   130 H HG22 . ILE A 1 10 ? 1.563   3.923   1.647  1.00 6.30  ? 8  ILE A HG22 1 
ATOM   131 H HG23 . ILE A 1 10 ? 1.610   2.361   1.468  1.00 6.30  ? 8  ILE A HG23 1 
ATOM   132 H HD11 . ILE A 1 10 ? 5.660   1.546   0.523  1.00 7.21  ? 8  ILE A HD11 1 
ATOM   133 H HD12 . ILE A 1 10 ? 5.537   3.113   0.572  1.00 7.21  ? 8  ILE A HD12 1 
ATOM   134 H HD13 . ILE A 1 10 ? 4.837   2.234   1.673  1.00 7.21  ? 8  ILE A HD13 1 
ATOM   135 N N    . LYS A 1 11 ? 0.813   5.644   -0.686 1.00 3.09  ? 9  LYS A N    1 
ATOM   136 C CA   . LYS A 1 11 ? -0.313  6.552   -0.493 1.00 3.39  ? 9  LYS A CA   1 
ATOM   137 C C    . LYS A 1 11 ? -1.419  6.304   -1.513 1.00 3.12  ? 9  LYS A C    1 
ATOM   138 O O    . LYS A 1 11 ? -2.614  6.357   -1.177 1.00 3.45  ? 9  LYS A O    1 
ATOM   139 C CB   . LYS A 1 11 ? 0.157   8.004   -0.545 1.00 4.58  ? 9  LYS A CB   1 
ATOM   140 C CG   . LYS A 1 11 ? 1.042   8.415   0.608  1.00 7.60  ? 9  LYS A CG   1 
ATOM   141 C CD   . LYS A 1 11 ? 1.400   9.879   0.595  1.00 11.37 ? 9  LYS A CD   1 
ATOM   142 C CE   . LYS A 1 11 ? 2.370   10.239  1.675  1.00 16.39 ? 9  LYS A CE   1 
ATOM   143 N NZ   . LYS A 1 11 ? 2.886   11.576  1.491  1.00 20.90 ? 9  LYS A NZ   1 
ATOM   144 H H    . LYS A 1 11 ? 1.571   6.032   -0.803 1.00 3.70  ? 9  LYS A H    1 
ATOM   145 H HA   . LYS A 1 11 ? -0.691  6.395   0.397  1.00 4.07  ? 9  LYS A HA   1 
ATOM   146 H HB2  . LYS A 1 11 ? 0.657   8.139   -1.364 1.00 5.50  ? 9  LYS A HB2  1 
ATOM   147 H HB3  . LYS A 1 11 ? -0.623  8.581   -0.539 1.00 5.50  ? 9  LYS A HB3  1 
ATOM   148 H HG2  . LYS A 1 11 ? 0.580   8.229   1.440  1.00 9.12  ? 9  LYS A HG2  1 
ATOM   149 H HG3  . LYS A 1 11 ? 1.867   7.907   0.567  1.00 9.12  ? 9  LYS A HG3  1 
ATOM   150 H HD2  . LYS A 1 11 ? 1.805   10.099  -0.259 1.00 13.65 ? 9  LYS A HD2  1 
ATOM   151 H HD3  . LYS A 1 11 ? 0.595   10.403  0.726  1.00 13.65 ? 9  LYS A HD3  1 
ATOM   152 H HE2  . LYS A 1 11 ? 1.923   10.201  2.535  1.00 19.67 ? 9  LYS A HE2  1 
ATOM   153 H HE3  . LYS A 1 11 ? 3.117   9.619   1.657  1.00 19.67 ? 9  LYS A HE3  1 
ATOM   154 H HZ1  . LYS A 1 11 ? 3.305   11.635  0.708  1.00 25.08 ? 9  LYS A HZ1  1 
ATOM   155 H HZ2  . LYS A 1 11 ? 2.219   12.165  1.507  1.00 25.08 ? 9  LYS A HZ2  1 
ATOM   156 H HZ3  . LYS A 1 11 ? 3.461   11.773  2.142  1.00 25.08 ? 9  LYS A HZ3  1 
ATOM   157 N N    . ASN A 1 12 ? -1.049  6.029   -2.756 1.00 2.86  ? 10 ASN A N    1 
ATOM   158 C CA   . ASN A 1 12 ? -2.035  5.762   -3.786 1.00 3.15  ? 10 ASN A CA   1 
ATOM   159 C C    . ASN A 1 12 ? -2.837  4.476   -3.471 1.00 2.95  ? 10 ASN A C    1 
ATOM   160 O O    . ASN A 1 12 ? -4.050  4.441   -3.689 1.00 3.06  ? 10 ASN A O    1 
ATOM   161 C CB   . ASN A 1 12 ? -1.376  5.663   -5.141 1.00 3.06  ? 10 ASN A CB   1 
ATOM   162 C CG   . ASN A 1 12 ? -0.815  6.990   -5.634 1.00 4.13  ? 10 ASN A CG   1 
ATOM   163 O OD1  . ASN A 1 12 ? -1.092  8.063   -5.083 1.00 4.99  ? 10 ASN A OD1  1 
ATOM   164 N ND2  . ASN A 1 12 ? -0.035  6.898   -6.694 1.00 5.16  ? 10 ASN A ND2  1 
ATOM   165 H H    . ASN A 1 12 ? -0.234  5.992   -3.027 1.00 3.43  ? 10 ASN A H    1 
ATOM   166 H HA   . ASN A 1 12 ? -2.668  6.509   -3.816 1.00 3.78  ? 10 ASN A HA   1 
ATOM   167 H HB2  . ASN A 1 12 ? -0.643  5.031   -5.089 1.00 3.68  ? 10 ASN A HB2  1 
ATOM   168 H HB3  . ASN A 1 12 ? -2.031  5.358   -5.788 1.00 3.68  ? 10 ASN A HB3  1 
ATOM   169 H HD21 . ASN A 1 12 ? 0.119   6.130   -7.048 1.00 6.19  ? 10 ASN A HD21 1 
ATOM   170 H HD22 . ASN A 1 12 ? 0.319   7.606   -7.030 1.00 6.19  ? 10 ASN A HD22 1 
ATOM   171 N N    . ILE A 1 13 ? -2.165  3.430   -2.995 1.00 2.80  ? 11 ILE A N    1 
ATOM   172 C CA   . ILE A 1 13 ? -2.879  2.224   -2.588 1.00 2.79  ? 11 ILE A CA   1 
ATOM   173 C C    . ILE A 1 13 ? -3.842  2.536   -1.444 1.00 2.50  ? 11 ILE A C    1 
ATOM   174 O O    . ILE A 1 13 ? -4.990  2.083   -1.464 1.00 3.04  ? 11 ILE A O    1 
ATOM   175 C CB   . ILE A 1 13 ? -1.961  1.053   -2.263 1.00 2.88  ? 11 ILE A CB   1 
ATOM   176 C CG1  . ILE A 1 13 ? -1.072  0.703   -3.450 1.00 3.13  ? 11 ILE A CG1  1 
ATOM   177 C CG2  . ILE A 1 13 ? -2.805  -0.158  -1.861 1.00 3.27  ? 11 ILE A CG2  1 
ATOM   178 C CD1  . ILE A 1 13 ? -0.005  -0.341  -3.136 1.00 4.75  ? 11 ILE A CD1  1 
ATOM   179 H H    . ILE A 1 13 ? -1.310  3.393   -2.900 1.00 3.36  ? 11 ILE A H    1 
ATOM   180 H HA   . ILE A 1 13 ? -3.432  1.940   -3.347 1.00 3.34  ? 11 ILE A HA   1 
ATOM   181 H HB   . ILE A 1 13 ? -1.396  1.300   -1.513 1.00 3.45  ? 11 ILE A HB   1 
ATOM   182 H HG12 . ILE A 1 13 ? -1.627  0.353   -4.163 1.00 3.76  ? 11 ILE A HG12 1 
ATOM   183 H HG13 . ILE A 1 13 ? -0.621  1.507   -3.749 1.00 3.76  ? 11 ILE A HG13 1 
ATOM   184 H HG21 . ILE A 1 13 ? -2.220  -0.891  -1.657 1.00 3.93  ? 11 ILE A HG21 1 
ATOM   185 H HG22 . ILE A 1 13 ? -3.328  0.069   -1.089 1.00 3.93  ? 11 ILE A HG22 1 
ATOM   186 H HG23 . ILE A 1 13 ? -3.383  -0.391  -2.591 1.00 3.93  ? 11 ILE A HG23 1 
ATOM   187 H HD11 . ILE A 1 13 ? 0.511   -0.507  -3.928 1.00 5.69  ? 11 ILE A HD11 1 
ATOM   188 H HD12 . ILE A 1 13 ? 0.563   -0.007  -2.438 1.00 5.69  ? 11 ILE A HD12 1 
ATOM   189 H HD13 . ILE A 1 13 ? -0.434  -1.151  -2.849 1.00 5.69  ? 11 ILE A HD13 1 
ATOM   190 N N    . HIS A 1 14 ? -3.417  3.312   -0.454 1.00 2.76  ? 12 HIS A N    1 
ATOM   191 C CA   . HIS A 1 14 ? -4.330  3.717   0.606  1.00 2.95  ? 12 HIS A CA   1 
ATOM   192 C C    . HIS A 1 14 ? -5.567  4.383   0.020  1.00 2.61  ? 12 HIS A C    1 
ATOM   193 O O    . HIS A 1 14 ? -6.692  4.130   0.475  1.00 3.04  ? 12 HIS A O    1 
ATOM   194 C CB   . HIS A 1 14 ? -3.663  4.707   1.573  1.00 3.24  ? 12 HIS A CB   1 
ATOM   195 C CG   . HIS A 1 14 ? -2.636  4.152   2.511  1.00 3.32  ? 12 HIS A CG   1 
ATOM   196 N ND1  . HIS A 1 14 ? -2.974  3.343   3.562  1.00 3.68  ? 12 HIS A ND1  1 
ATOM   197 C CD2  . HIS A 1 14 ? -1.330  4.443   2.683  1.00 4.16  ? 12 HIS A CD2  1 
ATOM   198 C CE1  . HIS A 1 14 ? -1.893  3.185   4.337  1.00 4.16  ? 12 HIS A CE1  1 
ATOM   199 N NE2  . HIS A 1 14 ? -0.863  3.836   3.831  1.00 4.67  ? 12 HIS A NE2  1 
ATOM   200 H H    . HIS A 1 14 ? -2.616  3.614   -0.373 1.00 3.32  ? 12 HIS A H    1 
ATOM   201 H HA   . HIS A 1 14 ? -4.611  2.927   1.114  1.00 3.54  ? 12 HIS A HA   1 
ATOM   202 H HB2  . HIS A 1 14 ? -3.227  5.396   1.047  1.00 3.89  ? 12 HIS A HB2  1 
ATOM   203 H HB3  . HIS A 1 14 ? -4.357  5.111   2.117  1.00 3.89  ? 12 HIS A HB3  1 
ATOM   204 H HD1  . HIS A 1 14 ? -3.761  3.042   3.731  1.00 4.42  ? 12 HIS A HD1  1 
ATOM   205 H HD2  . HIS A 1 14 ? -0.832  5.008   2.138  1.00 4.99  ? 12 HIS A HD2  1 
ATOM   206 H HE1  . HIS A 1 14 ? -1.854  2.629   5.082  1.00 5.00  ? 12 HIS A HE1  1 
ATOM   207 H HE2  . HIS A 1 14 ? -0.052  3.827   4.117  1.00 5.61  ? 12 HIS A HE2  1 
ATOM   208 N N    . SER A 1 15 ? -5.389  5.275   -0.951 1.00 2.82  ? 13 SER A N    1 
ATOM   209 C CA   A SER A 1 15 ? -6.525  5.940   -1.569 0.53 3.15  ? 13 SER A CA   1 
ATOM   210 C CA   B SER A 1 15 ? -6.537  5.936   -1.559 0.47 3.12  ? 13 SER A CA   1 
ATOM   211 C C    . SER A 1 15 ? -7.463  4.930   -2.250 1.00 2.82  ? 13 SER A C    1 
ATOM   212 O O    . SER A 1 15 ? -8.686  5.030   -2.122 1.00 3.19  ? 13 SER A O    1 
ATOM   213 C CB   A SER A 1 15 ? -6.036  6.982   -2.552 0.53 4.24  ? 13 SER A CB   1 
ATOM   214 C CB   B SER A 1 15 ? -6.084  6.992   -2.543 0.47 4.08  ? 13 SER A CB   1 
ATOM   215 O OG   A SER A 1 15 ? -5.275  7.992   -1.910 0.53 5.97  ? 13 SER A OG   1 
ATOM   216 O OG   B SER A 1 15 ? -7.200  7.569   -3.195 0.47 5.49  ? 13 SER A OG   1 
ATOM   217 H H    A SER A 1 15 ? -4.625  5.510   -1.267 0.53 2.86  ? 13 SER A H    1 
ATOM   218 H H    B SER A 1 15 ? -4.626  5.511   -1.271 0.47 2.92  ? 13 SER A H    1 
ATOM   219 H HA   A SER A 1 15 ? -7.037  6.402   -0.873 0.53 3.78  ? 13 SER A HA   1 
ATOM   220 H HA   B SER A 1 15 ? -7.052  6.383   -0.856 0.47 3.75  ? 13 SER A HA   1 
ATOM   221 H HB2  A SER A 1 15 ? -5.480  6.549   -3.218 0.53 5.09  ? 13 SER A HB2  1 
ATOM   222 H HB2  B SER A 1 15 ? -5.602  7.686   -2.066 0.47 4.90  ? 13 SER A HB2  1 
ATOM   223 H HB3  A SER A 1 15 ? -6.803  7.394   -2.980 0.53 5.09  ? 13 SER A HB3  1 
ATOM   224 H HB3  B SER A 1 15 ? -5.507  6.581   -3.206 0.47 4.90  ? 13 SER A HB3  1 
ATOM   225 H HG   A SER A 1 15 ? -5.022  8.544   -2.459 0.53 7.16  ? 13 SER A HG   1 
ATOM   226 H HG   B SER A 1 15 ? -6.949  8.140   -3.727 0.47 6.59  ? 13 SER A HG   1 
ATOM   227 N N    . PHE A 1 16 ? -6.895  3.984   -2.988 1.00 2.66  ? 14 PHE A N    1 
ATOM   228 C CA   . PHE A 1 16 ? -7.720  2.967   -3.591 1.00 2.71  ? 14 PHE A CA   1 
ATOM   229 C C    . PHE A 1 16 ? -8.469  2.103   -2.560 1.00 2.44  ? 14 PHE A C    1 
ATOM   230 O O    . PHE A 1 16 ? -9.604  1.708   -2.805 1.00 3.18  ? 14 PHE A O    1 
ATOM   231 C CB   . PHE A 1 16 ? -6.911  2.068   -4.538 1.00 3.02  ? 14 PHE A CB   1 
ATOM   232 C CG   . PHE A 1 16 ? -6.486  2.748   -5.812 1.00 3.79  ? 14 PHE A CG   1 
ATOM   233 C CD1  . PHE A 1 16 ? -5.192  2.696   -6.239 1.00 5.50  ? 14 PHE A CD1  1 
ATOM   234 C CD2  . PHE A 1 16 ? -7.434  3.399   -6.594 1.00 4.91  ? 14 PHE A CD2  1 
ATOM   235 C CE1  . PHE A 1 16 ? -4.848  3.304   -7.484 1.00 7.55  ? 14 PHE A CE1  1 
ATOM   236 C CE2  . PHE A 1 16 ? -7.101  3.986   -7.791 1.00 7.51  ? 14 PHE A CE2  1 
ATOM   237 C CZ   . PHE A 1 16 ? -5.822  3.954   -8.229 1.00 8.86  ? 14 PHE A CZ   1 
ATOM   238 H H    . PHE A 1 16 ? -6.053  3.915   -3.148 1.00 3.19  ? 14 PHE A H    1 
ATOM   239 H HA   . PHE A 1 16 ? -8.401  3.416   -4.135 1.00 3.26  ? 14 PHE A HA   1 
ATOM   240 H HB2  . PHE A 1 16 ? -6.109  1.771   -4.079 1.00 3.63  ? 14 PHE A HB2  1 
ATOM   241 H HB3  . PHE A 1 16 ? -7.453  1.300   -4.779 1.00 3.63  ? 14 PHE A HB3  1 
ATOM   242 H HD1  . PHE A 1 16 ? -4.548  2.251   -5.737 1.00 6.60  ? 14 PHE A HD1  1 
ATOM   243 H HD2  . PHE A 1 16 ? -8.319  3.422   -6.308 1.00 5.89  ? 14 PHE A HD2  1 
ATOM   244 H HE1  . PHE A 1 16 ? -3.968  3.287   -7.782 1.00 9.06  ? 14 PHE A HE1  1 
ATOM   245 H HE2  . PHE A 1 16 ? -7.752  4.424   -8.291 1.00 9.02  ? 14 PHE A HE2  1 
ATOM   246 H HZ   . PHE A 1 16 ? -5.595  4.364   -9.032 1.00 10.63 ? 14 PHE A HZ   1 
ATOM   247 N N    . ILE A 1 17 ? -7.825  1.825   -1.440 1.00 2.48  ? 15 ILE A N    1 
ATOM   248 C CA   . ILE A 1 17 ? -8.474  1.118   -0.348 1.00 2.70  ? 15 ILE A CA   1 
ATOM   249 C C    . ILE A 1 17 ? -9.667  1.914   0.174  1.00 2.56  ? 15 ILE A C    1 
ATOM   250 O O    . ILE A 1 17 ? -10.771 1.368   0.326  1.00 2.81  ? 15 ILE A O    1 
ATOM   251 C CB   . ILE A 1 17 ? -7.474  0.794   0.769  1.00 2.53  ? 15 ILE A CB   1 
ATOM   252 C CG1  . ILE A 1 17 ? -6.538  -0.334  0.332  1.00 2.91  ? 15 ILE A CG1  1 
ATOM   253 C CG2  . ILE A 1 17 ? -8.175  0.443   2.075  1.00 2.90  ? 15 ILE A CG2  1 
ATOM   254 C CD1  . ILE A 1 17 ? -5.305  -0.502  1.180  1.00 3.72  ? 15 ILE A CD1  1 
ATOM   255 H H    . ILE A 1 17 ? -7.005  2.036   -1.284 1.00 2.98  ? 15 ILE A H    1 
ATOM   256 H HA   . ILE A 1 17 ? -8.817  0.267   -0.691 1.00 3.24  ? 15 ILE A HA   1 
ATOM   257 H HB   . ILE A 1 17 ? -6.935  1.586   0.924  1.00 3.03  ? 15 ILE A HB   1 
ATOM   258 H HG12 . ILE A 1 17 ? -7.029  -1.170  0.358  1.00 3.50  ? 15 ILE A HG12 1 
ATOM   259 H HG13 . ILE A 1 17 ? -6.247  -0.158  -0.577 1.00 3.50  ? 15 ILE A HG13 1 
ATOM   260 H HG21 . ILE A 1 17 ? -7.513  0.248   2.743  1.00 3.48  ? 15 ILE A HG21 1 
ATOM   261 H HG22 . ILE A 1 17 ? -8.711  1.189   2.353  1.00 3.48  ? 15 ILE A HG22 1 
ATOM   262 H HG23 . ILE A 1 17 ? -8.734  -0.326  1.933  1.00 3.48  ? 15 ILE A HG23 1 
ATOM   263 H HD11 . ILE A 1 17 ? -4.782  -1.228  0.831  1.00 4.46  ? 15 ILE A HD11 1 
ATOM   264 H HD12 . ILE A 1 17 ? -4.795  0.311   1.154  1.00 4.46  ? 15 ILE A HD12 1 
ATOM   265 H HD13 . ILE A 1 17 ? -5.571  -0.694  2.082  1.00 4.46  ? 15 ILE A HD13 1 
ATOM   266 N N    . HIS A 1 18 ? -9.476  3.201   0.420  1.00 2.57  ? 16 HIS A N    1 
ATOM   267 C CA   . HIS A 1 18 ? -10.568 4.026   0.896  1.00 2.96  ? 16 HIS A CA   1 
ATOM   268 C C    . HIS A 1 18 ? -11.733 4.033   -0.095 1.00 2.94  ? 16 HIS A C    1 
ATOM   269 O O    . HIS A 1 18 ? -12.897 3.893   0.279  1.00 3.54  ? 16 HIS A O    1 
ATOM   270 C CB   . HIS A 1 18 ? -10.090 5.461   1.154  1.00 3.14  ? 16 HIS A CB   1 
ATOM   271 C CG   . HIS A 1 18 ? -11.238 6.343   1.495  1.00 4.18  ? 16 HIS A CG   1 
ATOM   272 N ND1  . HIS A 1 18 ? -11.919 6.260   2.686  1.00 4.72  ? 16 HIS A ND1  1 
ATOM   273 C CD2  . HIS A 1 18 ? -11.910 7.235   0.735  1.00 5.37  ? 16 HIS A CD2  1 
ATOM   274 C CE1  . HIS A 1 18 ? -12.963 7.087   2.620  1.00 6.34  ? 16 HIS A CE1  1 
ATOM   275 N NE2  . HIS A 1 18 ? -12.988 7.696   1.447  1.00 6.74  ? 16 HIS A NE2  1 
ATOM   276 H H    . HIS A 1 18 ? -8.730  3.617   0.319  1.00 3.09  ? 16 HIS A H    1 
ATOM   277 H HA   . HIS A 1 18 ? -10.896 3.660   1.744  1.00 3.55  ? 16 HIS A HA   1 
ATOM   278 H HB2  . HIS A 1 18 ? -9.469  5.465   1.899  1.00 3.77  ? 16 HIS A HB2  1 
ATOM   279 H HB3  . HIS A 1 18 ? -9.663  5.807   0.355  1.00 3.77  ? 16 HIS A HB3  1 
ATOM   280 H HD1  . HIS A 1 18 ? -11.723 5.744   3.345  1.00 5.67  ? 16 HIS A HD1  1 
ATOM   281 H HD2  . HIS A 1 18 ? -11.693 7.475   -0.137 1.00 6.45  ? 16 HIS A HD2  1 
ATOM   282 H HE1  . HIS A 1 18 ? -13.563 7.243   3.313  1.00 7.60  ? 16 HIS A HE1  1 
ATOM   283 H HE2  . HIS A 1 18 ? -13.547 8.298   1.194  1.00 8.09  ? 16 HIS A HE2  1 
ATOM   284 N N    . GLN A 1 19 ? -11.410 4.226   -1.366 1.00 3.12  ? 17 GLN A N    1 
ATOM   285 C CA   . GLN A 1 19 ? -12.431 4.303   -2.393 1.00 3.76  ? 17 GLN A CA   1 
ATOM   286 C C    . GLN A 1 19 ? -13.200 2.995   -2.505 1.00 3.72  ? 17 GLN A C    1 
ATOM   287 O O    . GLN A 1 19 ? -14.421 2.989   -2.733 1.00 5.41  ? 17 GLN A O    1 
ATOM   288 C CB   . GLN A 1 19 ? -11.806 4.715   -3.732 1.00 5.29  ? 17 GLN A CB   1 
ATOM   289 C CG   . GLN A 1 19 ? -11.300 6.164   -3.641 1.00 7.87  ? 17 GLN A CG   1 
ATOM   290 C CD   . GLN A 1 19 ? -10.454 6.709   -4.672 1.00 12.90 ? 17 GLN A CD   1 
ATOM   291 O OE1  . GLN A 1 19 ? -10.343 6.113   -5.688 1.00 16.28 ? 17 GLN A OE1  1 
ATOM   292 N NE2  . GLN A 1 19 ? -9.651  7.810   -4.364 1.00 15.65 ? 17 GLN A NE2  1 
ATOM   293 H H    . GLN A 1 19 ? -10.606 4.313   -1.658 1.00 3.75  ? 17 GLN A H    1 
ATOM   294 H HA   . GLN A 1 19 ? -13.072 5.000   -2.142 1.00 4.51  ? 17 GLN A HA   1 
ATOM   295 H HB2  . GLN A 1 19 ? -11.053 4.136   -3.932 1.00 6.34  ? 17 GLN A HB2  1 
ATOM   296 H HB3  . GLN A 1 19 ? -12.473 4.663   -4.433 1.00 6.34  ? 17 GLN A HB3  1 
ATOM   297 H HG2  . GLN A 1 19 ? -12.080 6.738   -3.595 1.00 9.44  ? 17 GLN A HG2  1 
ATOM   298 H HG3  . GLN A 1 19 ? -10.805 6.245   -2.811 1.00 9.44  ? 17 GLN A HG3  1 
ATOM   299 H HE21 . GLN A 1 19 ? -9.668  8.147   -3.572 1.00 18.79 ? 17 GLN A HE21 1 
ATOM   300 H HE22 . GLN A 1 19 ? -9.139  8.150   -4.965 1.00 18.79 ? 17 GLN A HE22 1 
ATOM   301 N N    . ALA A 1 20 ? -12.527 1.865   -2.336 1.00 2.99  ? 18 ALA A N    1 
ATOM   302 C CA   . ALA A 1 20 ? -13.180 0.565   -2.356 1.00 3.39  ? 18 ALA A CA   1 
ATOM   303 C C    . ALA A 1 20 ? -14.054 0.381   -1.109 1.00 3.14  ? 18 ALA A C    1 
ATOM   304 O O    . ALA A 1 20 ? -15.173 -0.134  -1.213 1.00 3.41  ? 18 ALA A O    1 
ATOM   305 C CB   . ALA A 1 20 ? -12.154 -0.528  -2.522 1.00 3.56  ? 18 ALA A CB   1 
ATOM   306 H H    . ALA A 1 20 ? -11.677 1.825   -2.206 1.00 3.58  ? 18 ALA A H    1 
ATOM   307 H HA   . ALA A 1 20 ? -13.774 0.529   -3.136 1.00 4.07  ? 18 ALA A HA   1 
ATOM   308 H HB1  . ALA A 1 20 ? -12.603 -1.378  -2.533 1.00 4.28  ? 18 ALA A HB1  1 
ATOM   309 H HB2  . ALA A 1 20 ? -11.686 -0.395  -3.349 1.00 4.28  ? 18 ALA A HB2  1 
ATOM   310 H HB3  . ALA A 1 20 ? -11.539 -0.493  -1.786 1.00 4.28  ? 18 ALA A HB3  1 
ATOM   311 N N    . LYS A 1 21 ? -13.582 0.809   0.061  1.00 3.06  ? 19 LYS A N    1 
ATOM   312 C CA   . LYS A 1 21 ? -14.396 0.738   1.270  1.00 3.48  ? 19 LYS A CA   1 
ATOM   313 C C    . LYS A 1 21 ? -15.686 1.538   1.091  1.00 3.44  ? 19 LYS A C    1 
ATOM   314 O O    . LYS A 1 21 ? -16.741 1.140   1.586  1.00 4.04  ? 19 LYS A O    1 
ATOM   315 C CB   . LYS A 1 21 ? -13.651 1.297   2.481  1.00 3.43  ? 19 LYS A CB   1 
ATOM   316 C CG   . LYS A 1 21 ? -12.527 0.431   2.999  1.00 3.37  ? 19 LYS A CG   1 
ATOM   317 C CD   . LYS A 1 21 ? -11.839 1.060   4.194  1.00 3.84  ? 19 LYS A CD   1 
ATOM   318 C CE   . LYS A 1 21 ? -10.732 0.228   4.767  1.00 3.85  ? 19 LYS A CE   1 
ATOM   319 N NZ   . LYS A 1 21 ? -9.997  0.936   5.831  1.00 5.05  ? 19 LYS A NZ   1 
ATOM   320 H H    . LYS A 1 21 ? -12.799 1.143   0.180  1.00 3.67  ? 19 LYS A H    1 
ATOM   321 H HA   . LYS A 1 21 ? -14.631 -0.196  1.451  1.00 4.18  ? 19 LYS A HA   1 
ATOM   322 H HB2  . LYS A 1 21 ? -13.270 2.155   2.239  1.00 4.12  ? 19 LYS A HB2  1 
ATOM   323 H HB3  . LYS A 1 21 ? -14.285 1.415   3.205  1.00 4.12  ? 19 LYS A HB3  1 
ATOM   324 H HG2  . LYS A 1 21 ? -12.886 -0.428  3.273  1.00 4.05  ? 19 LYS A HG2  1 
ATOM   325 H HG3  . LYS A 1 21 ? -11.867 0.311   2.297  1.00 4.05  ? 19 LYS A HG3  1 
ATOM   326 H HD2  . LYS A 1 21 ? -11.461 1.911   3.924  1.00 4.61  ? 19 LYS A HD2  1 
ATOM   327 H HD3  . LYS A 1 21 ? -12.496 1.201   4.894  1.00 4.61  ? 19 LYS A HD3  1 
ATOM   328 H HE2  . LYS A 1 21 ? -11.106 -0.582  5.146  1.00 4.61  ? 19 LYS A HE2  1 
ATOM   329 H HE3  . LYS A 1 21 ? -10.103 0.008   4.061  1.00 4.61  ? 19 LYS A HE3  1 
ATOM   330 H HZ1  . LYS A 1 21 ? -10.551 1.145   6.494  1.00 6.06  ? 19 LYS A HZ1  1 
ATOM   331 H HZ2  . LYS A 1 21 ? -9.348  0.417   6.148  1.00 6.06  ? 19 LYS A HZ2  1 
ATOM   332 H HZ3  . LYS A 1 21 ? -9.637  1.683   5.506  1.00 6.06  ? 19 LYS A HZ3  1 
ATOM   333 N N    . ALA A 1 22 ? -15.606 2.685   0.432  1.00 4.05  ? 20 ALA A N    1 
ATOM   334 C CA   . ALA A 1 22 ? -16.731 3.576   0.226  1.00 4.62  ? 20 ALA A CA   1 
ATOM   335 C C    . ALA A 1 22 ? -17.848 2.917   -0.587 1.00 4.11  ? 20 ALA A C    1 
ATOM   336 O O    . ALA A 1 22 ? -18.994 3.398   -0.541 1.00 5.48  ? 20 ALA A O    1 
ATOM   337 C CB   . ALA A 1 22 ? -16.261 4.830   -0.431 1.00 7.15  ? 20 ALA A CB   1 
ATOM   338 H H    . ALA A 1 22 ? -14.877 2.978   0.082  1.00 4.86  ? 20 ALA A H    1 
ATOM   339 H HA   . ALA A 1 22 ? -17.102 3.819   1.100  1.00 5.54  ? 20 ALA A HA   1 
ATOM   340 H HB1  . ALA A 1 22 ? -17.013 5.413   -0.564 1.00 8.58  ? 20 ALA A HB1  1 
ATOM   341 H HB2  . ALA A 1 22 ? -15.611 5.255   0.133  1.00 8.58  ? 20 ALA A HB2  1 
ATOM   342 H HB3  . ALA A 1 22 ? -15.865 4.609   -1.277 1.00 8.58  ? 20 ALA A HB3  1 
ATOM   343 N N    . ALA A 1 23 ? -17.549 1.855   -1.331 1.00 4.33  ? 21 ALA A N    1 
ATOM   344 C CA   . ALA A 1 23 ? -18.528 1.053   -2.060 1.00 5.36  ? 21 ALA A CA   1 
ATOM   345 C C    . ALA A 1 23 ? -18.782 -0.281  -1.455 1.00 3.90  ? 21 ALA A C    1 
ATOM   346 O O    . ALA A 1 23 ? -19.463 -1.127  -2.056 1.00 5.48  ? 21 ALA A O    1 
ATOM   347 C CB   . ALA A 1 23 ? -18.111 0.932   -3.502 1.00 7.62  ? 21 ALA A CB   1 
ATOM   348 H H    . ALA A 1 23 ? -16.744 1.568   -1.434 1.00 5.20  ? 21 ALA A H    1 
ATOM   349 H HA   . ALA A 1 23 ? -19.381 1.537   -2.049 1.00 6.43  ? 21 ALA A HA   1 
ATOM   350 H HB1  . ALA A 1 23 ? -18.761 0.404   -3.971 1.00 9.15  ? 21 ALA A HB1  1 
ATOM   351 H HB2  . ALA A 1 23 ? -18.062 1.810   -3.886 1.00 9.15  ? 21 ALA A HB2  1 
ATOM   352 H HB3  . ALA A 1 23 ? -17.251 0.508   -3.543 1.00 9.15  ? 21 ALA A HB3  1 
ATOM   353 N N    . GLY A 1 24 ? -18.230 -0.550  -0.274 1.00 3.75  ? 22 GLY A N    1 
ATOM   354 C CA   . GLY A 1 24 ? -18.440 -1.821  0.367  1.00 3.52  ? 22 GLY A CA   1 
ATOM   355 C C    . GLY A 1 24 ? -17.681 -2.989  -0.260 1.00 3.05  ? 22 GLY A C    1 
ATOM   356 O O    . GLY A 1 24 ? -18.055 -4.138  -0.032 1.00 3.47  ? 22 GLY A O    1 
ATOM   357 H H    . GLY A 1 24 ? -17.730 -0.007  0.167  1.00 4.50  ? 22 GLY A H    1 
ATOM   358 H HA2  . GLY A 1 24 ? -18.170 -1.753  1.297  1.00 4.22  ? 22 GLY A HA2  1 
ATOM   359 H HA3  . GLY A 1 24 ? -19.387 -2.032  0.344  1.00 4.22  ? 22 GLY A HA3  1 
ATOM   360 N N    . ARG A 1 25 ? -16.625 -2.714  -1.029 1.00 2.80  ? 23 ARG A N    1 
ATOM   361 C CA   . ARG A 1 25 ? -15.937 -3.731  -1.828 1.00 2.87  ? 23 ARG A CA   1 
ATOM   362 C C    . ARG A 1 25 ? -14.929 -4.484  -0.967 1.00 3.25  ? 23 ARG A C    1 
ATOM   363 O O    . ARG A 1 25 ? -13.704 -4.343  -1.106 1.00 3.59  ? 23 ARG A O    1 
ATOM   364 C CB   . ARG A 1 25 ? -15.290 -3.075  -3.041 1.00 3.27  ? 23 ARG A CB   1 
ATOM   365 C CG   . ARG A 1 25 ? -16.278 -2.539  -4.046 1.00 3.61  ? 23 ARG A CG   1 
ATOM   366 C CD   . ARG A 1 25 ? -15.551 -1.668  -5.046 1.00 4.02  ? 23 ARG A CD   1 
ATOM   367 N NE   . ARG A 1 25 ? -16.399 -1.091  -6.092 1.00 5.25  ? 23 ARG A NE   1 
ATOM   368 C CZ   . ARG A 1 25 ? -16.639 -1.656  -7.260 1.00 5.24  ? 23 ARG A CZ   1 
ATOM   369 N NH1  . ARG A 1 25 ? -16.242 -2.884  -7.512 1.00 4.80  ? 23 ARG A NH1  1 
ATOM   370 N NH2  . ARG A 1 25 ? -17.363 -1.011  -8.145 1.00 9.91  ? 23 ARG A NH2  1 
ATOM   371 H H    . ARG A 1 25 ? -16.283 -1.929  -1.107 1.00 3.36  ? 23 ARG A H    1 
ATOM   372 H HA   . ARG A 1 25 ? -16.597 -4.378  -2.153 1.00 3.44  ? 23 ARG A HA   1 
ATOM   373 H HB2  . ARG A 1 25 ? -14.743 -2.333  -2.739 1.00 3.92  ? 23 ARG A HB2  1 
ATOM   374 H HB3  . ARG A 1 25 ? -14.735 -3.731  -3.491 1.00 3.92  ? 23 ARG A HB3  1 
ATOM   375 H HG2  . ARG A 1 25 ? -16.694 -3.277  -4.521 1.00 4.33  ? 23 ARG A HG2  1 
ATOM   376 H HG3  . ARG A 1 25 ? -16.946 -2.002  -3.594 1.00 4.33  ? 23 ARG A HG3  1 
ATOM   377 H HD2  . ARG A 1 25 ? -15.132 -0.934  -4.570 1.00 4.82  ? 23 ARG A HD2  1 
ATOM   378 H HD3  . ARG A 1 25 ? -14.869 -2.202  -5.484 1.00 4.82  ? 23 ARG A HD3  1 
ATOM   379 H HE   . ARG A 1 25 ? -16.767 -0.330  -5.932 1.00 6.30  ? 23 ARG A HE   1 
ATOM   380 H HH11 . ARG A 1 25 ? -15.757 -3.305  -6.940 1.00 5.76  ? 23 ARG A HH11 1 
ATOM   381 H HH12 . ARG A 1 25 ? -16.427 -3.248  -8.269 1.00 5.76  ? 23 ARG A HH12 1 
ATOM   382 H HH21 . ARG A 1 25 ? -17.652 -0.220  -7.970 1.00 11.89 ? 23 ARG A HH21 1 
ATOM   383 H HH22 . ARG A 1 25 ? -17.569 -1.389  -8.889 1.00 11.89 ? 23 ARG A HH22 1 
ATOM   384 N N    . MET A 1 26 ? -15.451 -5.296  -0.072 1.00 4.12  ? 24 MET A N    1 
ATOM   385 C CA   A MET A 1 26 ? -14.601 -5.846  0.947  0.53 4.44  ? 24 MET A CA   1 
ATOM   386 C CA   B MET A 1 26 ? -14.681 -6.069  0.941  0.47 4.87  ? 24 MET A CA   1 
ATOM   387 C C    . MET A 1 26 ? -13.586 -6.877  0.346  1.00 3.98  ? 24 MET A C    1 
ATOM   388 O O    . MET A 1 26 ? -12.443 -6.867  0.805  1.00 3.98  ? 24 MET A O    1 
ATOM   389 C CB   A MET A 1 26 ? -15.483 -6.354  2.092  0.53 4.07  ? 24 MET A CB   1 
ATOM   390 C CB   B MET A 1 26 ? -15.587 -7.047  1.692  0.47 4.99  ? 24 MET A CB   1 
ATOM   391 C CG   A MET A 1 26 ? -14.724 -6.952  3.230  0.53 5.12  ? 24 MET A CG   1 
ATOM   392 C CG   B MET A 1 26 ? -16.247 -6.420  2.849  0.47 6.89  ? 24 MET A CG   1 
ATOM   393 S SD   A MET A 1 26 ? -15.709 -7.316  4.675  0.53 6.99  ? 24 MET A SD   1 
ATOM   394 S SD   B MET A 1 26 ? -15.064 -6.409  4.239  0.47 7.88  ? 24 MET A SD   1 
ATOM   395 C CE   A MET A 1 26 ? -16.037 -5.708  5.303  0.53 7.65  ? 24 MET A CE   1 
ATOM   396 C CE   B MET A 1 26 ? -16.018 -5.480  5.438  0.47 7.87  ? 24 MET A CE   1 
ATOM   397 H H    A MET A 1 26 ? -16.276 -5.537  -0.034 0.53 4.42  ? 24 MET A H    1 
ATOM   398 H H    B MET A 1 26 ? -16.297 -5.435  -0.013 0.47 4.48  ? 24 MET A H    1 
ATOM   399 H HA   A MET A 1 26 ? -14.074 -5.106  1.318  0.53 5.33  ? 24 MET A HA   1 
ATOM   400 H HA   B MET A 1 26 ? -14.300 -5.446  1.595  0.47 5.85  ? 24 MET A HA   1 
ATOM   401 H HB2  A MET A 1 26 ? -15.999 -5.610  2.440  0.53 4.89  ? 24 MET A HB2  1 
ATOM   402 H HB2  B MET A 1 26 ? -16.277 -7.368  1.089  0.47 5.99  ? 24 MET A HB2  1 
ATOM   403 H HB3  A MET A 1 26 ? -16.081 -7.034  1.745  0.53 4.89  ? 24 MET A HB3  1 
ATOM   404 H HB3  B MET A 1 26 ? -15.055 -7.790  2.014  0.47 5.99  ? 24 MET A HB3  1 
ATOM   405 H HG2  A MET A 1 26 ? -14.322 -7.783  2.931  0.53 6.14  ? 24 MET A HG2  1 
ATOM   406 H HG2  B MET A 1 26 ? -16.490 -5.506  2.637  0.47 8.27  ? 24 MET A HG2  1 
ATOM   407 H HG3  A MET A 1 26 ? -14.028 -6.331  3.497  0.53 6.14  ? 24 MET A HG3  1 
ATOM   408 H HG3  B MET A 1 26 ? -17.028 -6.936  3.105  0.47 8.27  ? 24 MET A HG3  1 
ATOM   409 H HE1  A MET A 1 26 ? -16.572 -5.786  6.097  0.53 9.18  ? 24 MET A HE1  1 
ATOM   410 H HE1  B MET A 1 26 ? -15.505 -5.393  6.245  0.47 9.45  ? 24 MET A HE1  1 
ATOM   411 H HE2  A MET A 1 26 ? -15.204 -5.277  5.511  0.53 9.18  ? 24 MET A HE2  1 
ATOM   412 H HE2  B MET A 1 26 ? -16.211 -4.612  5.078  0.47 9.45  ? 24 MET A HE2  1 
ATOM   413 H HE3  A MET A 1 26 ? -16.511 -5.202  4.639  0.53 9.18  ? 24 MET A HE3  1 
ATOM   414 H HE3  B MET A 1 26 ? -16.835 -5.950  5.619  0.47 9.45  ? 24 MET A HE3  1 
ATOM   415 N N    . ASP A 1 27 ? -13.955 -7.697  -0.623 1.00 4.69  ? 25 ASP A N    1 
ATOM   416 C CA   . ASP A 1 27 ? -12.971 -8.620  -1.179 1.00 5.24  ? 25 ASP A CA   1 
ATOM   417 C C    . ASP A 1 27 ? -11.776 -7.838  -1.725 1.00 4.38  ? 25 ASP A C    1 
ATOM   418 O O    . ASP A 1 27 ? -10.609 -8.203  -1.473 1.00 5.10  ? 25 ASP A O    1 
ATOM   419 C CB   . ASP A 1 27 ? -13.548 -9.493  -2.280 1.00 6.91  ? 25 ASP A CB   1 
ATOM   420 C CG   . ASP A 1 27 ? -14.436 -10.614 -1.803 1.00 7.63  ? 25 ASP A CG   1 
ATOM   421 O OD1  . ASP A 1 27 ? -14.530 -10.862 -0.604 1.00 7.41  ? 25 ASP A OD1  1 
ATOM   422 O OD2  . ASP A 1 27 ? -15.037 -11.281 -2.718 1.00 10.70 ? 25 ASP A OD2  1 
ATOM   423 H H    . ASP A 1 27 ? -14.740 -7.744  -0.969 1.00 5.63  ? 25 ASP A H    1 
ATOM   424 H HA   . ASP A 1 27 ? -12.646 -9.209  -0.464 1.00 6.29  ? 25 ASP A HA   1 
ATOM   425 H HB2  . ASP A 1 27 ? -14.074 -8.934  -2.872 1.00 8.30  ? 25 ASP A HB2  1 
ATOM   426 H HB3  . ASP A 1 27 ? -12.814 -9.891  -2.774 1.00 8.30  ? 25 ASP A HB3  1 
ATOM   427 N N    . GLU A 1 28 ? -12.032 -6.789  -2.489 1.00 3.34  ? 26 GLU A N    1 
ATOM   428 C CA   . GLU A 1 28 ? -10.954 -6.038  -3.077 1.00 3.53  ? 26 GLU A CA   1 
ATOM   429 C C    . GLU A 1 28 ? -10.147 -5.301  -2.018 1.00 2.79  ? 26 GLU A C    1 
ATOM   430 O O    . GLU A 1 28 ? -8.917  -5.228  -2.109 1.00 3.62  ? 26 GLU A O    1 
ATOM   431 C CB   . GLU A 1 28 ? -11.469 -5.119  -4.163 1.00 4.08  ? 26 GLU A CB   1 
ATOM   432 C CG   . GLU A 1 28 ? -10.306 -4.583  -4.940 1.00 5.57  ? 26 GLU A CG   1 
ATOM   433 C CD   . GLU A 1 28 ? -10.654 -3.800  -6.172 1.00 4.55  ? 26 GLU A CD   1 
ATOM   434 O OE1  . GLU A 1 28 ? -11.817 -3.409  -6.347 1.00 5.58  ? 26 GLU A OE1  1 
ATOM   435 O OE2  . GLU A 1 28 ? -9.728  -3.557  -6.986 1.00 4.87  ? 26 GLU A OE2  1 
ATOM   436 H H    . GLU A 1 28 ? -12.818 -6.498  -2.678 1.00 4.01  ? 26 GLU A H    1 
ATOM   437 H HA   . GLU A 1 28 ? -10.345 -6.673  -3.508 1.00 4.23  ? 26 GLU A HA   1 
ATOM   438 H HB2  . GLU A 1 28 ? -12.046 -5.614  -4.765 1.00 4.90  ? 26 GLU A HB2  1 
ATOM   439 H HB3  . GLU A 1 28 ? -11.947 -4.375  -3.763 1.00 4.90  ? 26 GLU A HB3  1 
ATOM   440 H HG2  . GLU A 1 28 ? -9.793  -3.999  -4.360 1.00 6.68  ? 26 GLU A HG2  1 
ATOM   441 H HG3  . GLU A 1 28 ? -9.754  -5.331  -5.218 1.00 6.68  ? 26 GLU A HG3  1 
ATOM   442 N N    . VAL A 1 29 ? -10.814 -4.737  -1.015 1.00 2.64  ? 27 VAL A N    1 
ATOM   443 C CA   . VAL A 1 29 ? -10.080 -4.088  0.073  1.00 2.87  ? 27 VAL A CA   1 
ATOM   444 C C    . VAL A 1 29 ? -9.105  -5.049  0.713  1.00 2.86  ? 27 VAL A C    1 
ATOM   445 O O    . VAL A 1 29 ? -7.937  -4.697  0.944  1.00 3.34  ? 27 VAL A O    1 
ATOM   446 C CB   . VAL A 1 29 ? -11.055 -3.504  1.119  1.00 3.29  ? 27 VAL A CB   1 
ATOM   447 C CG1  . VAL A 1 29 ? -10.307 -3.136  2.408  1.00 3.75  ? 27 VAL A CG1  1 
ATOM   448 C CG2  . VAL A 1 29 ? -11.804 -2.336  0.558  1.00 3.89  ? 27 VAL A CG2  1 
ATOM   449 H H    . VAL A 1 29 ? -11.671 -4.714  -0.939 1.00 3.17  ? 27 VAL A H    1 
ATOM   450 H HA   . VAL A 1 29 ? -9.562  -3.345  -0.298 1.00 3.44  ? 27 VAL A HA   1 
ATOM   451 H HB   . VAL A 1 29 ? -11.713 -4.192  1.347  1.00 3.95  ? 27 VAL A HB   1 
ATOM   452 H HG11 . VAL A 1 29 ? -10.934 -2.776  3.041  1.00 4.50  ? 27 VAL A HG11 1 
ATOM   453 H HG12 . VAL A 1 29 ? -9.897  -3.927  2.767  1.00 4.50  ? 27 VAL A HG12 1 
ATOM   454 H HG13 . VAL A 1 29 ? -9.635  -2.483  2.204  1.00 4.50  ? 27 VAL A HG13 1 
ATOM   455 H HG21 . VAL A 1 29 ? -12.400 -1.995  1.230  1.00 4.67  ? 27 VAL A HG21 1 
ATOM   456 H HG22 . VAL A 1 29 ? -11.176 -1.655  0.302  1.00 4.67  ? 27 VAL A HG22 1 
ATOM   457 H HG23 . VAL A 1 29 ? -12.305 -2.624  -0.207 1.00 4.67  ? 27 VAL A HG23 1 
ATOM   458 N N    . ARG A 1 30 ? -9.528  -6.269  1.043  1.00 3.08  ? 28 ARG A N    1 
ATOM   459 C CA   . ARG A 1 30 ? -8.634  -7.176  1.746  1.00 3.72  ? 28 ARG A CA   1 
ATOM   460 C C    . ARG A 1 30 ? -7.416  -7.500  0.877  1.00 3.65  ? 28 ARG A C    1 
ATOM   461 O O    . ARG A 1 30 ? -6.300  -7.606  1.384  1.00 4.69  ? 28 ARG A O    1 
ATOM   462 C CB   . ARG A 1 30 ? -9.366  -8.436  2.186  1.00 4.46  ? 28 ARG A CB   1 
ATOM   463 C CG   . ARG A 1 30 ? -10.470 -8.215  3.197  1.00 5.29  ? 28 ARG A CG   1 
ATOM   464 C CD   . ARG A 1 30 ? -10.100 -7.234  4.278  1.00 7.01  ? 28 ARG A CD   1 
ATOM   465 N NE   . ARG A 1 30 ? -11.145 -7.143  5.285  1.00 7.47  ? 28 ARG A NE   1 
ATOM   466 C CZ   . ARG A 1 30 ? -11.212 -6.175  6.185  1.00 9.29  ? 28 ARG A CZ   1 
ATOM   467 N NH1  . ARG A 1 30 ? -10.275 -5.224  6.178  1.00 10.38 ? 28 ARG A NH1  1 
ATOM   468 N NH2  . ARG A 1 30 ? -12.227 -6.187  7.030  1.00 10.70 ? 28 ARG A NH2  1 
ATOM   469 H H    . ARG A 1 30 ? -10.309 -6.587  0.875  1.00 3.70  ? 28 ARG A H    1 
ATOM   470 H HA   . ARG A 1 30 ? -8.309  -6.727  2.553  1.00 4.46  ? 28 ARG A HA   1 
ATOM   471 H HB2  . ARG A 1 30 ? -9.765  -8.851  1.405  1.00 5.36  ? 28 ARG A HB2  1 
ATOM   472 H HB3  . ARG A 1 30 ? -8.722  -9.044  2.583  1.00 5.36  ? 28 ARG A HB3  1 
ATOM   473 H HG2  . ARG A 1 30 ? -11.251 -7.872  2.738  1.00 6.35  ? 28 ARG A HG2  1 
ATOM   474 H HG3  . ARG A 1 30 ? -10.681 -9.062  3.621  1.00 6.35  ? 28 ARG A HG3  1 
ATOM   475 H HD2  . ARG A 1 30 ? -9.283  -7.527  4.713  1.00 8.41  ? 28 ARG A HD2  1 
ATOM   476 H HD3  . ARG A 1 30 ? -9.977  -6.356  3.887  1.00 8.41  ? 28 ARG A HD3  1 
ATOM   477 H HE   . ARG A 1 30 ? -11.678 -7.813  5.373  1.00 8.96  ? 28 ARG A HE   1 
ATOM   478 H HH11 . ARG A 1 30 ? -9.638  -5.253  5.602  1.00 12.45 ? 28 ARG A HH11 1 
ATOM   479 H HH12 . ARG A 1 30 ? -10.304 -4.588  6.756  1.00 12.45 ? 28 ARG A HH12 1 
ATOM   480 H HH21 . ARG A 1 30 ? -12.807 -6.822  6.997  1.00 12.84 ? 28 ARG A HH21 1 
ATOM   481 H HH22 . ARG A 1 30 ? -12.294 -5.574  7.631  1.00 12.84 ? 28 ARG A HH22 1 
ATOM   482 N N    . THR A 1 31 ? -7.608  -7.686  -0.421 1.00 3.27  ? 29 THR A N    1 
ATOM   483 C CA   . THR A 1 31 ? -6.498  -7.956  -1.310 1.00 3.80  ? 29 THR A CA   1 
ATOM   484 C C    . THR A 1 31 ? -5.564  -6.756  -1.380 1.00 3.48  ? 29 THR A C    1 
ATOM   485 O O    . THR A 1 31 ? -4.332  -6.881  -1.270 1.00 4.50  ? 29 THR A O    1 
ATOM   486 C CB   . THR A 1 31 ? -6.990  -8.366  -2.694 1.00 4.92  ? 29 THR A CB   1 
ATOM   487 O OG1  . THR A 1 31 ? -7.784  -9.531  -2.564 1.00 8.91  ? 29 THR A OG1  1 
ATOM   488 C CG2  . THR A 1 31 ? -5.880  -8.586  -3.650 1.00 6.09  ? 29 THR A CG2  1 
ATOM   489 H H    . THR A 1 31 ? -8.375  -7.659  -0.809 1.00 3.92  ? 29 THR A H    1 
ATOM   490 H HA   . THR A 1 31 ? -5.985  -8.708  -0.947 1.00 4.55  ? 29 THR A HA   1 
ATOM   491 H HB   . THR A 1 31 ? -7.544  -7.653  -3.048 1.00 5.90  ? 29 THR A HB   1 
ATOM   492 H HG1  . THR A 1 31 ? -8.059  -9.768  -3.299 1.00 10.69 ? 29 THR A HG1  1 
ATOM   493 H HG21 . THR A 1 31 ? -6.230  -8.841  -4.506 1.00 7.31  ? 29 THR A HG21 1 
ATOM   494 H HG22 . THR A 1 31 ? -5.369  -7.779  -3.750 1.00 7.31  ? 29 THR A HG22 1 
ATOM   495 H HG23 . THR A 1 31 ? -5.303  -9.282  -3.328 1.00 7.31  ? 29 THR A HG23 1 
ATOM   496 N N    . LEU A 1 32 ? -6.141  -5.565  -1.561 1.00 3.08  ? 30 LEU A N    1 
ATOM   497 C CA   . LEU A 1 32 ? -5.317  -4.360  -1.631 1.00 3.21  ? 30 LEU A CA   1 
ATOM   498 C C    . LEU A 1 32 ? -4.559  -4.101  -0.326 1.00 3.41  ? 30 LEU A C    1 
ATOM   499 O O    . LEU A 1 32 ? -3.466  -3.549  -0.385 1.00 3.99  ? 30 LEU A O    1 
ATOM   500 C CB   . LEU A 1 32 ? -6.165  -3.148  -2.004 1.00 3.45  ? 30 LEU A CB   1 
ATOM   501 C CG   . LEU A 1 32 ? -6.693  -3.139  -3.451 1.00 4.09  ? 30 LEU A CG   1 
ATOM   502 C CD1  . LEU A 1 32 ? -7.613  -1.938  -3.637 1.00 6.00  ? 30 LEU A CD1  1 
ATOM   503 C CD2  . LEU A 1 32 ? -5.583  -3.137  -4.480 1.00 5.21  ? 30 LEU A CD2  1 
ATOM   504 H H    . LEU A 1 32 ? -6.986  -5.431  -1.643 1.00 3.69  ? 30 LEU A H    1 
ATOM   505 H HA   . LEU A 1 32 ? -4.650  -4.481  -2.338 1.00 3.85  ? 30 LEU A HA   1 
ATOM   506 H HB2  . LEU A 1 32 ? -6.934  -3.116  -1.413 1.00 4.13  ? 30 LEU A HB2  1 
ATOM   507 H HB3  . LEU A 1 32 ? -5.629  -2.348  -1.884 1.00 4.13  ? 30 LEU A HB3  1 
ATOM   508 H HG   . LEU A 1 32 ? -7.223  -3.939  -3.592 1.00 4.91  ? 30 LEU A HG   1 
ATOM   509 H HD11 . LEU A 1 32 ? -7.942  -1.933  -4.538 1.00 7.20  ? 30 LEU A HD11 1 
ATOM   510 H HD12 . LEU A 1 32 ? -8.347  -2.009  -3.021 1.00 7.20  ? 30 LEU A HD12 1 
ATOM   511 H HD13 . LEU A 1 32 ? -7.118  -1.135  -3.463 1.00 7.20  ? 30 LEU A HD13 1 
ATOM   512 H HD21 . LEU A 1 32 ? -5.972  -3.130  -5.358 1.00 6.25  ? 30 LEU A HD21 1 
ATOM   513 H HD22 . LEU A 1 32 ? -5.044  -2.352  -4.356 1.00 6.25  ? 30 LEU A HD22 1 
ATOM   514 H HD23 . LEU A 1 32 ? -5.048  -3.925  -4.364 1.00 6.25  ? 30 LEU A HD23 1 
ATOM   515 N N    A GLN A 1 33 ? -5.123  -4.455  0.817  0.55 3.20  ? 31 GLN A N    1 
ATOM   516 N N    B GLN A 1 33 ? -5.109  -4.497  0.819  0.45 3.45  ? 31 GLN A N    1 
ATOM   517 C CA   A GLN A 1 33 ? -4.378  -4.324  2.055  0.55 3.56  ? 31 GLN A CA   1 
ATOM   518 C CA   B GLN A 1 33 ? -4.410  -4.348  2.096  0.45 3.57  ? 31 GLN A CA   1 
ATOM   519 C C    A GLN A 1 33 ? -3.093  -5.152  2.018  0.55 3.71  ? 31 GLN A C    1 
ATOM   520 C C    B GLN A 1 33 ? -3.136  -5.194  2.132  0.45 3.36  ? 31 GLN A C    1 
ATOM   521 O O    A GLN A 1 33 ? -2.036  -4.694  2.440  0.55 3.56  ? 31 GLN A O    1 
ATOM   522 O O    B GLN A 1 33 ? -2.132  -4.782  2.714  0.45 3.26  ? 31 GLN A O    1 
ATOM   523 C CB   A GLN A 1 33 ? -5.222  -4.683  3.260  0.55 3.50  ? 31 GLN A CB   1 
ATOM   524 C CB   B GLN A 1 33 ? -5.327  -4.686  3.269  0.45 4.21  ? 31 GLN A CB   1 
ATOM   525 C CG   A GLN A 1 33 ? -6.284  -3.628  3.572  0.55 3.69  ? 31 GLN A CG   1 
ATOM   526 C CG   B GLN A 1 33 ? -6.403  -3.643  3.517  0.45 4.90  ? 31 GLN A CG   1 
ATOM   527 C CD   A GLN A 1 33 ? -7.199  -4.038  4.680  0.55 4.83  ? 31 GLN A CD   1 
ATOM   528 C CD   B GLN A 1 33 ? -7.411  -4.101  4.517  0.45 5.66  ? 31 GLN A CD   1 
ATOM   529 O OE1  A GLN A 1 33 ? -7.936  -5.017  4.555  0.55 5.69  ? 31 GLN A OE1  1 
ATOM   530 O OE1  B GLN A 1 33 ? -7.683  -5.306  4.636  0.45 5.44  ? 31 GLN A OE1  1 
ATOM   531 N NE2  A GLN A 1 33 ? -7.170  -3.282  5.766  0.55 6.66  ? 31 GLN A NE2  1 
ATOM   532 N NE2  B GLN A 1 33 ? -7.953  -3.146  5.274  0.45 7.77  ? 31 GLN A NE2  1 
ATOM   533 H H    A GLN A 1 33 ? -5.921  -4.767  0.902  0.55 3.84  ? 31 GLN A H    1 
ATOM   534 H H    B GLN A 1 33 ? -5.888  -4.856  0.885  0.45 4.15  ? 31 GLN A H    1 
ATOM   535 H HA   A GLN A 1 33 ? -4.115  -3.386  2.155  0.55 4.27  ? 31 GLN A HA   1 
ATOM   536 H HA   B GLN A 1 33 ? -4.142  -3.410  2.195  0.45 4.29  ? 31 GLN A HA   1 
ATOM   537 H HB2  A GLN A 1 33 ? -5.676  -5.524  3.089  0.55 4.20  ? 31 GLN A HB2  1 
ATOM   538 H HB2  B GLN A 1 33 ? -5.768  -5.531  3.087  0.45 5.05  ? 31 GLN A HB2  1 
ATOM   539 H HB3  A GLN A 1 33 ? -4.646  -4.768  4.036  0.55 4.20  ? 31 GLN A HB3  1 
ATOM   540 H HB3  B GLN A 1 33 ? -4.792  -4.759  4.074  0.45 5.05  ? 31 GLN A HB3  1 
ATOM   541 H HG2  A GLN A 1 33 ? -5.843  -2.806  3.835  0.55 4.43  ? 31 GLN A HG2  1 
ATOM   542 H HG2  B GLN A 1 33 ? -5.988  -2.833  3.855  0.45 5.88  ? 31 GLN A HG2  1 
ATOM   543 H HG3  A GLN A 1 33 ? -6.821  -3.477  2.779  0.55 4.43  ? 31 GLN A HG3  1 
ATOM   544 H HG3  B GLN A 1 33 ? -6.865  -3.457  2.685  0.45 5.88  ? 31 GLN A HG3  1 
ATOM   545 H HE21 A GLN A 1 33 ? -6.646  -2.601  5.802  0.55 7.99  ? 31 GLN A HE21 1 
ATOM   546 H HE21 B GLN A 1 33 ? -7.716  -2.327  5.169  0.45 9.32  ? 31 GLN A HE21 1 
ATOM   547 H HE22 A GLN A 1 33 ? -7.676  -3.471  6.435  0.55 7.99  ? 31 GLN A HE22 1 
ATOM   548 H HE22 B GLN A 1 33 ? -8.541  -3.351  5.868  0.45 9.32  ? 31 GLN A HE22 1 
ATOM   549 N N    . GLU A 1 34 ? -3.178  -6.380  1.518  1.00 3.95  ? 32 GLU A N    1 
ATOM   550 C CA   A GLU A 1 34 ? -1.976  -7.202  1.406  0.66 4.13  ? 32 GLU A CA   1 
ATOM   551 C CA   B GLU A 1 34 ? -1.992  -7.192  1.415  0.34 4.82  ? 32 GLU A CA   1 
ATOM   552 C C    . GLU A 1 34 ? -0.956  -6.511  0.499  1.00 3.77  ? 32 GLU A C    1 
ATOM   553 O O    . GLU A 1 34 ? 0.231   -6.466  0.810  1.00 4.68  ? 32 GLU A O    1 
ATOM   554 C CB   A GLU A 1 34 ? -2.256  -8.609  0.888  0.66 5.01  ? 32 GLU A CB   1 
ATOM   555 C CB   B GLU A 1 34 ? -2.388  -8.579  0.938  0.34 6.90  ? 32 GLU A CB   1 
ATOM   556 C CG   A GLU A 1 34 ? -3.231  -9.458  1.680  0.66 7.23  ? 32 GLU A CG   1 
ATOM   557 C CG   B GLU A 1 34 ? -3.140  -9.392  1.988  0.34 10.04 ? 32 GLU A CG   1 
ATOM   558 C CD   A GLU A 1 34 ? -2.725  -9.894  3.026  0.66 7.08  ? 32 GLU A CD   1 
ATOM   559 C CD   B GLU A 1 34 ? -2.280  -10.491 2.549  0.34 12.69 ? 32 GLU A CD   1 
ATOM   560 O OE1  A GLU A 1 34 ? -1.598  -10.388 3.117  0.66 8.10  ? 32 GLU A OE1  1 
ATOM   561 O OE1  B GLU A 1 34 ? -2.827  -11.601 2.819  0.34 14.47 ? 32 GLU A OE1  1 
ATOM   562 O OE2  A GLU A 1 34 ? -3.488  -9.726  4.024  0.66 9.83  ? 32 GLU A OE2  1 
ATOM   563 O OE2  B GLU A 1 34 ? -1.050  -10.253 2.681  0.34 12.34 ? 32 GLU A OE2  1 
ATOM   564 H H    A GLU A 1 34 ? -3.901  -6.755  1.241  0.66 4.08  ? 32 GLU A H    1 
ATOM   565 H H    B GLU A 1 34 ? -3.879  -6.725  1.159  0.34 4.40  ? 32 GLU A H    1 
ATOM   566 H HA   A GLU A 1 34 ? -1.573  -7.288  2.295  0.66 4.95  ? 32 GLU A HA   1 
ATOM   567 H HA   B GLU A 1 34 ? -1.592  -7.282  2.305  0.34 5.79  ? 32 GLU A HA   1 
ATOM   568 H HB2  A GLU A 1 34 ? -2.609  -8.535  -0.012 0.66 6.02  ? 32 GLU A HB2  1 
ATOM   569 H HB2  B GLU A 1 34 ? -2.962  -8.492  0.161  0.34 8.28  ? 32 GLU A HB2  1 
ATOM   570 H HB3  A GLU A 1 34 ? -1.414  -9.093  0.861  0.66 6.02  ? 32 GLU A HB3  1 
ATOM   571 H HB3  B GLU A 1 34 ? -1.585  -9.069  0.700  0.34 8.28  ? 32 GLU A HB3  1 
ATOM   572 H HG2  A GLU A 1 34 ? -4.042  -8.945  1.822  0.66 8.67  ? 32 GLU A HG2  1 
ATOM   573 H HG2  B GLU A 1 34 ? -3.403  -8.808  2.717  0.34 12.04 ? 32 GLU A HG2  1 
ATOM   574 H HG3  A GLU A 1 34 ? -3.434  -10.257 1.168  0.66 8.67  ? 32 GLU A HG3  1 
ATOM   575 H HG3  B GLU A 1 34 ? -3.922  -9.795  1.581  0.34 12.04 ? 32 GLU A HG3  1 
ATOM   576 N N    . ASN A 1 35 ? -1.407  -6.004  -0.632 1.00 3.93  ? 33 ASN A N    1 
ATOM   577 C CA   A ASN A 1 35 ? -0.533  -5.316  -1.576 0.63 3.95  ? 33 ASN A CA   1 
ATOM   578 C CA   B ASN A 1 35 ? -0.475  -5.345  -1.536 0.37 4.17  ? 33 ASN A CA   1 
ATOM   579 C C    . ASN A 1 35 ? 0.100   -4.059  -0.945 1.00 3.88  ? 33 ASN A C    1 
ATOM   580 O O    . ASN A 1 35 ? 1.296   -3.803  -1.100 1.00 4.50  ? 33 ASN A O    1 
ATOM   581 C CB   A ASN A 1 35 ? -1.337  -4.929  -2.821 0.63 4.32  ? 33 ASN A CB   1 
ATOM   582 C CB   B ASN A 1 35 ? -1.137  -5.105  -2.882 0.37 4.34  ? 33 ASN A CB   1 
ATOM   583 C CG   A ASN A 1 35 ? -1.950  -6.120  -3.553 0.63 5.13  ? 33 ASN A CG   1 
ATOM   584 C CG   B ASN A 1 35 ? -1.211  -6.357  -3.710 0.37 4.59  ? 33 ASN A CG   1 
ATOM   585 O OD1  A ASN A 1 35 ? -3.037  -6.007  -4.097 0.63 4.90  ? 33 ASN A OD1  1 
ATOM   586 O OD1  B ASN A 1 35 ? -0.288  -6.718  -4.384 0.37 6.34  ? 33 ASN A OD1  1 
ATOM   587 N ND2  A ASN A 1 35 ? -1.273  -7.255  -3.569 0.63 6.28  ? 33 ASN A ND2  1 
ATOM   588 N ND2  B ASN A 1 35 ? -2.286  -7.082  -3.577 0.37 5.05  ? 33 ASN A ND2  1 
ATOM   589 H H    A ASN A 1 35 ? -2.227  -6.043  -0.884 0.63 4.09  ? 33 ASN A H    1 
ATOM   590 H H    B ASN A 1 35 ? -2.224  -6.024  -0.898 0.37 4.35  ? 33 ASN A H    1 
ATOM   591 H HA   A ASN A 1 35 ? 0.188   -5.920  -1.851 0.63 4.74  ? 33 ASN A HA   1 
ATOM   592 H HA   B ASN A 1 35 ? 0.279   -5.952  -1.690 0.37 5.00  ? 33 ASN A HA   1 
ATOM   593 H HB2  A ASN A 1 35 ? -2.062  -4.341  -2.555 0.63 5.19  ? 33 ASN A HB2  1 
ATOM   594 H HB2  B ASN A 1 35 ? -2.040  -4.783  -2.739 0.37 5.21  ? 33 ASN A HB2  1 
ATOM   595 H HB3  A ASN A 1 35 ? -0.751  -4.469  -3.441 0.63 5.19  ? 33 ASN A HB3  1 
ATOM   596 H HB3  B ASN A 1 35 ? -0.623  -4.447  -3.377 0.37 5.21  ? 33 ASN A HB3  1 
ATOM   597 H HD21 A ASN A 1 35 ? -0.511  -7.307  -3.173 0.63 7.53  ? 33 ASN A HD21 1 
ATOM   598 H HD21 B ASN A 1 35 ? -2.907  -6.835  -3.036 0.37 6.06  ? 33 ASN A HD21 1 
ATOM   599 H HD22 A ASN A 1 35 ? -1.594  -7.942  -3.974 0.63 7.53  ? 33 ASN A HD22 1 
ATOM   600 H HD22 B ASN A 1 35 ? -2.374  -7.807  -4.031 0.37 6.06  ? 33 ASN A HD22 1 
ATOM   601 N N    . LEU A 1 36 ? -0.706  -3.290  -0.227 1.00 3.51  ? 34 LEU A N    1 
ATOM   602 C CA   . LEU A 1 36 ? -0.254  -2.129  0.536  1.00 3.35  ? 34 LEU A CA   1 
ATOM   603 C C    . LEU A 1 36 ? 0.897   -2.541  1.457  1.00 3.25  ? 34 LEU A C    1 
ATOM   604 O O    . LEU A 1 36 ? 1.959   -1.911  1.504  1.00 3.46  ? 34 LEU A O    1 
ATOM   605 C CB   . LEU A 1 36 ? -1.417  -1.606  1.377  1.00 3.40  ? 34 LEU A CB   1 
ATOM   606 C CG   . LEU A 1 36 ? -1.100  -0.435  2.297  1.00 3.50  ? 34 LEU A CG   1 
ATOM   607 C CD1  . LEU A 1 36 ? -0.914  0.865   1.532  1.00 4.24  ? 34 LEU A CD1  1 
ATOM   608 C CD2  . LEU A 1 36 ? -2.168  -0.302  3.362  1.00 4.01  ? 34 LEU A CD2  1 
ATOM   609 H H    . LEU A 1 36 ? -1.553  -3.424  -0.163 1.00 4.21  ? 34 LEU A H    1 
ATOM   610 H HA   . LEU A 1 36 ? 0.052   -1.422  -0.069 1.00 4.02  ? 34 LEU A HA   1 
ATOM   611 H HB2  . LEU A 1 36 ? -2.122  -1.318  0.775  1.00 4.08  ? 34 LEU A HB2  1 
ATOM   612 H HB3  . LEU A 1 36 ? -1.743  -2.331  1.933  1.00 4.08  ? 34 LEU A HB3  1 
ATOM   613 H HG   . LEU A 1 36 ? -0.264  -0.624  2.751  1.00 4.20  ? 34 LEU A HG   1 
ATOM   614 H HD11 . LEU A 1 36 ? -0.717  1.568   2.155  1.00 5.09  ? 34 LEU A HD11 1 
ATOM   615 H HD12 . LEU A 1 36 ? -0.187  0.762   0.914  1.00 5.09  ? 34 LEU A HD12 1 
ATOM   616 H HD13 . LEU A 1 36 ? -1.723  1.066   1.055  1.00 5.09  ? 34 LEU A HD13 1 
ATOM   617 H HD21 . LEU A 1 36 ? -1.951  0.441   3.931  1.00 4.81  ? 34 LEU A HD21 1 
ATOM   618 H HD22 . LEU A 1 36 ? -3.016  -0.151  2.936  1.00 4.81  ? 34 LEU A HD22 1 
ATOM   619 H HD23 . LEU A 1 36 ? -2.199  -1.111  3.877  1.00 4.81  ? 34 LEU A HD23 1 
ATOM   620 N N    . HIS A 1 37 ? 0.659   -3.574  2.240  1.00 3.38  ? 35 HIS A N    1 
ATOM   621 C CA   . HIS A 1 37 ? 1.650   -4.008  3.215  1.00 3.47  ? 35 HIS A CA   1 
ATOM   622 C C    . HIS A 1 37 ? 2.913   -4.517  2.577  1.00 3.61  ? 35 HIS A C    1 
ATOM   623 O O    . HIS A 1 37 ? 4.011   -4.293  3.089  1.00 3.97  ? 35 HIS A O    1 
ATOM   624 C CB   . HIS A 1 37 ? 1.059   -5.063  4.161  1.00 3.22  ? 35 HIS A CB   1 
ATOM   625 C CG   . HIS A 1 37 ? -0.049  -4.526  4.994  1.00 3.31  ? 35 HIS A CG   1 
ATOM   626 N ND1  . HIS A 1 37 ? -0.799  -5.341  5.776  1.00 4.27  ? 35 HIS A ND1  1 
ATOM   627 C CD2  . HIS A 1 37 ? -0.555  -3.280  5.138  1.00 3.70  ? 35 HIS A CD2  1 
ATOM   628 C CE1  . HIS A 1 37 ? -1.722  -4.624  6.381  1.00 4.91  ? 35 HIS A CE1  1 
ATOM   629 N NE2  . HIS A 1 37 ? -1.611  -3.373  6.017  1.00 3.93  ? 35 HIS A NE2  1 
ATOM   630 H H    . HIS A 1 37 ? -0.063  -4.041  2.233  1.00 4.06  ? 35 HIS A H    1 
ATOM   631 H HA   . HIS A 1 37 ? 1.897   -3.234  3.763  1.00 4.16  ? 35 HIS A HA   1 
ATOM   632 H HB2  . HIS A 1 37 ? 0.710   -5.800  3.635  1.00 3.87  ? 35 HIS A HB2  1 
ATOM   633 H HB3  . HIS A 1 37 ? 1.757   -5.380  4.756  1.00 3.87  ? 35 HIS A HB3  1 
ATOM   634 H HD1  . HIS A 1 37 ? -0.690  -6.190  5.862  1.00 5.12  ? 35 HIS A HD1  1 
ATOM   635 H HD2  . HIS A 1 37 ? -0.252  -2.507  4.719  1.00 4.44  ? 35 HIS A HD2  1 
ATOM   636 H HE1  . HIS A 1 37 ? -2.355  -4.956  6.976  1.00 5.89  ? 35 HIS A HE1  1 
ATOM   637 H HE2  . HIS A 1 37 ? -2.101  -2.722  6.291  1.00 4.72  ? 35 HIS A HE2  1 
ATOM   638 N N    . GLN A 1 38 ? 2.790   -5.187  1.439  1.00 4.56  ? 36 GLN A N    1 
ATOM   639 C CA   . GLN A 1 38 ? 3.976   -5.678  0.715  1.00 6.05  ? 36 GLN A CA   1 
ATOM   640 C C    . GLN A 1 38 ? 4.828   -4.505  0.240  1.00 5.49  ? 36 GLN A C    1 
ATOM   641 O O    . GLN A 1 38 ? 6.043   -4.527  0.395  1.00 6.40  ? 36 GLN A O    1 
ATOM   642 C CB   . GLN A 1 38 ? 3.544   -6.575  -0.453 1.00 8.67  ? 36 GLN A CB   1 
ATOM   643 C CG   . GLN A 1 38 ? 2.998   -7.947  0.137  1.00 13.56 ? 36 GLN A CG   1 
ATOM   644 C CD   . GLN A 1 38 ? 2.004   -8.705  -0.727 1.00 19.50 ? 36 GLN A CD   1 
ATOM   645 O OE1  . GLN A 1 38 ? 1.587   -8.253  -1.865 1.00 21.30 ? 36 GLN A OE1  1 
ATOM   646 N NE2  . GLN A 1 38 ? 1.536   -9.868  -0.166 1.00 20.94 ? 36 GLN A NE2  1 
ATOM   647 H H    . GLN A 1 38 ? 2.040   -5.373  1.060  1.00 5.47  ? 36 GLN A H    1 
ATOM   648 H HA   . GLN A 1 38 ? 4.520   -6.220  1.326  1.00 7.26  ? 36 GLN A HA   1 
ATOM   649 H HB2  . GLN A 1 38 ? 2.833   -6.145  -0.953 1.00 10.40 ? 36 GLN A HB2  1 
ATOM   650 H HB3  . GLN A 1 38 ? 4.304   -6.761  -1.026 1.00 10.40 ? 36 GLN A HB3  1 
ATOM   651 H HG2  . GLN A 1 38 ? 3.755   -8.535  0.288  1.00 16.27 ? 36 GLN A HG2  1 
ATOM   652 H HG3  . GLN A 1 38 ? 2.562   -7.761  0.983  1.00 16.27 ? 36 GLN A HG3  1 
ATOM   653 H HE21 . GLN A 1 38 ? 1.810   -10.110 0.612  1.00 25.13 ? 36 GLN A HE21 1 
ATOM   654 H HE22 . GLN A 1 38 ? 0.970   -10.354 -0.593 1.00 25.13 ? 36 GLN A HE22 1 
ATOM   655 N N    . LEU A 1 39 ? 4.205   -3.462  -0.307 1.00 5.21  ? 37 LEU A N    1 
ATOM   656 C CA   A LEU A 1 39 ? 4.977   -2.296  -0.734 0.68 5.50  ? 37 LEU A CA   1 
ATOM   657 C CA   B LEU A 1 39 ? 4.996   -2.324  -0.751 0.32 5.57  ? 37 LEU A CA   1 
ATOM   658 C C    . LEU A 1 39 ? 5.546   -1.560  0.454  1.00 4.26  ? 37 LEU A C    1 
ATOM   659 O O    . LEU A 1 39 ? 6.684   -1.075  0.390  1.00 4.91  ? 37 LEU A O    1 
ATOM   660 C CB   A LEU A 1 39 ? 4.126   -1.339  -1.582 0.68 7.18  ? 37 LEU A CB   1 
ATOM   661 C CB   B LEU A 1 39 ? 4.219   -1.428  -1.739 0.32 6.86  ? 37 LEU A CB   1 
ATOM   662 C CG   A LEU A 1 39 ? 3.899   -1.586  -3.045 0.68 10.22 ? 37 LEU A CG   1 
ATOM   663 C CG   B LEU A 1 39 ? 4.383   -1.734  -3.227 0.32 8.66  ? 37 LEU A CG   1 
ATOM   664 C CD1  A LEU A 1 39 ? 3.540   -0.238  -3.702 0.68 11.39 ? 37 LEU A CD1  1 
ATOM   665 C CD1  B LEU A 1 39 ? 3.622   -2.962  -3.616 0.32 9.83  ? 37 LEU A CD1  1 
ATOM   666 C CD2  A LEU A 1 39 ? 5.159   -2.202  -3.697 0.68 11.31 ? 37 LEU A CD2  1 
ATOM   667 C CD2  B LEU A 1 39 ? 3.881   -0.522  -4.009 0.32 9.25  ? 37 LEU A CD2  1 
ATOM   668 H H    A LEU A 1 39 ? 3.356   -3.405  -0.440 0.68 5.58  ? 37 LEU A H    1 
ATOM   669 H H    B LEU A 1 39 ? 3.356   -3.391  -0.428 0.32 5.94  ? 37 LEU A H    1 
ATOM   670 H HA   A LEU A 1 39 ? 5.728   -2.599  -1.287 0.68 6.60  ? 37 LEU A HA   1 
ATOM   671 H HA   B LEU A 1 39 ? 5.770   -2.673  -1.240 0.32 6.68  ? 37 LEU A HA   1 
ATOM   672 H HB2  A LEU A 1 39 ? 3.247   -1.300  -1.174 0.68 8.61  ? 37 LEU A HB2  1 
ATOM   673 H HB2  B LEU A 1 39 ? 3.273   -1.504  -1.535 0.32 8.23  ? 37 LEU A HB2  1 
ATOM   674 H HB3  A LEU A 1 39 ? 4.533   -0.460  -1.517 0.68 8.61  ? 37 LEU A HB3  1 
ATOM   675 H HB3  B LEU A 1 39 ? 4.502   -0.510  -1.602 0.32 8.23  ? 37 LEU A HB3  1 
ATOM   676 H HG   A LEU A 1 39 ? 3.155   -2.198  -3.162 0.68 12.27 ? 37 LEU A HG   1 
ATOM   677 H HG   B LEU A 1 39 ? 5.322   -1.870  -3.432 0.32 10.39 ? 37 LEU A HG   1 
ATOM   678 H HD11 A LEU A 1 39 ? 3.391   -0.378  -4.640 0.68 13.67 ? 37 LEU A HD11 1 
ATOM   679 H HD11 B LEU A 1 39 ? 3.748   -3.123  -4.554 0.32 11.79 ? 37 LEU A HD11 1 
ATOM   680 H HD12 A LEU A 1 39 ? 2.744   0.108   -3.292 0.68 13.67 ? 37 LEU A HD12 1 
ATOM   681 H HD12 B LEU A 1 39 ? 3.952   -3.707  -3.108 0.32 11.79 ? 37 LEU A HD12 1 
ATOM   682 H HD13 A LEU A 1 39 ? 4.267   0.374   -3.574 0.68 13.67 ? 37 LEU A HD13 1 
ATOM   683 H HD13 B LEU A 1 39 ? 2.691   -2.824  -3.429 0.32 11.79 ? 37 LEU A HD13 1 
ATOM   684 H HD21 A LEU A 1 39 ? 4.986   -2.349  -4.629 0.68 13.57 ? 37 LEU A HD21 1 
ATOM   685 H HD21 B LEU A 1 39 ? 3.977   -0.695  -4.949 0.32 11.10 ? 37 LEU A HD21 1 
ATOM   686 H HD22 A LEU A 1 39 ? 5.893   -1.593  -3.592 0.68 13.57 ? 37 LEU A HD22 1 
ATOM   687 H HD22 B LEU A 1 39 ? 2.957   -0.374  -3.796 0.32 11.10 ? 37 LEU A HD22 1 
ATOM   688 H HD23 A LEU A 1 39 ? 5.357   -3.034  -3.265 0.68 13.57 ? 37 LEU A HD23 1 
ATOM   689 H HD23 B LEU A 1 39 ? 4.402   0.246   -3.763 0.32 11.10 ? 37 LEU A HD23 1 
ATOM   690 N N    . MET A 1 40 ? 4.818   -1.469  1.562  1.00 3.98  ? 38 MET A N    1 
ATOM   691 C CA   . MET A 1 40 ? 5.368   -0.873  2.776  1.00 4.15  ? 38 MET A CA   1 
ATOM   692 C C    . MET A 1 40 ? 6.597   -1.631  3.232  1.00 3.80  ? 38 MET A C    1 
ATOM   693 O O    . MET A 1 40 ? 7.584   -1.028  3.637  1.00 4.21  ? 38 MET A O    1 
ATOM   694 C CB   . MET A 1 40 ? 4.362   -0.884  3.936  1.00 4.15  ? 38 MET A CB   1 
ATOM   695 C CG   . MET A 1 40 ? 3.242   0.124   3.774  1.00 4.54  ? 38 MET A CG   1 
ATOM   696 S SD   . MET A 1 40 ? 2.081   -0.169  5.140  1.00 4.49  ? 38 MET A SD   1 
ATOM   697 C CE   . MET A 1 40 ? 1.122   1.360   5.011  1.00 6.11  ? 38 MET A CE   1 
ATOM   698 H H    . MET A 1 40 ? 4.007   -1.744  1.638  1.00 4.78  ? 38 MET A H    1 
ATOM   699 H HA   . MET A 1 40 ? 5.613   0.058   2.594  1.00 4.98  ? 38 MET A HA   1 
ATOM   700 H HB2  . MET A 1 40 ? 3.962   -1.766  3.994  1.00 4.98  ? 38 MET A HB2  1 
ATOM   701 H HB3  . MET A 1 40 ? 4.831   -0.679  4.759  1.00 4.98  ? 38 MET A HB3  1 
ATOM   702 H HG2  . MET A 1 40 ? 3.592   1.026   3.840  1.00 5.45  ? 38 MET A HG2  1 
ATOM   703 H HG3  . MET A 1 40 ? 2.784   -0.016  2.930  1.00 5.45  ? 38 MET A HG3  1 
ATOM   704 H HE1  . MET A 1 40 ? 0.442   1.361   5.688  1.00 7.33  ? 38 MET A HE1  1 
ATOM   705 H HE2  . MET A 1 40 ? 1.710   2.109   5.136  1.00 7.33  ? 38 MET A HE2  1 
ATOM   706 H HE3  . MET A 1 40 ? 0.719   1.402   4.141  1.00 7.33  ? 38 MET A HE3  1 
ATOM   707 N N    A HIS A 1 41 ? 6.570   -2.948  3.210  0.50 3.94  ? 39 HIS A N    1 
ATOM   708 N N    B HIS A 1 41 ? 6.529   -2.970  3.250  0.50 4.12  ? 39 HIS A N    1 
ATOM   709 C CA   A HIS A 1 41 ? 7.687   -3.678  3.717  0.50 5.03  ? 39 HIS A CA   1 
ATOM   710 C CA   B HIS A 1 41 ? 7.659   -3.798  3.659  0.50 4.99  ? 39 HIS A CA   1 
ATOM   711 C C    A HIS A 1 41 ? 8.908   -3.500  2.819  0.50 5.41  ? 39 HIS A C    1 
ATOM   712 C C    B HIS A 1 41 ? 8.883   -3.456  2.827  0.50 5.12  ? 39 HIS A C    1 
ATOM   713 O O    A HIS A 1 41 ? 10.032  -3.402  3.292  0.50 5.77  ? 39 HIS A O    1 
ATOM   714 O O    B HIS A 1 41 ? 9.970   -3.204  3.360  0.50 5.12  ? 39 HIS A O    1 
ATOM   715 C CB   A HIS A 1 41 ? 7.290   -5.119  3.867  0.50 5.76  ? 39 HIS A CB   1 
ATOM   716 C CB   B HIS A 1 41 ? 7.312   -5.290  3.557  0.50 5.75  ? 39 HIS A CB   1 
ATOM   717 C CG   A HIS A 1 41 ? 8.287   -5.907  4.610  0.50 5.92  ? 39 HIS A CG   1 
ATOM   718 C CG   B HIS A 1 41 ? 8.464   -6.197  3.821  0.50 8.57  ? 39 HIS A CG   1 
ATOM   719 N ND1  A HIS A 1 41 ? 8.467   -5.871  5.981  0.50 8.66  ? 39 HIS A ND1  1 
ATOM   720 N ND1  B HIS A 1 41 ? 9.098   -6.931  2.842  0.50 9.77  ? 39 HIS A ND1  1 
ATOM   721 C CD2  A HIS A 1 41 ? 9.201   -6.760  4.134  0.50 7.13  ? 39 HIS A CD2  1 
ATOM   722 C CD2  B HIS A 1 41 ? 9.124   -6.442  4.965  0.50 10.54 ? 39 HIS A CD2  1 
ATOM   723 C CE1  A HIS A 1 41 ? 9.454   -6.677  6.304  0.50 7.31  ? 39 HIS A CE1  1 
ATOM   724 C CE1  B HIS A 1 41 ? 10.066  -7.633  3.391  0.50 11.63 ? 39 HIS A CE1  1 
ATOM   725 N NE2  A HIS A 1 41 ? 9.914   -7.225  5.203  0.50 9.26  ? 39 HIS A NE2  1 
ATOM   726 N NE2  B HIS A 1 41 ? 10.114  -7.343  4.676  0.50 11.35 ? 39 HIS A NE2  1 
ATOM   727 H H    A HIS A 1 41 ? 5.923   -3.430  2.911  0.50 4.73  ? 39 HIS A H    1 
ATOM   728 H H    B HIS A 1 41 ? 5.831   -3.421  3.026  0.50 4.95  ? 39 HIS A H    1 
ATOM   729 H HA   A HIS A 1 41 ? 7.916   -3.334  4.606  0.50 6.04  ? 39 HIS A HA   1 
ATOM   730 H HA   B HIS A 1 41 ? 7.870   -3.603  4.596  0.50 5.99  ? 39 HIS A HA   1 
ATOM   731 H HB2  A HIS A 1 41 ? 6.450   -5.167  4.349  0.50 6.91  ? 39 HIS A HB2  1 
ATOM   732 H HB2  B HIS A 1 41 ? 6.620   -5.494  4.204  0.50 6.90  ? 39 HIS A HB2  1 
ATOM   733 H HB3  A HIS A 1 41 ? 7.191   -5.513  2.987  0.50 6.91  ? 39 HIS A HB3  1 
ATOM   734 H HB3  B HIS A 1 41 ? 6.990   -5.474  2.661  0.50 6.90  ? 39 HIS A HB3  1 
ATOM   735 H HD1  A HIS A 1 41 ? 8.010   -5.395  6.532  0.50 10.39 ? 39 HIS A HD1  1 
ATOM   736 H HD1  B HIS A 1 41 ? 8.869   -6.961  2.013  0.50 11.73 ? 39 HIS A HD1  1 
ATOM   737 H HD2  A HIS A 1 41 ? 9.330   -6.989  3.242  0.50 8.56  ? 39 HIS A HD2  1 
ATOM   738 H HD2  B HIS A 1 41 ? 8.930   -6.085  5.802  0.50 12.65 ? 39 HIS A HD2  1 
ATOM   739 H HE1  A HIS A 1 41 ? 9.769   -6.836  7.165  0.50 8.77  ? 39 HIS A HE1  1 
ATOM   740 H HE1  B HIS A 1 41 ? 10.643  -8.208  2.942  0.50 13.95 ? 39 HIS A HE1  1 
ATOM   741 H HE2  A HIS A 1 41 ? 10.557  -7.794  5.161  0.50 11.11 ? 39 HIS A HE2  1 
ATOM   742 H HE2  B HIS A 1 41 ? 10.673  -7.669  5.240  0.50 13.62 ? 39 HIS A HE2  1 
ATOM   743 N N    . GLU A 1 42 ? 8.706   -3.438  1.509  1.00 5.34  ? 40 GLU A N    1 
ATOM   744 C CA   A GLU A 1 42 ? 9.785   -3.115  0.625  0.42 6.00  ? 40 GLU A CA   1 
ATOM   745 C CA   B GLU A 1 42 ? 9.786   -3.084  0.590  0.58 5.30  ? 40 GLU A CA   1 
ATOM   746 C C    . GLU A 1 42 ? 10.341  -1.709  0.929  1.00 5.15  ? 40 GLU A C    1 
ATOM   747 O O    . GLU A 1 42 ? 11.542  -1.505  1.040  1.00 6.53  ? 40 GLU A O    1 
ATOM   748 C CB   A GLU A 1 42 ? 9.277   -3.233  -0.787 0.42 8.40  ? 40 GLU A CB   1 
ATOM   749 C CB   B GLU A 1 42 ? 9.329   -3.132  -0.865 0.58 7.10  ? 40 GLU A CB   1 
ATOM   750 C CG   A GLU A 1 42 ? 10.341  -3.126  -1.782 0.42 11.04 ? 40 GLU A CG   1 
ATOM   751 C CG   B GLU A 1 42 ? 9.042   -4.528  -1.357 0.58 8.70  ? 40 GLU A CG   1 
ATOM   752 C CD   A GLU A 1 42 ? 11.186  -4.386  -1.895 0.42 14.83 ? 40 GLU A CD   1 
ATOM   753 C CD   B GLU A 1 42 ? 8.496   -4.611  -2.770 0.58 13.56 ? 40 GLU A CD   1 
ATOM   754 O OE1  A GLU A 1 42 ? 10.826  -5.411  -1.300 0.42 15.99 ? 40 GLU A OE1  1 
ATOM   755 O OE1  B GLU A 1 42 ? 8.909   -3.774  -3.599 0.58 16.01 ? 40 GLU A OE1  1 
ATOM   756 O OE2  A GLU A 1 42 ? 12.212  -4.332  -2.594 0.42 18.43 ? 40 GLU A OE2  1 
ATOM   757 O OE2  B GLU A 1 42 ? 7.729   -5.551  -3.069 0.58 15.23 ? 40 GLU A OE2  1 
ATOM   758 H H    A GLU A 1 42 ? 7.952   -3.580  1.118  0.42 5.99  ? 40 GLU A H    1 
ATOM   759 H H    B GLU A 1 42 ? 7.963   -3.629  1.118  0.58 5.83  ? 40 GLU A H    1 
ATOM   760 H HA   A GLU A 1 42 ? 10.509  -3.764  0.747  0.42 7.20  ? 40 GLU A HA   1 
ATOM   761 H HA   B GLU A 1 42 ? 10.513  -3.732  0.695  0.58 6.36  ? 40 GLU A HA   1 
ATOM   762 H HB2  A GLU A 1 42 ? 8.849   -4.098  -0.898 0.42 10.08 ? 40 GLU A HB2  1 
ATOM   763 H HB2  B GLU A 1 42 ? 8.516   -2.611  -0.956 0.58 8.52  ? 40 GLU A HB2  1 
ATOM   764 H HB3  A GLU A 1 42 ? 8.638   -2.524  -0.953 0.42 10.08 ? 40 GLU A HB3  1 
ATOM   765 H HB3  B GLU A 1 42 ? 10.026  -2.757  -1.426 0.58 8.52  ? 40 GLU A HB3  1 
ATOM   766 H HG2  A GLU A 1 42 ? 9.943   -2.955  -2.650 0.42 13.25 ? 40 GLU A HG2  1 
ATOM   767 H HG2  B GLU A 1 42 ? 9.865   -5.040  -1.331 0.58 10.44 ? 40 GLU A HG2  1 
ATOM   768 H HG3  A GLU A 1 42 ? 10.928  -2.394  -1.537 0.42 13.25 ? 40 GLU A HG3  1 
ATOM   769 H HG3  B GLU A 1 42 ? 8.388   -4.935  -0.766 0.58 10.44 ? 40 GLU A HG3  1 
ATOM   770 N N    . TYR A 1 43 ? 9.463   -0.734  1.107  1.00 4.06  ? 41 TYR A N    1 
ATOM   771 C CA   . TYR A 1 43 ? 9.873   0.623   1.390  1.00 4.06  ? 41 TYR A CA   1 
ATOM   772 C C    . TYR A 1 43 ? 10.716  0.706   2.662  1.00 3.82  ? 41 TYR A C    1 
ATOM   773 O O    . TYR A 1 43 ? 11.750  1.375   2.681  1.00 4.56  ? 41 TYR A O    1 
ATOM   774 C CB   . TYR A 1 43 ? 8.642   1.533   1.482  1.00 4.53  ? 41 TYR A CB   1 
ATOM   775 C CG   . TYR A 1 43 ? 8.962   2.933   1.871  1.00 5.10  ? 41 TYR A CG   1 
ATOM   776 C CD1  . TYR A 1 43 ? 9.619   3.810   1.026  1.00 6.26  ? 41 TYR A CD1  1 
ATOM   777 C CD2  . TYR A 1 43 ? 8.678   3.379   3.108  1.00 9.89  ? 41 TYR A CD2  1 
ATOM   778 C CE1  . TYR A 1 43 ? 9.932   5.093   1.418  1.00 8.94  ? 41 TYR A CE1  1 
ATOM   779 C CE2  . TYR A 1 43 ? 8.955   4.642   3.501  1.00 12.37 ? 41 TYR A CE2  1 
ATOM   780 C CZ   . TYR A 1 43 ? 9.585   5.511   2.633  1.00 12.10 ? 41 TYR A CZ   1 
ATOM   781 O OH   . TYR A 1 43 ? 9.870   6.805   2.984  1.00 16.17 ? 41 TYR A OH   1 
ATOM   782 H H    . TYR A 1 43 ? 8.610   -0.839  1.066  1.00 4.88  ? 41 TYR A H    1 
ATOM   783 H HA   . TYR A 1 43 ? 10.426  0.944   0.648  1.00 4.88  ? 41 TYR A HA   1 
ATOM   784 H HB2  . TYR A 1 43 ? 8.207   1.559   0.615  1.00 5.44  ? 41 TYR A HB2  1 
ATOM   785 H HB3  . TYR A 1 43 ? 8.034   1.173   2.146  1.00 5.44  ? 41 TYR A HB3  1 
ATOM   786 H HD1  . TYR A 1 43 ? 9.847   3.528   0.169  1.00 7.52  ? 41 TYR A HD1  1 
ATOM   787 H HD2  . TYR A 1 43 ? 8.236   2.812   3.699  1.00 11.86 ? 41 TYR A HD2  1 
ATOM   788 H HE1  . TYR A 1 43 ? 10.344  5.676   0.822  1.00 10.73 ? 41 TYR A HE1  1 
ATOM   789 H HE2  . TYR A 1 43 ? 8.719   4.926   4.354  1.00 14.84 ? 41 TYR A HE2  1 
ATOM   790 H HH   . TYR A 1 43 ? 10.365  6.815   3.638  1.00 19.40 ? 41 TYR A HH   1 
ATOM   791 N N    . PHE A 1 44 ? 10.261  0.067   3.727  1.00 3.60  ? 42 PHE A N    1 
ATOM   792 C CA   . PHE A 1 44 ? 10.931  0.190   5.014  1.00 3.84  ? 42 PHE A CA   1 
ATOM   793 C C    . PHE A 1 44 ? 12.127  -0.727  5.179  1.00 3.67  ? 42 PHE A C    1 
ATOM   794 O O    . PHE A 1 44 ? 12.927  -0.509  6.096  1.00 5.27  ? 42 PHE A O    1 
ATOM   795 C CB   . PHE A 1 44 ? 9.943   0.007   6.156  1.00 4.32  ? 42 PHE A CB   1 
ATOM   796 C CG   . PHE A 1 44 ? 9.008   1.212   6.326  1.00 5.16  ? 42 PHE A CG   1 
ATOM   797 C CD1  . PHE A 1 44 ? 9.529   2.445   6.725  1.00 6.22  ? 42 PHE A CD1  1 
ATOM   798 C CD2  . PHE A 1 44 ? 7.645   1.101   6.099  1.00 6.00  ? 42 PHE A CD2  1 
ATOM   799 C CE1  . PHE A 1 44 ? 8.715   3.527   6.912  1.00 7.56  ? 42 PHE A CE1  1 
ATOM   800 C CE2  . PHE A 1 44 ? 6.841   2.208   6.286  1.00 7.03  ? 42 PHE A CE2  1 
ATOM   801 C CZ   . PHE A 1 44 ? 7.383   3.409   6.679  1.00 8.18  ? 42 PHE A CZ   1 
ATOM   802 H H    . PHE A 1 44 ? 9.569   -0.442  3.733  1.00 4.32  ? 42 PHE A H    1 
ATOM   803 H HA   . PHE A 1 44 ? 11.271  1.106   5.083  1.00 4.60  ? 42 PHE A HA   1 
ATOM   804 H HB2  . PHE A 1 44 ? 9.397   -0.775  5.978  1.00 5.19  ? 42 PHE A HB2  1 
ATOM   805 H HB3  . PHE A 1 44 ? 10.436  -0.112  6.983  1.00 5.19  ? 42 PHE A HB3  1 
ATOM   806 H HD1  . PHE A 1 44 ? 10.441  2.526   6.887  1.00 7.47  ? 42 PHE A HD1  1 
ATOM   807 H HD2  . PHE A 1 44 ? 7.277   0.289   5.835  1.00 7.20  ? 42 PHE A HD2  1 
ATOM   808 H HE1  . PHE A 1 44 ? 9.074   4.344   7.173  1.00 9.07  ? 42 PHE A HE1  1 
ATOM   809 H HE2  . PHE A 1 44 ? 5.926   2.143   6.133  1.00 8.44  ? 42 PHE A HE2  1 
ATOM   810 H HZ   . PHE A 1 44 ? 6.829   4.147   6.796  1.00 9.82  ? 42 PHE A HZ   1 
ATOM   811 N N    A GLN A 1 45 ? 12.316  -1.696  4.296  0.62 3.31  ? 43 GLN A N    1 
ATOM   812 N N    B GLN A 1 45 ? 12.314  -1.699  4.312  0.28 3.41  ? 43 GLN A N    1 
ATOM   813 C CA   A GLN A 1 45 ? 13.501  -2.557  4.269  0.62 3.96  ? 43 GLN A CA   1 
ATOM   814 C CA   B GLN A 1 45 ? 13.420  -2.614  4.481  0.28 3.91  ? 43 GLN A CA   1 
ATOM   815 C C    A GLN A 1 45 ? 14.601  -2.023  3.393  0.62 4.09  ? 43 GLN A C    1 
ATOM   816 C C    B GLN A 1 45 ? 14.530  -2.354  3.478  0.28 3.56  ? 43 GLN A C    1 
ATOM   817 O O    A GLN A 1 45 ? 15.767  -2.020  3.764  0.62 5.50  ? 43 GLN A O    1 
ATOM   818 O O    B GLN A 1 45 ? 15.626  -2.910  3.609  0.28 4.03  ? 43 GLN A O    1 
ATOM   819 C CB   A GLN A 1 45 ? 13.127  -3.994  3.830  0.62 5.53  ? 43 GLN A CB   1 
ATOM   820 C CB   B GLN A 1 45 ? 12.914  -4.044  4.401  0.28 4.94  ? 43 GLN A CB   1 
ATOM   821 C CG   A GLN A 1 45 ? 12.424  -4.714  4.953  0.62 10.39 ? 43 GLN A CG   1 
ATOM   822 C CG   B GLN A 1 45 ? 11.846  -4.355  5.482  0.28 6.94  ? 43 GLN A CG   1 
ATOM   823 C CD   A GLN A 1 45 ? 13.408  -5.069  6.073  0.62 13.29 ? 43 GLN A CD   1 
ATOM   824 C CD   B GLN A 1 45 ? 12.461  -4.645  6.859  0.28 11.15 ? 43 GLN A CD   1 
ATOM   825 O OE1  A GLN A 1 45 ? 13.311  -4.582  7.262  0.62 12.95 ? 43 GLN A OE1  1 
ATOM   826 O OE1  B GLN A 1 45 ? 13.491  -5.321  6.955  0.28 13.32 ? 43 GLN A OE1  1 
ATOM   827 N NE2  A GLN A 1 45 ? 14.423  -5.841  5.686  0.62 15.04 ? 43 GLN A NE2  1 
ATOM   828 N NE2  B GLN A 1 45 ? 11.844  -4.150  7.918  0.28 13.24 ? 43 GLN A NE2  1 
ATOM   829 H H    A GLN A 1 45 ? 11.751  -1.885  3.676  0.62 3.98  ? 43 GLN A H    1 
ATOM   830 H H    B GLN A 1 45 ? 11.821  -1.852  3.624  0.28 4.10  ? 43 GLN A H    1 
ATOM   831 H HA   A GLN A 1 45 ? 13.858  -2.615  5.180  0.62 4.75  ? 43 GLN A HA   1 
ATOM   832 H HA   B GLN A 1 45 ? 13.797  -2.484  5.377  0.28 4.70  ? 43 GLN A HA   1 
ATOM   833 H HB2  A GLN A 1 45 ? 12.528  -3.954  3.067  0.62 6.64  ? 43 GLN A HB2  1 
ATOM   834 H HB2  B GLN A 1 45 ? 12.511  -4.190  3.531  0.28 5.93  ? 43 GLN A HB2  1 
ATOM   835 H HB3  A GLN A 1 45 ? 13.932  -4.486  3.605  0.62 6.64  ? 43 GLN A HB3  1 
ATOM   836 H HB3  B GLN A 1 45 ? 13.658  -4.652  4.530  0.28 5.93  ? 43 GLN A HB3  1 
ATOM   837 H HG2  A GLN A 1 45 ? 11.734  -4.141  5.321  0.62 12.47 ? 43 GLN A HG2  1 
ATOM   838 H HG2  B GLN A 1 45 ? 11.256  -3.589  5.572  0.28 8.33  ? 43 GLN A HG2  1 
ATOM   839 H HG3  A GLN A 1 45 ? 12.035  -5.536  4.615  0.62 12.47 ? 43 GLN A HG3  1 
ATOM   840 H HG3  B GLN A 1 45 ? 11.339  -5.134  5.209  0.28 8.33  ? 43 GLN A HG3  1 
ATOM   841 H HE21 A GLN A 1 45 ? 14.481  -6.095  4.867  0.62 18.05 ? 43 GLN A HE21 1 
ATOM   842 H HE21 B GLN A 1 45 ? 11.127  -3.684  7.819  0.28 15.88 ? 43 GLN A HE21 1 
ATOM   843 H HE22 A GLN A 1 45 ? 15.019  -6.084  6.256  0.62 18.05 ? 43 GLN A HE22 1 
ATOM   844 H HE22 B GLN A 1 45 ? 12.159  -4.291  8.705  0.28 15.88 ? 43 GLN A HE22 1 
ATOM   845 N N    A GLN A 1 46 ? 14.250  -1.524  2.226  0.62 4.38  ? 44 GLN A N    1 
ATOM   846 N N    B GLN A 1 46 ? 14.263  -1.489  2.505  0.28 3.71  ? 44 GLN A N    1 
ATOM   847 N N    C GLN A 1 46 ? 14.384  -1.667  2.386  0.10 5.43  ? 44 GLN A N    1 
ATOM   848 C CA   A GLN A 1 46 ? 15.229  -1.137  1.221  0.62 4.29  ? 44 GLN A CA   1 
ATOM   849 C CA   B GLN A 1 46 ? 15.218  -1.187  1.440  0.28 4.98  ? 44 GLN A CA   1 
ATOM   850 C CA   C GLN A 1 46 ? 15.269  -1.199  1.323  0.10 5.40  ? 44 GLN A CA   1 
ATOM   851 C C    A GLN A 1 46 ? 15.785  0.259   1.497  0.62 3.20  ? 44 GLN A C    1 
ATOM   852 C C    B GLN A 1 46 ? 15.783  0.216   1.701  0.28 4.26  ? 44 GLN A C    1 
ATOM   853 C C    C GLN A 1 46 ? 15.779  0.206   1.642  0.10 4.56  ? 44 GLN A C    1 
ATOM   854 O O    A GLN A 1 46 ? 15.025  1.226   1.630  0.62 3.23  ? 44 GLN A O    1 
ATOM   855 O O    B GLN A 1 46 ? 15.038  1.138   2.042  0.28 3.86  ? 44 GLN A O    1 
ATOM   856 O O    C GLN A 1 46 ? 15.000  1.106   1.957  0.10 4.56  ? 44 GLN A O    1 
ATOM   857 C CB   A GLN A 1 46 ? 14.546  -1.176  -0.141 0.62 5.10  ? 44 GLN A CB   1 
ATOM   858 C CB   B GLN A 1 46 ? 14.539  -1.294  0.042  0.28 7.00  ? 44 GLN A CB   1 
ATOM   859 C CB   C GLN A 1 46 ? 14.535  -1.221  -0.021 0.10 6.04  ? 44 GLN A CB   1 
ATOM   860 C CG   A GLN A 1 46 ? 14.047  -2.501  -0.589 0.62 6.88  ? 44 GLN A CG   1 
ATOM   861 C CG   B GLN A 1 46 ? 14.045  -2.720  -0.367 0.28 9.76  ? 44 GLN A CG   1 
ATOM   862 C CG   C GLN A 1 46 ? 14.077  -2.610  -0.464 0.10 6.33  ? 44 GLN A CG   1 
ATOM   863 C CD   A GLN A 1 46 ? 15.116  -3.514  -0.854 0.62 10.16 ? 44 GLN A CD   1 
ATOM   864 C CD   B GLN A 1 46 ? 13.347  -2.826  -1.779 0.28 11.81 ? 44 GLN A CD   1 
ATOM   865 C CD   C GLN A 1 46 ? 15.218  -3.570  -0.737 0.10 5.68  ? 44 GLN A CD   1 
ATOM   866 O OE1  A GLN A 1 46 ? 16.330  -3.234  -0.786 0.62 10.87 ? 44 GLN A OE1  1 
ATOM   867 O OE1  B GLN A 1 46 ? 12.744  -1.868  -2.290 0.28 12.38 ? 44 GLN A OE1  1 
ATOM   868 O OE1  C GLN A 1 46 ? 16.163  -3.234  -1.458 0.10 5.66  ? 44 GLN A OE1  1 
ATOM   869 N NE2  A GLN A 1 46 ? 14.686  -4.707  -1.223 0.62 13.89 ? 44 GLN A NE2  1 
ATOM   870 N NE2  B GLN A 1 46 ? 13.561  -3.967  -2.446 0.28 14.74 ? 44 GLN A NE2  1 
ATOM   871 N NE2  C GLN A 1 46 ? 15.129  -4.779  -0.184 0.10 4.43  ? 44 GLN A NE2  1 
ATOM   872 H H    A GLN A 1 46 ? 13.435  -1.396  1.983  0.62 5.25  ? 44 GLN A H    1 
ATOM   873 H H    B GLN A 1 46 ? 13.523  -1.055  2.438  0.28 4.45  ? 44 GLN A H    1 
ATOM   874 H HA   A GLN A 1 46 ? 15.972  -1.776  1.218  0.62 5.14  ? 44 GLN A HA   1 
ATOM   875 H HA   B GLN A 1 46 ? 15.958  -1.829  1.475  0.28 5.98  ? 44 GLN A HA   1 
ATOM   876 H HA   C GLN A 1 46 ? 16.042  -1.799  1.259  0.10 6.48  ? 44 GLN A HA   1 
ATOM   877 H HB2  A GLN A 1 46 ? 13.785  -0.575  -0.116 0.62 6.12  ? 44 GLN A HB2  1 
ATOM   878 H HB2  B GLN A 1 46 ? 13.767  -0.706  0.031  0.28 8.41  ? 44 GLN A HB2  1 
ATOM   879 H HB2  C GLN A 1 46 ? 13.748  -0.658  0.045  0.10 7.24  ? 44 GLN A HB2  1 
ATOM   880 H HB3  A GLN A 1 46 ? 15.179  -0.867  -0.807 0.62 6.12  ? 44 GLN A HB3  1 
ATOM   881 H HB3  B GLN A 1 46 ? 15.175  -1.004  -0.630 0.28 8.41  ? 44 GLN A HB3  1 
ATOM   882 H HB3  C GLN A 1 46 ? 15.129  -0.874  -0.705 0.10 7.24  ? 44 GLN A HB3  1 
ATOM   883 H HG2  A GLN A 1 46 ? 13.466  -2.862  0.099  0.62 8.25  ? 44 GLN A HG2  1 
ATOM   884 H HG2  B GLN A 1 46 ? 14.809  -3.317  -0.376 0.28 11.71 ? 44 GLN A HG2  1 
ATOM   885 H HG2  C GLN A 1 46 ? 13.525  -2.994  0.235  0.10 7.59  ? 44 GLN A HG2  1 
ATOM   886 H HG3  A GLN A 1 46 ? 13.545  -2.382  -1.410 0.62 8.25  ? 44 GLN A HG3  1 
ATOM   887 H HG3  B GLN A 1 46 ? 13.406  -3.023  0.296  0.28 11.71 ? 44 GLN A HG3  1 
ATOM   888 H HG3  C GLN A 1 46 ? 13.560  -2.522  -1.281 0.10 7.59  ? 44 GLN A HG3  1 
ATOM   889 H HE21 A GLN A 1 46 ? 13.842  -4.856  -1.296 0.62 16.67 ? 44 GLN A HE21 1 
ATOM   890 H HE21 C GLN A 1 46 ? 14.447  -4.982  0.300  0.10 5.32  ? 44 GLN A HE21 1 
ATOM   891 H HE22 A GLN A 1 46 ? 15.249  -5.335  -1.391 0.62 16.67 ? 44 GLN A HE22 1 
ATOM   892 H HE22 C GLN A 1 46 ? 15.752  -5.357  -0.311 0.10 5.32  ? 44 GLN A HE22 1 
ATOM   893 N N    . SER A 1 47 ? 17.093  0.383   1.553  1.00 3.68  ? 45 SER A N    1 
ATOM   894 C CA   . SER A 1 47 ? 17.735  1.602   2.017  1.00 3.45  ? 45 SER A CA   1 
ATOM   895 C C    . SER A 1 47 ? 17.406  2.805   1.152  1.00 3.31  ? 45 SER A C    1 
ATOM   896 O O    . SER A 1 47 ? 17.552  2.753   -0.070 1.00 3.93  ? 45 SER A O    1 
ATOM   897 C CB   . SER A 1 47 ? 19.240  1.366   2.019  1.00 3.64  ? 45 SER A CB   1 
ATOM   898 O OG   . SER A 1 47 ? 19.930  2.402   2.704  1.00 4.07  ? 45 SER A OG   1 
ATOM   899 H H    . SER A 1 47 ? 17.646  -0.234  1.323  1.00 4.41  ? 45 SER A H    1 
ATOM   900 H HA   . SER A 1 47 ? 17.449  1.792   2.935  1.00 4.14  ? 45 SER A HA   1 
ATOM   901 H HB2  . SER A 1 47 ? 19.424  0.522   2.459  1.00 4.37  ? 45 SER A HB2  1 
ATOM   902 H HB3  . SER A 1 47 ? 19.553  1.335   1.101  1.00 4.37  ? 45 SER A HB3  1 
ATOM   903 H HG   . SER A 1 47 ? 20.737  2.257   2.694  1.00 4.88  ? 45 SER A HG   1 
ATOM   904 N N    . ASP A 1 48 ? 17.046  3.903   1.795  1.00 3.75  ? 46 ASP A N    1 
ATOM   905 C CA   . ASP A 1 48 ? 16.798  5.183   1.112  1.00 4.39  ? 46 ASP A CA   1 
ATOM   906 C C    . ASP A 1 48 ? 16.712  6.278   2.183  1.00 5.46  ? 46 ASP A C    1 
ATOM   907 O O    . ASP A 1 48 ? 17.735  6.608   2.771  1.00 6.98  ? 46 ASP A O    1 
ATOM   908 C CB   . ASP A 1 48 ? 15.579  5.145   0.215  1.00 4.19  ? 46 ASP A CB   1 
ATOM   909 C CG   . ASP A 1 48 ? 15.401  6.384   -0.583 1.00 4.25  ? 46 ASP A CG   1 
ATOM   910 O OD1  . ASP A 1 48 ? 14.289  6.560   -1.175 1.00 4.93  ? 46 ASP A OD1  1 
ATOM   911 O OD2  . ASP A 1 48 ? 16.338  7.199   -0.690 1.00 6.14  ? 46 ASP A OD2  1 
ATOM   912 O OXT  . ASP A 1 48 ? 15.588  6.792   2.409  1.00 8.69  ? 46 ASP A OXT  1 
ATOM   913 H H    . ASP A 1 48 ? 16.936  3.944   2.646  1.00 4.50  ? 46 ASP A H    1 
ATOM   914 H HA   . ASP A 1 48 ? 17.571  5.387   0.546  1.00 5.27  ? 46 ASP A HA   1 
ATOM   915 H HB2  . ASP A 1 48 ? 15.665  4.402   -0.402 1.00 5.03  ? 46 ASP A HB2  1 
ATOM   916 H HB3  . ASP A 1 48 ? 14.788  5.029   0.764  1.00 5.03  ? 46 ASP A HB3  1 
HETATM 917 O O    . HOH B 2 .  ? 12.966  2.738   0.673  1.00 7.09  ? 47 HOH A O    1 
HETATM 918 O O    . HOH B 2 .  ? 5.128   13.913  0.181  1.00 32.54 ? 48 HOH A O    1 
HETATM 919 O O    . HOH B 2 .  ? 18.714  -1.886  0.839  0.92 13.39 ? 49 HOH A O    1 
HETATM 920 O O    . HOH B 2 .  ? -14.289 -4.708  -6.249 1.00 6.25  ? 50 HOH A O    1 
HETATM 921 O O    . HOH B 2 .  ? -14.648 -6.440  -3.925 1.00 6.04  ? 51 HOH A O    1 
HETATM 922 O O    . HOH B 2 .  ? -13.098 -1.123  -7.329 0.95 5.01  ? 52 HOH A O    1 
HETATM 923 O O    . HOH B 2 .  ? 11.723  10.594  4.942  0.87 27.82 ? 53 HOH A O    1 
HETATM 924 O O    A HOH B 2 .  ? -22.336 5.627   -1.859 0.48 16.83 ? 54 HOH A O    1 
HETATM 925 O O    B HOH B 2 .  ? -21.450 7.082   -2.890 0.52 25.12 ? 54 HOH A O    1 
HETATM 926 O O    . HOH B 2 .  ? -13.387 -10.273 8.929  1.00 24.15 ? 55 HOH A O    1 
HETATM 927 O O    . HOH B 2 .  ? -6.447  8.348   0.738  1.00 25.95 ? 56 HOH A O    1 
HETATM 928 O O    . HOH B 2 .  ? -10.380 -10.754 -0.314 0.90 8.36  ? 57 HOH A O    1 
HETATM 929 O O    . HOH B 2 .  ? -13.491 0.976   -5.626 0.95 8.18  ? 58 HOH A O    1 
HETATM 930 O O    . HOH B 2 .  ? -15.363 8.211   0.034  0.71 5.03  ? 59 HOH A O    1 
HETATM 931 O O    . HOH B 2 .  ? 1.107   13.191  -1.630 0.83 7.96  ? 60 HOH A O    1 
HETATM 932 O O    . HOH B 2 .  ? -16.677 -8.087  -1.373 1.00 14.51 ? 61 HOH A O    1 
HETATM 933 O O    . HOH B 2 .  ? -15.607 5.189   -3.961 0.91 18.23 ? 62 HOH A O    1 
HETATM 934 O O    . HOH B 2 .  ? -6.014  -6.780  6.356  0.81 12.36 ? 63 HOH A O    1 
HETATM 935 O O    . HOH B 2 .  ? -3.685  8.536   0.381  0.87 18.79 ? 64 HOH A O    1 
HETATM 936 O O    . HOH B 2 .  ? 4.410   11.141  -0.973 0.86 14.64 ? 65 HOH A O    1 
HETATM 937 O O    . HOH B 2 .  ? -3.553  -7.380  5.632  0.79 12.89 ? 66 HOH A O    1 
HETATM 938 O O    . HOH B 2 .  ? 16.504  -3.495  6.181  0.75 10.63 ? 67 HOH A O    1 
HETATM 939 O O    . HOH B 2 .  ? 1.626   4.876   4.557  0.88 14.53 ? 68 HOH A O    1 
HETATM 940 O O    . HOH B 2 .  ? 5.835   7.096   -8.935 0.81 14.24 ? 69 HOH A O    1 
HETATM 941 O O    . HOH B 2 .  ? -14.467 -7.873  8.000  0.71 12.50 ? 70 HOH A O    1 
HETATM 942 O O    . HOH B 2 .  ? -17.758 -6.179  -3.233 1.00 10.63 ? 71 HOH A O    1 
HETATM 943 O O    . HOH B 2 .  ? -12.066 0.585   7.947  1.00 6.09  ? 72 HOH A O    1 
HETATM 944 O O    . HOH B 2 .  ? 6.899   10.746  -1.988 0.96 19.32 ? 73 HOH A O    1 
HETATM 945 O O    . HOH B 2 .  ? 3.943   6.653   2.193  0.90 19.37 ? 74 HOH A O    1 
HETATM 946 O O    . HOH B 2 .  ? -3.230  9.047   -3.397 0.91 13.56 ? 75 HOH A O    1 
HETATM 947 O O    . HOH B 2 .  ? -1.543  11.457  -2.279 1.00 23.72 ? 76 HOH A O    1 
HETATM 948 O O    . HOH B 2 .  ? 15.586  9.830   -0.373 0.93 18.00 ? 77 HOH A O    1 
HETATM 949 O O    . HOH B 2 .  ? -6.079  9.895   -4.437 0.87 19.15 ? 78 HOH A O    1 
HETATM 950 O O    . HOH B 2 .  ? -14.612 7.512   -2.524 0.82 18.73 ? 79 HOH A O    1 
HETATM 951 O O    A HOH B 2 .  ? 12.506  4.498   -1.352 0.76 5.97  ? 80 HOH A O    1 
HETATM 952 O O    B HOH B 2 .  ? 12.161  5.277   -0.560 0.24 4.50  ? 80 HOH A O    1 
HETATM 953 O O    . HOH B 2 .  ? -5.951  -8.789  3.873  1.00 14.42 ? 81 HOH A O    1 
HETATM 954 O O    A HOH B 2 .  ? 11.094  -3.600  8.210  0.51 12.52 ? 82 HOH A O    1 
HETATM 955 O O    B HOH B 2 .  ? 15.794  -6.053  6.636  0.49 15.19 ? 82 HOH A O    1 
HETATM 956 O O    . HOH B 2 .  ? -10.886 3.611   -7.133 1.00 21.35 ? 83 HOH A O    1 
HETATM 957 O O    . HOH B 2 .  ? -9.550  -9.549  -4.815 1.00 34.53 ? 84 HOH A O    1 
HETATM 958 O O    A HOH B 2 .  ? -10.984 -8.075  -5.861 0.62 15.20 ? 85 HOH A O    1 
HETATM 959 O O    B HOH B 2 .  ? -10.740 -9.275  -7.672 0.38 19.24 ? 85 HOH A O    1 
HETATM 960 O O    . HOH B 2 .  ? 12.301  -5.903  0.501  1.00 31.80 ? 86 HOH A O    1 
HETATM 961 O O    . HOH B 2 .  ? -13.036 -9.199  5.768  1.00 12.79 ? 87 HOH A O    1 
HETATM 962 O O    . HOH B 2 .  ? -7.729  -11.208 -0.053 1.00 12.09 ? 88 HOH A O    1 
HETATM 963 O O    . HOH B 2 .  ? -6.578  -11.201 2.344  1.00 21.20 ? 89 HOH A O    1 
HETATM 964 O O    . HOH B 2 .  ? -12.543 -10.942 1.410  0.75 8.26  ? 90 HOH A O    1 
HETATM 965 O O    . HOH B 2 .  ? -14.002 -10.244 3.594  0.83 13.22 ? 91 HOH A O    1 
HETATM 966 O O    . HOH B 2 .  ? -17.611 1.536   -6.735 1.00 17.41 ? 92 HOH A O    1 
HETATM 967 O O    . HOH B 2 .  ? 15.362  7.718   4.882  1.00 21.88 ? 93 HOH A O    1 
HETATM 968 O O    . HOH B 2 .  ? 4.156   3.860   4.690  0.91 22.98 ? 94 HOH A O    1 
HETATM 969 O O    . HOH B 2 .  ? -20.285 4.101   -2.828 1.00 26.82 ? 95 HOH A O    1 
HETATM 970 O O    . HOH B 2 .  ? 0.631   -8.830  3.718  1.00 23.03 ? 96 HOH A O    1 
HETATM 971 O O    . HOH B 2 .  ? -12.532 4.363   -8.587 1.00 31.21 ? 97 HOH A O    1 
HETATM 972 O O    A HOH B 2 .  ? -9.288  8.425   -1.465 0.61 20.77 ? 98 HOH A O    1 
HETATM 973 O O    B HOH B 2 .  ? -8.701  9.623   -0.744 0.39 26.60 ? 98 HOH A O    1 
# 
loop_
_atom_site_anisotrop.id 
_atom_site_anisotrop.type_symbol 
_atom_site_anisotrop.pdbx_label_atom_id 
_atom_site_anisotrop.pdbx_label_alt_id 
_atom_site_anisotrop.pdbx_label_comp_id 
_atom_site_anisotrop.pdbx_label_asym_id 
_atom_site_anisotrop.pdbx_label_seq_id 
_atom_site_anisotrop.pdbx_PDB_ins_code 
_atom_site_anisotrop.U[1][1] 
_atom_site_anisotrop.U[2][2] 
_atom_site_anisotrop.U[3][3] 
_atom_site_anisotrop.U[1][2] 
_atom_site_anisotrop.U[1][3] 
_atom_site_anisotrop.U[2][3] 
_atom_site_anisotrop.pdbx_auth_seq_id 
_atom_site_anisotrop.pdbx_auth_comp_id 
_atom_site_anisotrop.pdbx_auth_asym_id 
_atom_site_anisotrop.pdbx_auth_atom_id 
1   N N   . GLY A 1  ? 0.1704 0.2463 0.1791 0.0681  -0.0067 -0.0214 -1 GLY A N   
2   C CA  . GLY A 1  ? 0.2425 0.2415 0.1473 0.0757  -0.0186 0.0088  -1 GLY A CA  
3   C C   . GLY A 1  ? 0.2703 0.2133 0.1524 0.0855  -0.0198 0.0278  -1 GLY A C   
4   O O   . GLY A 1  ? 0.2603 0.2015 0.1468 0.0443  -0.0140 0.0561  -1 GLY A O   
10  N N   . SER A 2  ? 0.2897 0.1997 0.1736 0.1152  -0.0275 -0.0158 0  SER A N   
11  C CA  . SER A 2  ? 0.3170 0.2296 0.2527 0.1190  -0.0526 -0.0237 0  SER A CA  
12  C C   . SER A 2  ? 0.3189 0.2038 0.2799 0.1327  -0.0858 -0.0274 0  SER A C   
13  O O   . SER A 2  ? 0.3246 0.2436 0.3527 0.1489  -0.0918 -0.0390 0  SER A O   
14  C CB  . SER A 2  ? 0.3453 0.2531 0.3263 0.1043  -0.0444 -0.0310 0  SER A CB  
15  O OG  . SER A 2  ? 0.3841 0.2819 0.3809 0.0945  -0.0403 -0.0297 0  SER A OG  
21  N N   . GLY A 3  ? 0.3406 0.1474 0.2505 0.0717  -0.1035 -0.0248 1  GLY A N   
22  C CA  . GLY A 3  ? 0.3229 0.1086 0.2088 0.0220  -0.0805 0.0018  1  GLY A CA  
23  C C   . GLY A 3  ? 0.2180 0.0713 0.1200 -0.0311 -0.0452 0.0228  1  GLY A C   
24  O O   . GLY A 3  ? 0.2566 0.1215 0.1674 -0.0650 -0.0554 0.0561  1  GLY A O   
28  N N   . SER A 4  ? 0.1477 0.0590 0.1076 -0.0141 -0.0056 0.0193  2  SER A N   
29  C CA  . SER A 4  ? 0.0867 0.0670 0.1136 -0.0095 0.0113  0.0012  2  SER A CA  
30  C C   . SER A 4  ? 0.0488 0.0660 0.1197 -0.0030 0.0025  0.0022  2  SER A C   
31  O O   . SER A 4  ? 0.0590 0.0665 0.1335 -0.0071 0.0039  -0.0253 2  SER A O   
32  C CB  . SER A 4  ? 0.0597 0.0505 0.1205 0.0147  -0.0250 -0.0002 2  SER A CB  
33  O OG  . SER A 4  ? 0.0718 0.0644 0.1265 0.0294  -0.0314 -0.0202 2  SER A OG  
39  N N   . PRO A 5  ? 0.0393 0.0676 0.1141 -0.0019 0.0112  0.0151  3  PRO A N   
40  C CA  . PRO A 5  ? 0.0440 0.0633 0.1048 0.0032  0.0035  0.0203  3  PRO A CA  
41  C C   . PRO A 5  ? 0.0313 0.0609 0.1010 -0.0042 0.0049  0.0194  3  PRO A C   
42  O O   . PRO A 5  ? 0.0345 0.0716 0.0894 -0.0006 -0.0014 0.0254  3  PRO A O   
43  C CB  . PRO A 5  ? 0.0547 0.0728 0.1039 0.0008  0.0075  0.0155  3  PRO A CB  
44  C CG  . PRO A 5  ? 0.0547 0.0799 0.1103 0.0054  0.0114  0.0234  3  PRO A CG  
45  C CD  . PRO A 5  ? 0.0493 0.0694 0.1129 -0.0025 0.0117  0.0058  3  PRO A CD  
53  N N   . LEU A 6  ? 0.0378 0.0596 0.1072 -0.0043 0.0003  0.0278  4  LEU A N   
54  C CA  . LEU A 6  ? 0.0557 0.0609 0.0876 -0.0018 -0.0122 0.0294  4  LEU A CA  
55  C C   . LEU A 6  ? 0.0622 0.0727 0.0732 -0.0015 -0.0277 0.0319  4  LEU A C   
56  O O   . LEU A 6  ? 0.0442 0.0783 0.0907 -0.0132 -0.0125 0.0287  4  LEU A O   
57  C CB  . LEU A 6  ? 0.0639 0.0657 0.0936 0.0007  -0.0195 0.0200  4  LEU A CB  
58  C CG  . LEU A 6  ? 0.0829 0.0793 0.0771 0.0119  -0.0181 0.0195  4  LEU A CG  
59  C CD1 . LEU A 6  ? 0.1104 0.0778 0.0923 -0.0100 -0.0203 0.0159  4  LEU A CD1 
60  C CD2 . LEU A 6  ? 0.1209 0.0822 0.0779 0.0370  -0.0151 0.0191  4  LEU A CD2 
72  N N   . ALA A 7  ? 0.0534 0.0887 0.0717 -0.0084 -0.0141 0.0196  5  ALA A N   
73  C CA  . ALA A 7  ? 0.0799 0.0874 0.0765 -0.0202 -0.0287 0.0249  5  ALA A CA  
74  C C   . ALA A 7  ? 0.0643 0.0666 0.0731 -0.0269 -0.0085 0.0181  5  ALA A C   
75  O O   . ALA A 7  ? 0.0757 0.0694 0.0765 -0.0170 -0.0063 0.0216  5  ALA A O   
76  C CB  . ALA A 7  ? 0.0978 0.1101 0.1007 -0.0252 -0.0310 0.0086  5  ALA A CB  
82  N N   . GLN A 8  ? 0.0527 0.0605 0.0758 -0.0245 -0.0036 0.0167  6  GLN A N   
83  C CA  . GLN A 8  ? 0.0571 0.0506 0.0793 -0.0079 0.0049  0.0226  6  GLN A CA  
84  C C   . GLN A 8  ? 0.0574 0.0434 0.0595 -0.0102 0.0031  0.0195  6  GLN A C   
85  O O   . GLN A 8  ? 0.0389 0.0459 0.0813 -0.0019 0.0074  0.0159  6  GLN A O   
86  C CB  . GLN A 8  ? 0.0706 0.0621 0.1028 -0.0233 0.0008  0.0337  6  GLN A CB  
87  C CG  . GLN A 8  ? 0.1053 0.0638 0.1055 -0.0308 -0.0231 0.0356  6  GLN A CG  
88  C CD  . GLN A 8  ? 0.0945 0.0423 0.1264 -0.0131 -0.0264 0.0202  6  GLN A CD  
89  O OE1 . GLN A 8  ? 0.1011 0.0464 0.1584 -0.0163 -0.0219 -0.0001 6  GLN A OE1 
90  N NE2 . GLN A 8  ? 0.0991 0.0418 0.1363 -0.0128 -0.0208 0.0127  6  GLN A NE2 
99  N N   . GLN A 9  ? 0.0364 0.0496 0.0593 -0.0011 0.0039  0.0172  7  GLN A N   
100 C CA  . GLN A 9  ? 0.0428 0.0497 0.0532 0.0040  -0.0076 0.0141  7  GLN A CA  
101 C C   . GLN A 9  ? 0.0307 0.0293 0.0571 0.0041  -0.0031 0.0047  7  GLN A C   
102 O O   . GLN A 9  ? 0.0391 0.0379 0.0532 -0.0013 -0.0049 0.0012  7  GLN A O   
103 C CB  . GLN A 9  ? 0.0441 0.0693 0.0606 0.0098  -0.0056 0.0017  7  GLN A CB  
104 C CG  . GLN A 9  ? 0.0468 0.1001 0.0661 -0.0021 0.0003  -0.0013 7  GLN A CG  
105 C CD  . GLN A 9  ? 0.0638 0.1003 0.0773 -0.0124 0.0194  0.0148  7  GLN A CD  
106 O OE1 . GLN A 9  ? 0.1359 0.1059 0.1208 -0.0134 0.0012  0.0128  7  GLN A OE1 
107 N NE2 . GLN A 9  ? 0.0507 0.1279 0.0901 -0.0068 -0.0052 0.0246  7  GLN A NE2 
116 N N   . ILE A 10 ? 0.0293 0.0397 0.0599 0.0002  -0.0018 0.0070  8  ILE A N   
117 C CA  . ILE A 10 ? 0.0429 0.0355 0.0545 -0.0099 -0.0005 0.0129  8  ILE A CA  
118 C C   . ILE A 10 ? 0.0340 0.0392 0.0410 -0.0036 -0.0053 0.0141  8  ILE A C   
119 O O   . ILE A 10 ? 0.0341 0.0394 0.0515 -0.0084 -0.0077 0.0118  8  ILE A O   
120 C CB  . ILE A 10 ? 0.0367 0.0516 0.0683 -0.0069 -0.0160 0.0221  8  ILE A CB  
121 C CG1 . ILE A 10 ? 0.0481 0.0512 0.0908 -0.0016 -0.0026 0.0377  8  ILE A CG1 
122 C CG2 . ILE A 10 ? 0.0400 0.0931 0.0663 -0.0066 -0.0147 0.0365  8  ILE A CG2 
123 C CD1 . ILE A 10 ? 0.0481 0.0717 0.1083 -0.0028 -0.0162 0.0349  8  ILE A CD1 
135 N N   . LYS A 11 ? 0.0369 0.0310 0.0493 -0.0108 -0.0039 0.0105  9  LYS A N   
136 C CA  . LYS A 11 ? 0.0464 0.0284 0.0539 -0.0084 -0.0006 0.0019  9  LYS A CA  
137 C C   . LYS A 11 ? 0.0462 0.0184 0.0541 -0.0039 -0.0004 0.0063  9  LYS A C   
138 O O   . LYS A 11 ? 0.0433 0.0300 0.0577 -0.0025 0.0035  0.0009  9  LYS A O   
139 C CB  . LYS A 11 ? 0.0633 0.0360 0.0748 -0.0101 -0.0043 -0.0057 9  LYS A CB  
140 C CG  . LYS A 11 ? 0.0984 0.0812 0.1093 -0.0257 -0.0067 -0.0162 9  LYS A CG  
141 C CD  . LYS A 11 ? 0.1677 0.1088 0.1556 -0.0620 -0.0043 -0.0442 9  LYS A CD  
142 C CE  . LYS A 11 ? 0.2531 0.1467 0.2227 -0.0891 -0.0202 -0.0501 9  LYS A CE  
143 N NZ  . LYS A 11 ? 0.2990 0.1973 0.2978 -0.0799 -0.0109 -0.0294 9  LYS A NZ  
157 N N   . ASN A 12 ? 0.0343 0.0227 0.0516 0.0007  -0.0031 0.0049  10 ASN A N   
158 C CA  . ASN A 12 ? 0.0403 0.0251 0.0543 -0.0005 -0.0051 0.0112  10 ASN A CA  
159 C C   . ASN A 12 ? 0.0394 0.0308 0.0419 0.0044  0.0016  0.0028  10 ASN A C   
160 O O   . ASN A 12 ? 0.0285 0.0336 0.0543 -0.0013 -0.0070 0.0127  10 ASN A O   
161 C CB  . ASN A 12 ? 0.0418 0.0272 0.0474 -0.0023 -0.0004 0.0109  10 ASN A CB  
162 C CG  . ASN A 12 ? 0.0592 0.0327 0.0650 -0.0104 -0.0052 0.0047  10 ASN A CG  
163 O OD1 . ASN A 12 ? 0.0899 0.0263 0.0734 -0.0101 0.0066  0.0067  10 ASN A OD1 
164 N ND2 . ASN A 12 ? 0.0817 0.0548 0.0594 -0.0367 0.0166  -0.0050 10 ASN A ND2 
171 N N   . ILE A 13 ? 0.0335 0.0231 0.0495 0.0005  -0.0048 0.0079  11 ILE A N   
172 C CA  . ILE A 13 ? 0.0387 0.0240 0.0432 -0.0079 -0.0069 0.0049  11 ILE A CA  
173 C C   . ILE A 13 ? 0.0277 0.0188 0.0486 0.0013  -0.0119 0.0093  11 ILE A C   
174 O O   . ILE A 13 ? 0.0317 0.0268 0.0570 -0.0015 -0.0020 0.0047  11 ILE A O   
175 C CB  . ILE A 13 ? 0.0380 0.0237 0.0475 0.0047  -0.0108 -0.0026 11 ILE A CB  
176 C CG1 . ILE A 13 ? 0.0406 0.0300 0.0484 0.0054  -0.0059 0.0014  11 ILE A CG1 
177 C CG2 . ILE A 13 ? 0.0382 0.0271 0.0591 0.0009  -0.0067 0.0130  11 ILE A CG2 
178 C CD1 . ILE A 13 ? 0.0672 0.0577 0.0554 0.0234  0.0021  0.0027  11 ILE A CD1 
190 N N   . HIS A 14 ? 0.0304 0.0307 0.0439 0.0004  -0.0053 0.0054  12 HIS A N   
191 C CA  . HIS A 14 ? 0.0333 0.0302 0.0485 0.0001  0.0002  0.0050  12 HIS A CA  
192 C C   . HIS A 14 ? 0.0352 0.0218 0.0423 -0.0037 -0.0084 0.0001  12 HIS A C   
193 O O   . HIS A 14 ? 0.0328 0.0294 0.0533 -0.0056 -0.0008 0.0072  12 HIS A O   
194 C CB  . HIS A 14 ? 0.0392 0.0348 0.0490 -0.0084 -0.0062 0.0094  12 HIS A CB  
195 C CG  . HIS A 14 ? 0.0463 0.0338 0.0459 0.0019  -0.0023 0.0049  12 HIS A CG  
196 N ND1 . HIS A 14 ? 0.0396 0.0455 0.0549 -0.0042 -0.0067 0.0039  12 HIS A ND1 
197 C CD2 . HIS A 14 ? 0.0461 0.0620 0.0498 -0.0105 -0.0078 0.0077  12 HIS A CD2 
198 C CE1 . HIS A 14 ? 0.0525 0.0566 0.0491 0.0029  -0.0082 0.0127  12 HIS A CE1 
199 N NE2 . HIS A 14 ? 0.0497 0.0694 0.0584 0.0004  -0.0109 0.0005  12 HIS A NE2 
208 N N   . SER A 15 ? 0.0339 0.0234 0.0499 -0.0072 -0.0068 0.0045  13 SER A N   
209 C CA  A SER A 15 ? 0.0442 0.0218 0.0536 -0.0005 -0.0057 0.0009  13 SER A CA  
210 C CA  B SER A 15 ? 0.0370 0.0249 0.0567 0.0032  -0.0030 0.0073  13 SER A CA  
211 C C   . SER A 15 ? 0.0434 0.0191 0.0445 0.0003  -0.0072 0.0127  13 SER A C   
212 O O   . SER A 15 ? 0.0308 0.0318 0.0584 0.0038  -0.0035 0.0033  13 SER A O   
213 C CB  A SER A 15 ? 0.0693 0.0218 0.0702 -0.0036 -0.0092 0.0056  13 SER A CB  
214 C CB  B SER A 15 ? 0.0514 0.0286 0.0751 0.0050  -0.0027 0.0182  13 SER A CB  
215 O OG  A SER A 15 ? 0.0883 0.0323 0.1059 -0.0137 -0.0050 0.0124  13 SER A OG  
216 O OG  B SER A 15 ? 0.0754 0.0394 0.0939 0.0038  -0.0074 0.0281  13 SER A OG  
227 N N   . PHE A 16 ? 0.0329 0.0187 0.0495 0.0023  -0.0052 0.0067  14 PHE A N   
228 C CA  . PHE A 16 ? 0.0344 0.0238 0.0449 0.0000  -0.0071 0.0053  14 PHE A CA  
229 C C   . PHE A 16 ? 0.0291 0.0202 0.0432 0.0016  -0.0011 0.0015  14 PHE A C   
230 O O   . PHE A 16 ? 0.0308 0.0369 0.0531 -0.0066 -0.0043 0.0002  14 PHE A O   
231 C CB  . PHE A 16 ? 0.0348 0.0319 0.0480 -0.0045 0.0007  -0.0017 14 PHE A CB  
232 C CG  . PHE A 16 ? 0.0627 0.0338 0.0476 -0.0114 0.0062  -0.0061 14 PHE A CG  
233 C CD1 . PHE A 16 ? 0.0744 0.0700 0.0645 -0.0391 0.0209  -0.0258 14 PHE A CD1 
234 C CD2 . PHE A 16 ? 0.1044 0.0325 0.0498 -0.0078 0.0048  0.0037  14 PHE A CD2 
235 C CE1 . PHE A 16 ? 0.1194 0.0896 0.0777 -0.0560 0.0402  -0.0314 14 PHE A CE1 
236 C CE2 . PHE A 16 ? 0.1808 0.0487 0.0560 -0.0140 0.0021  0.0040  14 PHE A CE2 
237 C CZ  . PHE A 16 ? 0.1988 0.0742 0.0636 -0.0496 0.0138  0.0000  14 PHE A CZ  
247 N N   . ILE A 17 ? 0.0296 0.0187 0.0461 -0.0023 -0.0020 0.0044  15 ILE A N   
248 C CA  . ILE A 17 ? 0.0341 0.0168 0.0517 0.0001  -0.0011 0.0055  15 ILE A CA  
249 C C   . ILE A 17 ? 0.0305 0.0222 0.0448 0.0027  -0.0039 0.0066  15 ILE A C   
250 O O   . ILE A 17 ? 0.0307 0.0250 0.0511 -0.0036 -0.0016 0.0044  15 ILE A O   
251 C CB  . ILE A 17 ? 0.0255 0.0193 0.0512 -0.0081 -0.0027 0.0066  15 ILE A CB  
252 C CG1 . ILE A 17 ? 0.0370 0.0210 0.0528 0.0034  0.0031  0.0093  15 ILE A CG1 
253 C CG2 . ILE A 17 ? 0.0403 0.0232 0.0466 0.0028  -0.0046 0.0044  15 ILE A CG2 
254 C CD1 . ILE A 17 ? 0.0359 0.0370 0.0685 0.0096  -0.0020 0.0152  15 ILE A CD1 
266 N N   . HIS A 18 ? 0.0256 0.0218 0.0504 0.0002  -0.0030 0.0067  16 HIS A N   
267 C CA  . HIS A 18 ? 0.0353 0.0275 0.0499 0.0024  0.0052  -0.0003 16 HIS A CA  
268 C C   . HIS A 18 ? 0.0318 0.0160 0.0637 0.0009  0.0034  -0.0001 16 HIS A C   
269 O O   . HIS A 18 ? 0.0333 0.0362 0.0650 0.0018  0.0025  0.0008  16 HIS A O   
270 C CB  . HIS A 18 ? 0.0364 0.0275 0.0555 0.0035  -0.0036 -0.0072 16 HIS A CB  
271 C CG  . HIS A 18 ? 0.0476 0.0379 0.0732 0.0119  -0.0030 -0.0054 16 HIS A CG  
272 N ND1 . HIS A 18 ? 0.0572 0.0528 0.0693 0.0192  -0.0088 -0.0100 16 HIS A ND1 
273 C CD2 . HIS A 18 ? 0.0740 0.0479 0.0823 0.0242  0.0084  0.0085  16 HIS A CD2 
274 C CE1 . HIS A 18 ? 0.0820 0.0740 0.0847 0.0405  0.0067  -0.0014 16 HIS A CE1 
275 N NE2 . HIS A 18 ? 0.0945 0.0759 0.0858 0.0492  0.0013  0.0027  16 HIS A NE2 
284 N N   . GLN A 19 ? 0.0324 0.0290 0.0572 0.0026  -0.0031 0.0020  17 GLN A N   
285 C CA  . GLN A 19 ? 0.0411 0.0412 0.0604 0.0067  -0.0087 0.0014  17 GLN A CA  
286 C C   . GLN A 19 ? 0.0398 0.0491 0.0523 0.0045  -0.0057 -0.0009 17 GLN A C   
287 O O   . GLN A 19 ? 0.0403 0.0562 0.1092 0.0082  -0.0269 -0.0138 17 GLN A O   
288 C CB  . GLN A 19 ? 0.0660 0.0697 0.0651 0.0093  -0.0159 0.0291  17 GLN A CB  
289 C CG  . GLN A 19 ? 0.0694 0.1026 0.1270 0.0063  0.0081  0.0606  17 GLN A CG  
290 C CD  . GLN A 19 ? 0.1361 0.1585 0.1953 0.0071  0.0582  0.0715  17 GLN A CD  
291 O OE1 . GLN A 19 ? 0.2799 0.1520 0.1867 0.0164  0.1088  0.0458  17 GLN A OE1 
292 N NE2 . GLN A 19 ? 0.1853 0.1733 0.2363 -0.0227 0.0337  0.0524  17 GLN A NE2 
301 N N   . ALA A 20 ? 0.0300 0.0314 0.0520 -0.0033 -0.0068 -0.0006 18 ALA A N   
302 C CA  . ALA A 20 ? 0.0373 0.0425 0.0492 0.0043  -0.0106 -0.0089 18 ALA A CA  
303 C C   . ALA A 20 ? 0.0323 0.0278 0.0590 0.0033  -0.0071 -0.0049 18 ALA A C   
304 O O   . ALA A 20 ? 0.0306 0.0331 0.0658 -0.0077 -0.0023 -0.0088 18 ALA A O   
305 C CB  . ALA A 20 ? 0.0355 0.0441 0.0558 -0.0073 0.0021  -0.0081 18 ALA A CB  
311 N N   . LYS A 21 ? 0.0289 0.0296 0.0578 -0.0058 0.0004  -0.0075 19 LYS A N   
312 C CA  . LYS A 21 ? 0.0371 0.0376 0.0578 -0.0091 0.0049  -0.0055 19 LYS A CA  
313 C C   . LYS A 21 ? 0.0301 0.0429 0.0576 -0.0085 0.0050  -0.0127 19 LYS A C   
314 O O   . LYS A 21 ? 0.0331 0.0554 0.0651 -0.0088 0.0012  -0.0163 19 LYS A O   
315 C CB  . LYS A 21 ? 0.0393 0.0321 0.0589 -0.0103 0.0035  -0.0059 19 LYS A CB  
316 C CG  . LYS A 21 ? 0.0365 0.0348 0.0569 -0.0123 0.0077  -0.0016 19 LYS A CG  
317 C CD  . LYS A 21 ? 0.0487 0.0393 0.0580 -0.0087 0.0000  -0.0099 19 LYS A CD  
318 C CE  . LYS A 21 ? 0.0471 0.0479 0.0510 -0.0120 0.0013  -0.0001 19 LYS A CE  
319 N NZ  . LYS A 21 ? 0.0640 0.0620 0.0657 0.0003  -0.0139 -0.0082 19 LYS A NZ  
333 N N   . ALA A 22 ? 0.0304 0.0392 0.0842 -0.0041 0.0063  -0.0132 20 ALA A N   
334 C CA  . ALA A 22 ? 0.0443 0.0324 0.0986 0.0035  0.0033  -0.0161 20 ALA A CA  
335 C C   . ALA A 22 ? 0.0396 0.0307 0.0859 0.0067  0.0051  0.0044  20 ALA A C   
336 O O   . ALA A 22 ? 0.0451 0.0463 0.1170 0.0058  -0.0092 -0.0224 20 ALA A O   
337 C CB  . ALA A 22 ? 0.0509 0.0442 0.1764 -0.0001 -0.0012 0.0044  20 ALA A CB  
343 N N   . ALA A 23 ? 0.0511 0.0450 0.0685 0.0127  -0.0054 -0.0051 21 ALA A N   
344 C CA  . ALA A 23 ? 0.0692 0.0555 0.0789 0.0192  -0.0239 -0.0085 21 ALA A CA  
345 C C   . ALA A 23 ? 0.0476 0.0377 0.0631 0.0065  -0.0179 -0.0112 21 ALA A C   
346 O O   . ALA A 23 ? 0.0551 0.0696 0.0836 -0.0070 -0.0191 -0.0117 21 ALA A O   
347 C CB  . ALA A 23 ? 0.1642 0.0561 0.0694 0.0083  -0.0124 0.0041  21 ALA A CB  
353 N N   . GLY A 24 ? 0.0331 0.0396 0.0697 -0.0016 -0.0031 -0.0119 22 GLY A N   
354 C CA  . GLY A 24 ? 0.0349 0.0385 0.0603 -0.0005 0.0030  -0.0109 22 GLY A CA  
355 C C   . GLY A 24 ? 0.0348 0.0271 0.0541 -0.0069 -0.0059 -0.0034 22 GLY A C   
356 O O   . GLY A 24 ? 0.0402 0.0350 0.0566 -0.0094 0.0006  -0.0002 22 GLY A O   
360 N N   . ARG A 25 ? 0.0324 0.0204 0.0535 -0.0035 0.0027  0.0004  23 ARG A N   
361 C CA  . ARG A 25 ? 0.0354 0.0238 0.0496 -0.0026 -0.0036 -0.0036 23 ARG A CA  
362 C C   . ARG A 25 ? 0.0421 0.0192 0.0620 -0.0026 0.0007  -0.0091 23 ARG A C   
363 O O   . ARG A 25 ? 0.0359 0.0303 0.0701 -0.0028 -0.0046 0.0031  23 ARG A O   
364 C CB  . ARG A 25 ? 0.0423 0.0265 0.0553 -0.0033 -0.0015 -0.0021 23 ARG A CB  
365 C CG  . ARG A 25 ? 0.0489 0.0335 0.0547 -0.0052 -0.0013 -0.0070 23 ARG A CG  
366 C CD  . ARG A 25 ? 0.0633 0.0385 0.0508 -0.0181 -0.0011 -0.0009 23 ARG A CD  
367 N NE  . ARG A 25 ? 0.1019 0.0429 0.0546 -0.0046 -0.0040 0.0062  23 ARG A NE  
368 C CZ  . ARG A 25 ? 0.0873 0.0455 0.0665 0.0021  -0.0147 0.0080  23 ARG A CZ  
369 N NH1 . ARG A 25 ? 0.0689 0.0510 0.0626 -0.0053 -0.0245 0.0080  23 ARG A NH1 
370 N NH2 . ARG A 25 ? 0.2027 0.0718 0.1020 0.0167  -0.0621 0.0068  23 ARG A NH2 
384 N N   . MET A 26 ? 0.0364 0.0454 0.0746 -0.0060 -0.0024 0.0212  24 MET A N   
385 C CA  A MET A 26 ? 0.0443 0.0557 0.0686 -0.0031 0.0042  0.0241  24 MET A CA  
386 C CA  B MET A 26 ? 0.0577 0.0577 0.0698 0.0061  -0.0132 0.0311  24 MET A CA  
387 C C   . MET A 26 ? 0.0482 0.0347 0.0683 -0.0086 -0.0073 0.0246  24 MET A C   
388 O O   . MET A 26 ? 0.0497 0.0339 0.0676 -0.0014 -0.0105 0.0192  24 MET A O   
389 C CB  A MET A 26 ? 0.0547 0.0402 0.0599 0.0143  0.0102  0.0091  24 MET A CB  
390 C CB  B MET A 26 ? 0.0560 0.0591 0.0745 0.0060  0.0002  0.0119  24 MET A CB  
391 C CG  A MET A 26 ? 0.0856 0.0609 0.0481 0.0324  0.0161  0.0111  24 MET A CG  
392 C CG  B MET A 26 ? 0.0856 0.0662 0.1099 0.0102  0.0012  0.0189  24 MET A CG  
393 S SD  A MET A 26 ? 0.1242 0.0625 0.0791 0.0274  0.0234  0.0302  24 MET A SD  
394 S SD  B MET A 26 ? 0.1574 0.0593 0.0828 0.0070  0.0044  0.0142  24 MET A SD  
395 C CE  A MET A 26 ? 0.0881 0.0872 0.1151 0.0241  0.0476  0.0286  24 MET A CE  
396 C CE  B MET A 26 ? 0.1521 0.0629 0.0842 -0.0309 0.0091  -0.0102 24 MET A CE  
415 N N   . ASP A 27 ? 0.0582 0.0330 0.0871 -0.0069 -0.0181 0.0211  25 ASP A N   
416 C CA  . ASP A 27 ? 0.0700 0.0318 0.0975 -0.0033 -0.0195 0.0167  25 ASP A CA  
417 C C   . ASP A 27 ? 0.0667 0.0257 0.0739 0.0115  -0.0175 0.0003  25 ASP A C   
418 O O   . ASP A 27 ? 0.0709 0.0334 0.0895 0.0175  -0.0198 -0.0021 25 ASP A O   
419 C CB  . ASP A 27 ? 0.1125 0.0399 0.1102 -0.0123 -0.0385 0.0070  25 ASP A CB  
420 C CG  . ASP A 27 ? 0.1212 0.0482 0.1203 -0.0252 -0.0301 0.0165  25 ASP A CG  
421 O OD1 . ASP A 27 ? 0.1180 0.0441 0.1194 -0.0161 -0.0300 0.0186  25 ASP A OD1 
422 O OD2 . ASP A 27 ? 0.1998 0.0741 0.1326 -0.0438 -0.0505 0.0194  25 ASP A OD2 
427 N N   . GLU A 28 ? 0.0403 0.0231 0.0635 0.0042  -0.0114 -0.0051 26 GLU A N   
428 C CA  . GLU A 28 ? 0.0402 0.0397 0.0542 0.0080  -0.0048 -0.0022 26 GLU A CA  
429 C C   . GLU A 28 ? 0.0322 0.0284 0.0453 0.0006  0.0008  0.0156  26 GLU A C   
430 O O   . GLU A 28 ? 0.0378 0.0526 0.0472 0.0058  -0.0048 0.0113  26 GLU A O   
431 C CB  . GLU A 28 ? 0.0405 0.0634 0.0513 -0.0004 -0.0095 0.0032  26 GLU A CB  
432 C CG  . GLU A 28 ? 0.0650 0.0866 0.0601 -0.0023 -0.0110 0.0231  26 GLU A CG  
433 C CD  . GLU A 28 ? 0.0445 0.0583 0.0703 -0.0088 -0.0152 0.0170  26 GLU A CD  
434 O OE1 . GLU A 28 ? 0.0644 0.0668 0.0807 0.0059  -0.0148 0.0239  26 GLU A OE1 
435 O OE2 . GLU A 28 ? 0.0566 0.0670 0.0615 -0.0062 -0.0073 0.0209  26 GLU A OE2 
442 N N   . VAL A 29 ? 0.0345 0.0175 0.0485 -0.0042 -0.0051 0.0093  27 VAL A N   
443 C CA  . VAL A 29 ? 0.0436 0.0168 0.0486 -0.0061 -0.0037 0.0093  27 VAL A CA  
444 C C   . VAL A 29 ? 0.0407 0.0212 0.0468 -0.0011 -0.0074 0.0000  27 VAL A C   
445 O O   . VAL A 29 ? 0.0402 0.0285 0.0582 -0.0008 -0.0110 0.0020  27 VAL A O   
446 C CB  . VAL A 29 ? 0.0548 0.0150 0.0553 -0.0051 -0.0005 0.0033  27 VAL A CB  
447 C CG1 . VAL A 29 ? 0.0616 0.0178 0.0633 -0.0055 -0.0046 -0.0031 27 VAL A CG1 
448 C CG2 . VAL A 29 ? 0.0554 0.0205 0.0718 0.0016  -0.0053 0.0004  27 VAL A CG2 
458 N N   . ARG A 30 ? 0.0487 0.0167 0.0518 -0.0021 -0.0097 0.0073  28 ARG A N   
459 C CA  . ARG A 30 ? 0.0644 0.0212 0.0557 0.0067  -0.0138 0.0052  28 ARG A CA  
460 C C   . ARG A 30 ? 0.0533 0.0224 0.0628 0.0068  -0.0176 0.0049  28 ARG A C   
461 O O   . ARG A 30 ? 0.0533 0.0534 0.0714 0.0187  -0.0160 0.0055  28 ARG A O   
462 C CB  . ARG A 30 ? 0.0711 0.0314 0.0671 0.0035  -0.0066 0.0127  28 ARG A CB  
463 C CG  . ARG A 30 ? 0.0742 0.0445 0.0824 0.0057  0.0009  0.0214  28 ARG A CG  
464 C CD  . ARG A 30 ? 0.0950 0.0658 0.1055 -0.0030 0.0041  0.0061  28 ARG A CD  
465 N NE  . ARG A 30 ? 0.1023 0.0754 0.1061 -0.0105 0.0174  -0.0010 28 ARG A NE  
466 C CZ  . ARG A 30 ? 0.1228 0.1053 0.1248 -0.0059 0.0159  -0.0235 28 ARG A CZ  
467 N NH1 . ARG A 30 ? 0.1354 0.1254 0.1335 -0.0490 0.0269  -0.0403 28 ARG A NH1 
468 N NH2 . ARG A 30 ? 0.1400 0.1244 0.1423 -0.0207 0.0610  -0.0403 28 ARG A NH2 
482 N N   . THR A 31 ? 0.0477 0.0193 0.0573 0.0045  -0.0120 0.0055  29 THR A N   
483 C CA  . THR A 31 ? 0.0551 0.0262 0.0629 0.0077  -0.0061 0.0034  29 THR A CA  
484 C C   . THR A 31 ? 0.0427 0.0375 0.0518 0.0023  -0.0038 0.0022  29 THR A C   
485 O O   . THR A 31 ? 0.0406 0.0380 0.0922 0.0099  -0.0111 -0.0042 29 THR A O   
486 C CB  . THR A 31 ? 0.0807 0.0372 0.0690 -0.0119 -0.0016 -0.0059 29 THR A CB  
487 O OG1 . THR A 31 ? 0.1634 0.0803 0.0948 -0.0543 0.0224  -0.0244 29 THR A OG1 
488 C CG2 . THR A 31 ? 0.0880 0.0635 0.0799 0.0037  -0.0032 -0.0025 29 THR A CG2 
496 N N   . LEU A 32 ? 0.0371 0.0208 0.0590 0.0024  -0.0101 0.0099  30 LEU A N   
497 C CA  . LEU A 32 ? 0.0433 0.0275 0.0510 -0.0060 -0.0058 0.0152  30 LEU A CA  
498 C C   . LEU A 32 ? 0.0415 0.0258 0.0621 0.0014  -0.0162 0.0120  30 LEU A C   
499 O O   . LEU A 32 ? 0.0362 0.0483 0.0670 -0.0151 -0.0190 0.0205  30 LEU A O   
500 C CB  . LEU A 32 ? 0.0416 0.0339 0.0554 -0.0074 -0.0132 0.0145  30 LEU A CB  
501 C CG  . LEU A 32 ? 0.0588 0.0365 0.0600 -0.0093 -0.0170 0.0206  30 LEU A CG  
502 C CD1 . LEU A 32 ? 0.0836 0.0500 0.0945 -0.0022 -0.0392 0.0242  30 LEU A CD1 
503 C CD2 . LEU A 32 ? 0.0761 0.0707 0.0511 -0.0243 -0.0112 0.0170  30 LEU A CD2 
515 N N   A GLN A 33 ? 0.0266 0.0412 0.0536 -0.0099 -0.0172 0.0106  31 GLN A N   
516 N N   B GLN A 33 ? 0.0537 0.0253 0.0522 -0.0015 -0.0052 0.0070  31 GLN A N   
517 C CA  A GLN A 33 ? 0.0316 0.0345 0.0693 -0.0111 -0.0130 0.0119  31 GLN A CA  
518 C CA  B GLN A 33 ? 0.0681 0.0234 0.0444 -0.0097 -0.0187 0.0082  31 GLN A CA  
519 C C   A GLN A 33 ? 0.0542 0.0339 0.0529 -0.0135 -0.0120 0.0208  31 GLN A C   
520 C C   B GLN A 33 ? 0.0531 0.0319 0.0427 -0.0093 -0.0100 0.0161  31 GLN A C   
521 O O   A GLN A 33 ? 0.0403 0.0423 0.0528 -0.0175 -0.0094 0.0146  31 GLN A O   
522 O O   B GLN A 33 ? 0.0431 0.0397 0.0412 -0.0051 -0.0128 0.0220  31 GLN A O   
523 C CB  A GLN A 33 ? 0.0324 0.0376 0.0628 -0.0128 -0.0167 -0.0005 31 GLN A CB  
524 C CB  B GLN A 33 ? 0.0853 0.0304 0.0440 -0.0135 -0.0224 0.0103  31 GLN A CB  
525 C CG  A GLN A 33 ? 0.0322 0.0417 0.0662 -0.0081 -0.0109 -0.0081 31 GLN A CG  
526 C CG  B GLN A 33 ? 0.0996 0.0290 0.0574 -0.0046 -0.0234 0.0063  31 GLN A CG  
527 C CD  A GLN A 33 ? 0.0607 0.0494 0.0735 -0.0217 0.0101  -0.0206 31 GLN A CD  
528 C CD  B GLN A 33 ? 0.1068 0.0466 0.0617 -0.0038 -0.0097 -0.0085 31 GLN A CD  
529 O OE1 A GLN A 33 ? 0.0723 0.0537 0.0903 -0.0114 0.0172  -0.0081 31 GLN A OE1 
530 O OE1 B GLN A 33 ? 0.0686 0.0558 0.0822 -0.0161 0.0023  -0.0072 31 GLN A OE1 
531 N NE2 A GLN A 33 ? 0.1011 0.0787 0.0732 -0.0404 0.0136  -0.0232 31 GLN A NE2 
532 N NE2 B GLN A 33 ? 0.1327 0.0808 0.0818 -0.0002 -0.0080 0.0023  31 GLN A NE2 
549 N N   . GLU A 34 ? 0.0486 0.0332 0.0682 -0.0046 -0.0164 0.0187  32 GLU A N   
550 C CA  A GLU A 34 ? 0.0551 0.0429 0.0587 0.0085  -0.0246 0.0143  32 GLU A CA  
551 C CA  B GLU A 34 ? 0.0639 0.0473 0.0721 0.0021  -0.0246 0.0195  32 GLU A CA  
552 C C   . GLU A 34 ? 0.0444 0.0399 0.0589 0.0050  -0.0209 0.0060  32 GLU A C   
553 O O   . GLU A 34 ? 0.0506 0.0533 0.0739 0.0036  -0.0244 0.0115  32 GLU A O   
554 C CB  A GLU A 34 ? 0.0671 0.0303 0.0930 0.0060  -0.0110 0.0158  32 GLU A CB  
555 C CB  B GLU A 34 ? 0.0926 0.0584 0.1110 0.0019  -0.0226 0.0310  32 GLU A CB  
556 C CG  A GLU A 34 ? 0.0806 0.0635 0.1303 0.0057  -0.0170 0.0162  32 GLU A CG  
557 C CG  B GLU A 34 ? 0.1256 0.0977 0.1580 0.0043  -0.0222 0.0413  32 GLU A CG  
558 C CD  A GLU A 34 ? 0.0969 0.0771 0.0952 0.0419  0.0054  0.0310  32 GLU A CD  
559 C CD  B GLU A 34 ? 0.1882 0.1178 0.1761 0.0248  -0.0188 0.0339  32 GLU A CD  
560 O OE1 A GLU A 34 ? 0.0910 0.1183 0.0986 0.0524  0.0001  0.0310  32 GLU A OE1 
561 O OE1 B GLU A 34 ? 0.2262 0.1390 0.1845 0.0498  -0.0063 0.0482  32 GLU A OE1 
562 O OE2 A GLU A 34 ? 0.1279 0.1118 0.1337 0.0321  0.0003  0.0531  32 GLU A OE2 
563 O OE2 B GLU A 34 ? 0.1862 0.0970 0.1856 0.0289  -0.0247 0.0123  32 GLU A OE2 
576 N N   . ASN A 35 ? 0.0492 0.0343 0.0659 -0.0058 -0.0169 0.0079  33 ASN A N   
577 C CA  A ASN A 35 ? 0.0520 0.0474 0.0506 0.0025  -0.0128 0.0032  33 ASN A CA  
578 C CA  B ASN A 35 ? 0.0556 0.0444 0.0583 -0.0052 -0.0078 0.0174  33 ASN A CA  
579 C C   . ASN A 35 ? 0.0452 0.0459 0.0565 -0.0086 -0.0170 0.0186  33 ASN A C   
580 O O   . ASN A 35 ? 0.0490 0.0590 0.0629 -0.0057 -0.0059 0.0004  33 ASN A O   
581 C CB  A ASN A 35 ? 0.0591 0.0572 0.0480 -0.0077 -0.0268 -0.0061 33 ASN A CB  
582 C CB  B ASN A 35 ? 0.0481 0.0478 0.0689 -0.0123 0.0088  0.0163  33 ASN A CB  
583 C CG  A ASN A 35 ? 0.0696 0.0576 0.0678 -0.0140 -0.0038 0.0098  33 ASN A CG  
584 C CG  B ASN A 35 ? 0.0714 0.0514 0.0515 -0.0097 -0.0063 0.0148  33 ASN A CG  
585 O OD1 A ASN A 35 ? 0.0539 0.0693 0.0631 -0.0066 -0.0147 -0.0107 33 ASN A OD1 
586 O OD1 B ASN A 35 ? 0.0847 0.0598 0.0965 0.0051  -0.0039 0.0014  33 ASN A OD1 
587 N ND2 A ASN A 35 ? 0.0853 0.0492 0.1040 0.0076  -0.0188 -0.0007 33 ASN A ND2 
588 N ND2 B ASN A 35 ? 0.0747 0.0441 0.0731 -0.0072 0.0132  -0.0021 33 ASN A ND2 
601 N N   . LEU A 36 ? 0.0348 0.0417 0.0571 -0.0023 -0.0119 0.0111  34 LEU A N   
602 C CA  . LEU A 36 ? 0.0395 0.0337 0.0541 -0.0060 -0.0081 0.0142  34 LEU A CA  
603 C C   . LEU A 36 ? 0.0324 0.0344 0.0567 0.0039  -0.0112 0.0029  34 LEU A C   
604 O O   . LEU A 36 ? 0.0325 0.0338 0.0652 -0.0042 -0.0120 0.0068  34 LEU A O   
605 C CB  . LEU A 36 ? 0.0320 0.0341 0.0632 -0.0021 -0.0185 0.0132  34 LEU A CB  
606 C CG  . LEU A 36 ? 0.0318 0.0396 0.0618 0.0018  -0.0129 0.0141  34 LEU A CG  
607 C CD1 . LEU A 36 ? 0.0581 0.0301 0.0729 -0.0033 -0.0036 0.0101  34 LEU A CD1 
608 C CD2 . LEU A 36 ? 0.0478 0.0416 0.0628 -0.0002 -0.0085 0.0164  34 LEU A CD2 
620 N N   . HIS A 37 ? 0.0366 0.0260 0.0660 -0.0021 -0.0174 0.0098  35 HIS A N   
621 C CA  . HIS A 37 ? 0.0448 0.0267 0.0602 -0.0013 -0.0210 0.0079  35 HIS A CA  
622 C C   . HIS A 37 ? 0.0305 0.0355 0.0711 0.0017  -0.0132 0.0075  35 HIS A C   
623 O O   . HIS A 37 ? 0.0355 0.0463 0.0689 -0.0039 -0.0177 0.0026  35 HIS A O   
624 C CB  . HIS A 37 ? 0.0395 0.0198 0.0632 0.0003  -0.0203 0.0046  35 HIS A CB  
625 C CG  . HIS A 37 ? 0.0460 0.0210 0.0588 0.0023  -0.0173 0.0082  35 HIS A CG  
626 N ND1 . HIS A 37 ? 0.0654 0.0238 0.0729 0.0066  0.0013  0.0140  35 HIS A ND1 
627 C CD2 . HIS A 37 ? 0.0432 0.0290 0.0684 0.0014  -0.0194 0.0115  35 HIS A CD2 
628 C CE1 . HIS A 37 ? 0.0719 0.0406 0.0739 0.0040  -0.0064 0.0118  35 HIS A CE1 
629 N NE2 . HIS A 37 ? 0.0473 0.0273 0.0749 0.0109  -0.0120 0.0074  35 HIS A NE2 
638 N N   . GLN A 38 ? 0.0335 0.0539 0.0856 0.0037  -0.0153 -0.0163 36 GLN A N   
639 C CA  . GLN A 38 ? 0.0503 0.0718 0.1076 0.0033  -0.0053 -0.0323 36 GLN A CA  
640 C C   . GLN A 38 ? 0.0337 0.0982 0.0768 0.0069  -0.0043 -0.0290 36 GLN A C   
641 O O   . GLN A 38 ? 0.0437 0.1079 0.0914 0.0016  0.0002  -0.0111 36 GLN A O   
642 C CB  . GLN A 38 ? 0.0625 0.1077 0.1589 -0.0012 0.0067  -0.0750 36 GLN A CB  
643 C CG  . GLN A 38 ? 0.1377 0.1240 0.2534 -0.0203 -0.0080 -0.0847 36 GLN A CG  
644 C CD  . GLN A 38 ? 0.2655 0.1905 0.2849 -0.0419 -0.0249 -0.0431 36 GLN A CD  
645 O OE1 . GLN A 38 ? 0.2782 0.2108 0.3201 0.0292  0.0131  -0.0442 36 GLN A OE1 
646 N NE2 . GLN A 38 ? 0.3161 0.1897 0.2898 -0.0740 -0.0551 -0.0457 36 GLN A NE2 
655 N N   . LEU A 39 ? 0.0354 0.0882 0.0746 0.0087  -0.0185 -0.0227 37 LEU A N   
656 C CA  A LEU A 39 ? 0.0409 0.1062 0.0619 -0.0071 -0.0055 0.0096  37 LEU A CA  
657 C CA  B LEU A 39 ? 0.0346 0.0973 0.0795 0.0067  -0.0103 -0.0023 37 LEU A CA  
658 C C   . LEU A 39 ? 0.0282 0.0700 0.0638 -0.0010 -0.0104 0.0098  37 LEU A C   
659 O O   . LEU A 39 ? 0.0403 0.0830 0.0632 -0.0050 -0.0056 0.0217  37 LEU A O   
660 C CB  A LEU A 39 ? 0.0658 0.1529 0.0539 -0.0254 -0.0105 0.0346  37 LEU A CB  
661 C CB  B LEU A 39 ? 0.0403 0.1236 0.0968 0.0224  -0.0123 -0.0063 37 LEU A CB  
662 C CG  A LEU A 39 ? 0.1130 0.1865 0.0890 -0.0334 -0.0139 0.0343  37 LEU A CG  
663 C CG  B LEU A 39 ? 0.0435 0.1465 0.1390 0.0231  -0.0015 0.0065  37 LEU A CG  
664 C CD1 A LEU A 39 ? 0.1108 0.2023 0.1197 -0.0112 0.0041  0.0714  37 LEU A CD1 
665 C CD1 B LEU A 39 ? 0.0809 0.1458 0.1465 0.0061  -0.0062 -0.0013 37 LEU A CD1 
666 C CD2 A LEU A 39 ? 0.1493 0.2034 0.0771 0.0181  0.0001  0.0263  37 LEU A CD2 
667 C CD2 B LEU A 39 ? 0.0660 0.1646 0.1208 0.0284  -0.0132 0.0198  37 LEU A CD2 
690 N N   . MET A 40 ? 0.0373 0.0514 0.0626 -0.0044 -0.0080 0.0137  38 MET A N   
691 C CA  . MET A 40 ? 0.0454 0.0493 0.0630 -0.0112 -0.0090 0.0112  38 MET A CA  
692 C C   . MET A 40 ? 0.0362 0.0505 0.0577 -0.0106 -0.0058 0.0174  38 MET A C   
693 O O   . MET A 40 ? 0.0410 0.0560 0.0629 -0.0145 -0.0106 0.0061  38 MET A O   
694 C CB  . MET A 40 ? 0.0456 0.0432 0.0690 -0.0114 -0.0061 0.0054  38 MET A CB  
695 C CG  . MET A 40 ? 0.0579 0.0492 0.0655 -0.0037 -0.0179 0.0087  38 MET A CG  
696 S SD  . MET A 40 ? 0.0512 0.0580 0.0612 0.0045  -0.0079 -0.0008 38 MET A SD  
697 C CE  . MET A 40 ? 0.0648 0.0741 0.0932 0.0179  -0.0160 -0.0034 38 MET A CE  
707 N N   A HIS A 41 ? 0.0384 0.0504 0.0611 -0.0047 -0.0238 0.0139  39 HIS A N   
708 N N   B HIS A 41 ? 0.0372 0.0402 0.0792 -0.0138 -0.0049 0.0168  39 HIS A N   
709 C CA  A HIS A 41 ? 0.0407 0.0515 0.0990 -0.0077 -0.0248 0.0231  39 HIS A CA  
710 C CA  B HIS A 41 ? 0.0608 0.0300 0.0989 -0.0069 -0.0238 0.0057  39 HIS A CA  
711 C C   A HIS A 41 ? 0.0490 0.0573 0.0994 -0.0059 -0.0234 0.0067  39 HIS A C   
712 C C   B HIS A 41 ? 0.0615 0.0348 0.0984 -0.0068 -0.0207 0.0030  39 HIS A C   
713 O O   A HIS A 41 ? 0.0400 0.0772 0.1022 -0.0053 -0.0278 0.0130  39 HIS A O   
714 O O   B HIS A 41 ? 0.0533 0.0340 0.1073 -0.0041 -0.0212 0.0183  39 HIS A O   
715 C CB  A HIS A 41 ? 0.0503 0.0640 0.1047 -0.0167 -0.0198 0.0255  39 HIS A CB  
716 C CB  B HIS A 41 ? 0.0582 0.0448 0.1155 -0.0109 -0.0301 0.0052  39 HIS A CB  
717 C CG  A HIS A 41 ? 0.0558 0.0566 0.1127 -0.0183 -0.0373 0.0341  39 HIS A CG  
718 C CG  B HIS A 41 ? 0.0643 0.0656 0.1956 -0.0125 -0.0243 0.0318  39 HIS A CG  
719 N ND1 A HIS A 41 ? 0.0965 0.0646 0.1679 -0.0177 -0.0449 0.0368  39 HIS A ND1 
720 N ND1 B HIS A 41 ? 0.0703 0.0732 0.2278 -0.0053 -0.0198 0.0458  39 HIS A ND1 
721 C CD2 A HIS A 41 ? 0.0691 0.0634 0.1384 0.0187  -0.0088 0.0326  39 HIS A CD2 
722 C CD2 B HIS A 41 ? 0.0891 0.0797 0.2317 0.0049  -0.0217 0.0314  39 HIS A CD2 
723 C CE1 A HIS A 41 ? 0.0830 0.0540 0.1408 -0.0179 -0.0307 0.0323  39 HIS A CE1 
724 C CE1 B HIS A 41 ? 0.1012 0.0907 0.2499 0.0014  -0.0282 0.0582  39 HIS A CE1 
725 N NE2 A HIS A 41 ? 0.0880 0.0770 0.1868 0.0046  -0.0196 0.0520  39 HIS A NE2 
726 N NE2 B HIS A 41 ? 0.0838 0.0864 0.2611 0.0062  -0.0041 0.0520  39 HIS A NE2 
743 N N   . GLU A 42 ? 0.0458 0.0558 0.1014 0.0047  -0.0159 -0.0088 40 GLU A N   
744 C CA  A GLU A 42 ? 0.0546 0.0792 0.0942 0.0081  -0.0071 -0.0033 40 GLU A CA  
745 C CA  B GLU A 42 ? 0.0349 0.0694 0.0972 0.0020  0.0009  -0.0141 40 GLU A CA  
746 C C   . GLU A 42 ? 0.0432 0.0758 0.0766 0.0032  -0.0042 0.0010  40 GLU A C   
747 O O   . GLU A 42 ? 0.0361 0.1002 0.1116 -0.0050 -0.0113 0.0006  40 GLU A O   
748 C CB  A GLU A 42 ? 0.0881 0.1239 0.1071 0.0111  0.0002  -0.0087 40 GLU A CB  
749 C CB  B GLU A 42 ? 0.0487 0.1124 0.1086 0.0031  0.0113  -0.0360 40 GLU A CB  
750 C CG  A GLU A 42 ? 0.1373 0.1572 0.1251 -0.0045 -0.0042 -0.0125 40 GLU A CG  
751 C CG  B GLU A 42 ? 0.0789 0.1292 0.1225 -0.0276 0.0027  -0.0658 40 GLU A CG  
752 C CD  A GLU A 42 ? 0.1871 0.1889 0.1875 0.0180  0.0066  -0.0253 40 GLU A CD  
753 C CD  B GLU A 42 ? 0.1544 0.1938 0.1672 -0.0681 -0.0021 -0.0510 40 GLU A CD  
754 O OE1 A GLU A 42 ? 0.2163 0.1762 0.2153 0.0571  0.0120  -0.0538 40 GLU A OE1 
755 O OE1 B GLU A 42 ? 0.2091 0.2206 0.1785 -0.0862 -0.0103 -0.0278 40 GLU A OE1 
756 O OE2 A GLU A 42 ? 0.2091 0.2261 0.2651 0.0250  0.0118  -0.0041 40 GLU A OE2 
757 O OE2 B GLU A 42 ? 0.1654 0.2234 0.1899 -0.0751 0.0021  -0.0516 40 GLU A OE2 
770 N N   . TYR A 43 ? 0.0338 0.0622 0.0584 -0.0043 -0.0087 0.0161  41 TYR A N   
771 C CA  . TYR A 43 ? 0.0414 0.0562 0.0568 -0.0044 -0.0023 0.0280  41 TYR A CA  
772 C C   . TYR A 43 ? 0.0310 0.0499 0.0643 -0.0010 -0.0118 0.0184  41 TYR A C   
773 O O   . TYR A 43 ? 0.0444 0.0628 0.0659 -0.0169 -0.0134 0.0264  41 TYR A O   
774 C CB  . TYR A 43 ? 0.0407 0.0572 0.0742 -0.0016 -0.0074 0.0336  41 TYR A CB  
775 C CG  . TYR A 43 ? 0.0683 0.0582 0.0672 0.0037  0.0007  0.0290  41 TYR A CG  
776 C CD1 . TYR A 43 ? 0.0994 0.0692 0.0694 -0.0166 -0.0195 0.0282  41 TYR A CD1 
777 C CD2 . TYR A 43 ? 0.2030 0.0603 0.1124 0.0099  0.0399  0.0175  41 TYR A CD2 
778 C CE1 . TYR A 43 ? 0.1571 0.0665 0.1162 -0.0208 -0.0385 0.0317  41 TYR A CE1 
779 C CE2 . TYR A 43 ? 0.2704 0.0692 0.1302 0.0027  0.0149  0.0084  41 TYR A CE2 
780 C CZ  . TYR A 43 ? 0.2548 0.0683 0.1367 -0.0119 -0.0306 0.0125  41 TYR A CZ  
781 O OH  . TYR A 43 ? 0.3399 0.0941 0.1805 -0.0272 -0.0497 0.0170  41 TYR A OH  
791 N N   . PHE A 44 ? 0.0375 0.0430 0.0561 -0.0115 -0.0069 0.0186  42 PHE A N   
792 C CA  . PHE A 44 ? 0.0424 0.0456 0.0578 -0.0094 -0.0078 0.0127  42 PHE A CA  
793 C C   . PHE A 44 ? 0.0339 0.0440 0.0617 -0.0083 -0.0071 0.0196  42 PHE A C   
794 O O   . PHE A 44 ? 0.0538 0.0595 0.0869 -0.0034 -0.0271 0.0083  42 PHE A O   
795 C CB  . PHE A 44 ? 0.0490 0.0619 0.0533 -0.0062 -0.0009 0.0041  42 PHE A CB  
796 C CG  . PHE A 44 ? 0.0533 0.0867 0.0562 -0.0014 0.0020  0.0081  42 PHE A CG  
797 C CD1 . PHE A 44 ? 0.0682 0.0717 0.0966 0.0050  0.0096  0.0140  42 PHE A CD1 
798 C CD2 . PHE A 44 ? 0.0612 0.1092 0.0574 0.0072  -0.0071 -0.0064 42 PHE A CD2 
799 C CE1 . PHE A 44 ? 0.0956 0.0774 0.1142 0.0152  0.0106  -0.0027 42 PHE A CE1 
800 C CE2 . PHE A 44 ? 0.0663 0.1314 0.0694 0.0190  -0.0096 0.0075  42 PHE A CE2 
801 C CZ  . PHE A 44 ? 0.1135 0.1032 0.0941 0.0207  0.0020  -0.0007 42 PHE A CZ  
811 N N   A GLN A 45 ? 0.0349 0.0414 0.0496 0.0037  -0.0121 0.0195  43 GLN A N   
812 N N   B GLN A 45 ? 0.0286 0.0378 0.0634 -0.0078 -0.0062 0.0124  43 GLN A N   
813 C CA  A GLN A 45 ? 0.0502 0.0487 0.0515 0.0094  -0.0118 0.0243  43 GLN A CA  
814 C CA  B GLN A 45 ? 0.0351 0.0359 0.0776 -0.0090 0.0053  0.0112  43 GLN A CA  
815 C C   A GLN A 45 ? 0.0451 0.0473 0.0629 0.0068  -0.0201 0.0127  43 GLN A C   
816 C C   B GLN A 45 ? 0.0335 0.0295 0.0723 -0.0014 0.0112  0.0080  43 GLN A C   
817 O O   A GLN A 45 ? 0.0427 0.0867 0.0797 0.0068  -0.0181 0.0043  43 GLN A O   
818 O O   B GLN A 45 ? 0.0433 0.0344 0.0752 0.0184  0.0016  0.0036  43 GLN A O   
819 C CB  A GLN A 45 ? 0.0601 0.0400 0.1102 0.0108  0.0177  0.0249  43 GLN A CB  
820 C CB  B GLN A 45 ? 0.0478 0.0313 0.1085 0.0037  -0.0040 0.0116  43 GLN A CB  
821 C CG  A GLN A 45 ? 0.1352 0.0958 0.1639 0.0144  0.0009  0.0423  43 GLN A CG  
822 C CG  B GLN A 45 ? 0.0768 0.0654 0.1214 0.0041  -0.0158 0.0282  43 GLN A CG  
823 C CD  A GLN A 45 ? 0.1852 0.1446 0.1752 0.0391  -0.0175 0.0444  43 GLN A CD  
824 C CD  B GLN A 45 ? 0.1341 0.1172 0.1722 -0.0015 -0.0300 0.0396  43 GLN A CD  
825 O OE1 A GLN A 45 ? 0.1911 0.1708 0.1302 0.0159  -0.0307 0.0301  43 GLN A OE1 
826 O OE1 B GLN A 45 ? 0.1711 0.1214 0.2135 -0.0058 -0.0223 0.0574  43 GLN A OE1 
827 N NE2 A GLN A 45 ? 0.2142 0.1623 0.1949 0.0625  -0.0186 0.0522  43 GLN A NE2 
828 N NE2 B GLN A 45 ? 0.1766 0.1178 0.2085 -0.0076 -0.0484 0.0299  43 GLN A NE2 
845 N N   A GLN A 46 ? 0.0394 0.0387 0.0883 0.0041  -0.0071 0.0153  44 GLN A N   
846 N N   B GLN A 46 ? 0.0376 0.0306 0.0728 -0.0009 0.0240  0.0073  44 GLN A N   
847 N N   C GLN A 46 ? 0.0430 0.0504 0.1129 -0.0026 0.0246  0.0042  44 GLN A N   
848 C CA  A GLN A 46 ? 0.0371 0.0385 0.0872 -0.0073 0.0220  0.0045  44 GLN A CA  
849 C CA  B GLN A 46 ? 0.0727 0.0369 0.0798 -0.0089 0.0233  -0.0112 44 GLN A CA  
850 C CA  C GLN A 46 ? 0.0521 0.0455 0.1076 -0.0086 0.0248  0.0007  44 GLN A CA  
851 C C   A GLN A 46 ? 0.0380 0.0353 0.0481 0.0015  0.0093  0.0131  44 GLN A C   
852 C C   B GLN A 46 ? 0.0566 0.0408 0.0646 0.0033  0.0024  0.0018  44 GLN A C   
853 C C   C GLN A 46 ? 0.0475 0.0414 0.0843 -0.0012 0.0124  0.0022  44 GLN A C   
854 O O   A GLN A 46 ? 0.0381 0.0306 0.0541 0.0015  -0.0073 -0.0037 44 GLN A O   
855 O O   B GLN A 46 ? 0.0362 0.0560 0.0544 0.0076  0.0106  -0.0018 44 GLN A O   
856 O O   C GLN A 46 ? 0.0457 0.0443 0.0831 -0.0015 0.0140  -0.0016 44 GLN A O   
857 C CB  A GLN A 46 ? 0.0761 0.0591 0.0585 -0.0277 0.0301  -0.0035 44 GLN A CB  
858 C CB  B GLN A 46 ? 0.1218 0.0571 0.0873 -0.0388 0.0302  -0.0124 44 GLN A CB  
859 C CB  C GLN A 46 ? 0.0691 0.0491 0.1113 -0.0217 0.0280  0.0009  44 GLN A CB  
860 C CG  A GLN A 46 ? 0.0946 0.0720 0.0947 -0.0398 0.0255  -0.0338 44 GLN A CG  
861 C CG  B GLN A 46 ? 0.1625 0.0775 0.1308 -0.0473 0.0241  -0.0332 44 GLN A CG  
862 C CG  C GLN A 46 ? 0.0754 0.0522 0.1129 -0.0276 0.0253  -0.0042 44 GLN A CG  
863 C CD  A GLN A 46 ? 0.1378 0.0800 0.1682 -0.0378 0.0341  -0.0455 44 GLN A CD  
864 C CD  B GLN A 46 ? 0.1843 0.1010 0.1633 -0.0389 0.0170  -0.0515 44 GLN A CD  
865 C CD  C GLN A 46 ? 0.0627 0.0503 0.1029 -0.0245 0.0243  -0.0064 44 GLN A CD  
866 O OE1 A GLN A 46 ? 0.1349 0.0949 0.1831 -0.0156 0.0562  -0.0387 44 GLN A OE1 
867 O OE1 B GLN A 46 ? 0.1408 0.1395 0.1902 -0.0339 0.0489  -0.0591 44 GLN A OE1 
868 O OE1 C GLN A 46 ? 0.0532 0.0515 0.1102 -0.0129 0.0372  -0.0156 44 GLN A OE1 
869 N NE2 A GLN A 46 ? 0.1778 0.1019 0.2481 -0.0048 0.0100  -0.0655 44 GLN A NE2 
870 N NE2 B GLN A 46 ? 0.2103 0.1232 0.2265 -0.0222 0.0136  -0.0290 44 GLN A NE2 
871 N NE2 C GLN A 46 ? 0.0523 0.0445 0.0717 -0.0276 0.0070  -0.0040 44 GLN A NE2 
893 N N   . SER A 47 ? 0.0364 0.0353 0.0681 0.0021  0.0079  0.0041  45 SER A N   
894 C CA  . SER A 47 ? 0.0384 0.0360 0.0568 -0.0018 -0.0035 0.0103  45 SER A CA  
895 C C   . SER A 47 ? 0.0365 0.0350 0.0544 -0.0020 -0.0178 0.0078  45 SER A C   
896 O O   . SER A 47 ? 0.0606 0.0388 0.0501 0.0028  -0.0124 0.0041  45 SER A O   
897 C CB  . SER A 47 ? 0.0374 0.0388 0.0620 0.0001  -0.0067 0.0159  45 SER A CB  
898 O OG  . SER A 47 ? 0.0425 0.0486 0.0634 -0.0069 -0.0136 0.0240  45 SER A OG  
904 N N   . ASP A 48 ? 0.0603 0.0341 0.0479 0.0086  -0.0144 0.0048  46 ASP A N   
905 C CA  . ASP A 48 ? 0.0597 0.0419 0.0650 0.0126  -0.0101 0.0070  46 ASP A CA  
906 C C   . ASP A 48 ? 0.0867 0.0620 0.0588 0.0039  -0.0197 0.0109  46 ASP A C   
907 O O   . ASP A 48 ? 0.1210 0.0429 0.1011 0.0044  -0.0441 -0.0002 46 ASP A O   
908 C CB  . ASP A 48 ? 0.0506 0.0390 0.0696 -0.0006 -0.0114 0.0151  46 ASP A CB  
909 C CG  . ASP A 48 ? 0.0458 0.0480 0.0678 0.0061  -0.0041 0.0194  46 ASP A CG  
910 O OD1 . ASP A 48 ? 0.0490 0.0470 0.0914 -0.0029 -0.0183 0.0317  46 ASP A OD1 
911 O OD2 . ASP A 48 ? 0.0615 0.0571 0.1148 -0.0137 -0.0155 0.0391  46 ASP A OD2 
912 O OXT . ASP A 48 ? 0.1254 0.1047 0.1001 0.0424  -0.0231 -0.0285 46 ASP A OXT 
917 O O   . HOH B .  ? 0.0630 0.0819 0.1246 0.0041  0.0091  0.0578  47 HOH A O   
918 O O   . HOH B .  ? 0.7339 0.2885 0.2141 -0.0614 -0.0386 -0.0449 48 HOH A O   
919 O O   . HOH B .  ? 0.1834 0.1447 0.1805 0.0719  0.0287  0.0195  49 HOH A O   
920 O O   . HOH B .  ? 0.0520 0.0955 0.0900 -0.0017 -0.0249 -0.0054 50 HOH A O   
921 O O   . HOH B .  ? 0.0694 0.0433 0.1168 -0.0072 -0.0185 0.0069  51 HOH A O   
922 O O   . HOH B .  ? 0.0754 0.0551 0.0601 -0.0102 0.0005  0.0123  52 HOH A O   
923 O O   . HOH B .  ? 0.4691 0.4236 0.1643 0.1518  -0.0492 -0.0454 53 HOH A O   
924 O O   A HOH B .  ? 0.1882 0.3225 0.1290 -0.0477 0.0354  0.0016  54 HOH A O   
925 O O   B HOH B .  ? 0.3137 0.3438 0.2969 -0.0210 0.0264  0.0326  54 HOH A O   
928 O O   . HOH B .  ? 0.1353 0.0492 0.1332 0.0084  -0.0307 0.0095  57 HOH A O   
929 O O   . HOH B .  ? 0.0950 0.1152 0.1005 -0.0038 -0.0192 -0.0325 58 HOH A O   
930 O O   . HOH B .  ? 0.0582 0.0424 0.0904 0.0048  -0.0049 0.0108  59 HOH A O   
931 O O   . HOH B .  ? 0.1247 0.0505 0.1273 -0.0118 -0.0094 0.0202  60 HOH A O   
932 O O   . HOH B .  ? 0.1115 0.1365 0.3030 -0.0299 -0.0642 0.0958  61 HOH A O   
933 O O   . HOH B .  ? 0.3014 0.2193 0.1719 0.1314  -0.0797 -0.0241 62 HOH A O   
934 O O   . HOH B .  ? 0.1559 0.1374 0.1764 0.0446  0.0116  0.0654  63 HOH A O   
935 O O   . HOH B .  ? 0.2740 0.1381 0.3018 0.0314  0.0500  -0.0854 64 HOH A O   
936 O O   . HOH B .  ? 0.1209 0.2738 0.1617 0.0036  -0.0206 -0.0027 65 HOH A O   
937 O O   . HOH B .  ? 0.1146 0.1447 0.2305 -0.0314 -0.0219 0.0099  66 HOH A O   
938 O O   . HOH B .  ? 0.1371 0.1289 0.1380 0.0228  -0.0291 0.0138  67 HOH A O   
939 O O   . HOH B .  ? 0.1060 0.2392 0.2069 -0.0209 -0.0473 -0.0683 68 HOH A O   
940 O O   . HOH B .  ? 0.1278 0.1371 0.2762 -0.0385 -0.0438 0.0773  69 HOH A O   
941 O O   . HOH B .  ? 0.1776 0.1538 0.1433 -0.0584 0.0036  0.0007  70 HOH A O   
942 O O   . HOH B .  ? 0.2091 0.0725 0.1221 -0.0150 -0.0801 0.0120  71 HOH A O   
943 O O   . HOH B .  ? 0.0557 0.0979 0.0778 -0.0025 0.0013  -0.0112 72 HOH A O   
944 O O   . HOH B .  ? 0.1762 0.1399 0.4179 -0.0225 0.1145  -0.0721 73 HOH A O   
945 O O   . HOH B .  ? 0.1384 0.4422 0.1554 -0.0281 0.0172  -0.1014 74 HOH A O   
946 O O   . HOH B .  ? 0.2038 0.0784 0.2330 -0.0020 0.0859  0.0124  75 HOH A O   
947 O O   . HOH B .  ? 0.2456 0.2828 0.3727 0.0994  0.0546  -0.0572 76 HOH A O   
948 O O   . HOH B .  ? 0.3763 0.1091 0.1985 0.0477  -0.0436 0.0079  77 HOH A O   
949 O O   . HOH B .  ? 0.3883 0.1337 0.2054 0.0148  -0.0411 0.0533  78 HOH A O   
950 O O   . HOH B .  ? 0.3831 0.1683 0.1601 0.0191  0.1111  -0.0140 79 HOH A O   
951 O O   A HOH B .  ? 0.0911 0.0529 0.0827 -0.0181 -0.0247 0.0225  80 HOH A O   
952 O O   B HOH B .  ? 0.0580 0.0501 0.0629 0.0150  -0.0078 0.0270  80 HOH A O   
953 O O   . HOH B .  ? 0.1452 0.2441 0.1585 0.0478  0.0124  0.1060  81 HOH A O   
954 O O   A HOH B .  ? 0.1146 0.1210 0.2403 -0.0005 -0.0521 0.0035  82 HOH A O   
955 O O   B HOH B .  ? 0.3238 0.1378 0.1154 -0.1015 -0.0267 0.0139  82 HOH A O   
956 O O   . HOH B .  ? 0.2234 0.3599 0.2280 0.1504  0.0558  0.0986  83 HOH A O   
957 O O   . HOH B .  ? 0.4764 0.4087 0.4271 -0.2068 -0.0434 -0.1336 84 HOH A O   
958 O O   A HOH B .  ? 0.1832 0.1515 0.2427 0.0136  -0.0434 -0.0637 85 HOH A O   
959 O O   B HOH B .  ? 0.2580 0.2725 0.2005 -0.0220 -0.0609 -0.0413 85 HOH A O   
960 O O   . HOH B .  ? 0.3646 0.1819 0.6617 0.0054  0.1134  -0.0065 86 HOH A O   
961 O O   . HOH B .  ? 0.1279 0.1041 0.2540 -0.0226 -0.0190 0.0716  87 HOH A O   
962 O O   . HOH B .  ? 0.1651 0.0659 0.2284 0.0225  0.0012  0.0234  88 HOH A O   
963 O O   . HOH B .  ? 0.3242 0.2241 0.2572 0.1057  -0.0371 0.0123  89 HOH A O   
964 O O   . HOH B .  ? 0.1151 0.0656 0.1330 -0.0173 -0.0250 0.0269  90 HOH A O   
965 O O   . HOH B .  ? 0.1472 0.1510 0.2041 -0.0125 -0.0218 0.0106  91 HOH A O   
966 O O   . HOH B .  ? 0.4039 0.1379 0.1197 0.0729  -0.0167 0.0095  92 HOH A O   
967 O O   . HOH B .  ? 0.3680 0.3124 0.1511 0.1353  -0.0710 -0.0618 93 HOH A O   
968 O O   . HOH B .  ? 0.1549 0.4267 0.2913 0.0562  -0.0733 -0.0823 94 HOH A O   
969 O O   . HOH B .  ? 0.3362 0.4133 0.2694 0.1524  -0.0958 0.0505  95 HOH A O   
970 O O   . HOH B .  ? 0.4596 0.1735 0.2419 0.0020  0.1346  0.0439  96 HOH A O   
971 O O   . HOH B .  ? 0.5238 0.3352 0.3269 -0.0801 -0.0065 -0.1775 97 HOH A O   
972 O O   A HOH B .  ? 0.3264 0.2503 0.2124 0.1177  0.0858  -0.0306 98 HOH A O   
973 O O   B HOH B .  ? 0.3819 0.4119 0.2169 0.1136  0.1323  0.0288  98 HOH A O   
# 
loop_
_pdbx_poly_seq_scheme.asym_id 
_pdbx_poly_seq_scheme.entity_id 
_pdbx_poly_seq_scheme.seq_id 
_pdbx_poly_seq_scheme.mon_id 
_pdbx_poly_seq_scheme.ndb_seq_num 
_pdbx_poly_seq_scheme.pdb_seq_num 
_pdbx_poly_seq_scheme.auth_seq_num 
_pdbx_poly_seq_scheme.pdb_mon_id 
_pdbx_poly_seq_scheme.auth_mon_id 
_pdbx_poly_seq_scheme.pdb_strand_id 
_pdbx_poly_seq_scheme.pdb_ins_code 
_pdbx_poly_seq_scheme.hetero 
A 1 1  GLY 1  -1 -1 GLY GLY A . n 
A 1 2  SER 2  0  0  SER SER A . n 
A 1 3  GLY 3  1  1  GLY GLY A . n 
A 1 4  SER 4  2  2  SER SER A . n 
A 1 5  PRO 5  3  3  PRO PRO A . n 
A 1 6  LEU 6  4  4  LEU LEU A . n 
A 1 7  ALA 7  5  5  ALA ALA A . n 
A 1 8  GLN 8  6  6  GLN GLN A . n 
A 1 9  GLN 9  7  7  GLN GLN A . n 
A 1 10 ILE 10 8  8  ILE ILE A . n 
A 1 11 LYS 11 9  9  LYS LYS A . n 
A 1 12 ASN 12 10 10 ASN ASN A . n 
A 1 13 ILE 13 11 11 ILE ILE A . n 
A 1 14 HIS 14 12 12 HIS HIS A . n 
A 1 15 SER 15 13 13 SER SER A . n 
A 1 16 PHE 16 14 14 PHE PHE A . n 
A 1 17 ILE 17 15 15 ILE ILE A . n 
A 1 18 HIS 18 16 16 HIS HIS A . n 
A 1 19 GLN 19 17 17 GLN GLN A . n 
A 1 20 ALA 20 18 18 ALA ALA A . n 
A 1 21 LYS 21 19 19 LYS LYS A . n 
A 1 22 ALA 22 20 20 ALA ALA A . n 
A 1 23 ALA 23 21 21 ALA ALA A . n 
A 1 24 GLY 24 22 22 GLY GLY A . n 
A 1 25 ARG 25 23 23 ARG ARG A . n 
A 1 26 MET 26 24 24 MET MET A . n 
A 1 27 ASP 27 25 25 ASP ASP A . n 
A 1 28 GLU 28 26 26 GLU GLU A . n 
A 1 29 VAL 29 27 27 VAL VAL A . n 
A 1 30 ARG 30 28 28 ARG ARG A . n 
A 1 31 THR 31 29 29 THR THR A . n 
A 1 32 LEU 32 30 30 LEU LEU A . n 
A 1 33 GLN 33 31 31 GLN GLN A . n 
A 1 34 GLU 34 32 32 GLU GLU A . n 
A 1 35 ASN 35 33 33 ASN ASN A . n 
A 1 36 LEU 36 34 34 LEU LEU A . n 
A 1 37 HIS 37 35 35 HIS HIS A . n 
A 1 38 GLN 38 36 36 GLN GLN A . n 
A 1 39 LEU 39 37 37 LEU LEU A . n 
A 1 40 MET 40 38 38 MET MET A . n 
A 1 41 HIS 41 39 39 HIS HIS A . n 
A 1 42 GLU 42 40 40 GLU GLU A . n 
A 1 43 TYR 43 41 41 TYR TYR A . n 
A 1 44 PHE 44 42 42 PHE PHE A . n 
A 1 45 GLN 45 43 43 GLN GLN A . n 
A 1 46 GLN 46 44 44 GLN GLN A . n 
A 1 47 SER 47 45 45 SER SER A . n 
A 1 48 ASP 48 46 46 ASP ASP A . n 
# 
loop_
_pdbx_nonpoly_scheme.asym_id 
_pdbx_nonpoly_scheme.entity_id 
_pdbx_nonpoly_scheme.mon_id 
_pdbx_nonpoly_scheme.ndb_seq_num 
_pdbx_nonpoly_scheme.pdb_seq_num 
_pdbx_nonpoly_scheme.auth_seq_num 
_pdbx_nonpoly_scheme.pdb_mon_id 
_pdbx_nonpoly_scheme.auth_mon_id 
_pdbx_nonpoly_scheme.pdb_strand_id 
_pdbx_nonpoly_scheme.pdb_ins_code 
B 2 HOH 1  47 1  HOH HOH A . 
B 2 HOH 2  48 48 HOH HOH A . 
B 2 HOH 3  49 49 HOH HOH A . 
B 2 HOH 4  50 2  HOH HOH A . 
B 2 HOH 5  51 3  HOH HOH A . 
B 2 HOH 6  52 4  HOH HOH A . 
B 2 HOH 7  53 53 HOH HOH A . 
B 2 HOH 8  54 54 HOH HOH A . 
B 2 HOH 9  55 55 HOH HOH A . 
B 2 HOH 10 56 56 HOH HOH A . 
B 2 HOH 11 57 5  HOH HOH A . 
B 2 HOH 12 58 6  HOH HOH A . 
B 2 HOH 13 59 7  HOH HOH A . 
B 2 HOH 14 60 8  HOH HOH A . 
B 2 HOH 15 61 9  HOH HOH A . 
B 2 HOH 16 62 10 HOH HOH A . 
B 2 HOH 17 63 11 HOH HOH A . 
B 2 HOH 18 64 12 HOH HOH A . 
B 2 HOH 19 65 13 HOH HOH A . 
B 2 HOH 20 66 14 HOH HOH A . 
B 2 HOH 21 67 15 HOH HOH A . 
B 2 HOH 22 68 16 HOH HOH A . 
B 2 HOH 23 69 17 HOH HOH A . 
B 2 HOH 24 70 18 HOH HOH A . 
B 2 HOH 25 71 19 HOH HOH A . 
B 2 HOH 26 72 20 HOH HOH A . 
B 2 HOH 27 73 21 HOH HOH A . 
B 2 HOH 28 74 22 HOH HOH A . 
B 2 HOH 29 75 23 HOH HOH A . 
B 2 HOH 30 76 24 HOH HOH A . 
B 2 HOH 31 77 25 HOH HOH A . 
B 2 HOH 32 78 26 HOH HOH A . 
B 2 HOH 33 79 27 HOH HOH A . 
B 2 HOH 34 80 28 HOH HOH A . 
B 2 HOH 35 81 29 HOH HOH A . 
B 2 HOH 36 82 30 HOH HOH A . 
B 2 HOH 37 83 31 HOH HOH A . 
B 2 HOH 38 84 32 HOH HOH A . 
B 2 HOH 39 85 33 HOH HOH A . 
B 2 HOH 40 86 34 HOH HOH A . 
B 2 HOH 41 87 35 HOH HOH A . 
B 2 HOH 42 88 36 HOH HOH A . 
B 2 HOH 43 89 37 HOH HOH A . 
B 2 HOH 44 90 38 HOH HOH A . 
B 2 HOH 45 91 39 HOH HOH A . 
B 2 HOH 46 92 40 HOH HOH A . 
B 2 HOH 47 93 41 HOH HOH A . 
B 2 HOH 48 94 42 HOH HOH A . 
B 2 HOH 49 95 43 HOH HOH A . 
B 2 HOH 50 96 44 HOH HOH A . 
B 2 HOH 51 97 45 HOH HOH A . 
B 2 HOH 52 98 46 HOH HOH A . 
# 
_pdbx_struct_assembly.id                   1 
_pdbx_struct_assembly.details              author_and_software_defined_assembly 
_pdbx_struct_assembly.method_details       PISA 
_pdbx_struct_assembly.oligomeric_details   monomeric 
_pdbx_struct_assembly.oligomeric_count     1 
# 
_pdbx_struct_assembly_gen.assembly_id       1 
_pdbx_struct_assembly_gen.oper_expression   1 
_pdbx_struct_assembly_gen.asym_id_list      A,B 
# 
_pdbx_struct_oper_list.id                   1 
_pdbx_struct_oper_list.type                 'identity operation' 
_pdbx_struct_oper_list.name                 1_555 
_pdbx_struct_oper_list.symmetry_operation   x,y,z 
_pdbx_struct_oper_list.matrix[1][1]         1.0000000000 
_pdbx_struct_oper_list.matrix[1][2]         0.0000000000 
_pdbx_struct_oper_list.matrix[1][3]         0.0000000000 
_pdbx_struct_oper_list.vector[1]            0.0000000000 
_pdbx_struct_oper_list.matrix[2][1]         0.0000000000 
_pdbx_struct_oper_list.matrix[2][2]         1.0000000000 
_pdbx_struct_oper_list.matrix[2][3]         0.0000000000 
_pdbx_struct_oper_list.vector[2]            0.0000000000 
_pdbx_struct_oper_list.matrix[3][1]         0.0000000000 
_pdbx_struct_oper_list.matrix[3][2]         0.0000000000 
_pdbx_struct_oper_list.matrix[3][3]         1.0000000000 
_pdbx_struct_oper_list.vector[3]            0.0000000000 
# 
loop_
_pdbx_audit_revision_history.ordinal 
_pdbx_audit_revision_history.data_content_type 
_pdbx_audit_revision_history.major_revision 
_pdbx_audit_revision_history.minor_revision 
_pdbx_audit_revision_history.revision_date 
1 'Structure model' 1 0 2012-01-11 
2 'Structure model' 1 1 2012-03-07 
3 'Structure model' 1 2 2023-09-13 
# 
_pdbx_audit_revision_details.ordinal             1 
_pdbx_audit_revision_details.revision_ordinal    1 
_pdbx_audit_revision_details.data_content_type   'Structure model' 
_pdbx_audit_revision_details.provider            repository 
_pdbx_audit_revision_details.type                'Initial release' 
_pdbx_audit_revision_details.description         ? 
_pdbx_audit_revision_details.details             ? 
# 
loop_
_pdbx_audit_revision_group.ordinal 
_pdbx_audit_revision_group.revision_ordinal 
_pdbx_audit_revision_group.data_content_type 
_pdbx_audit_revision_group.group 
1 2 'Structure model' 'Database references'    
2 3 'Structure model' 'Data collection'        
3 3 'Structure model' 'Database references'    
4 3 'Structure model' 'Refinement description' 
# 
loop_
_pdbx_audit_revision_category.ordinal 
_pdbx_audit_revision_category.revision_ordinal 
_pdbx_audit_revision_category.data_content_type 
_pdbx_audit_revision_category.category 
1 3 'Structure model' chem_comp_atom                
2 3 'Structure model' chem_comp_bond                
3 3 'Structure model' database_2                    
4 3 'Structure model' pdbx_initial_refinement_model 
# 
loop_
_pdbx_audit_revision_item.ordinal 
_pdbx_audit_revision_item.revision_ordinal 
_pdbx_audit_revision_item.data_content_type 
_pdbx_audit_revision_item.item 
1 3 'Structure model' '_database_2.pdbx_DOI'                
2 3 'Structure model' '_database_2.pdbx_database_accession' 
# 
loop_
_software.name 
_software.classification 
_software.version 
_software.citation_id 
_software.pdbx_ordinal 
HKL-2000 'data collection' .                            ? 1 
PHASER   phasing           .                            ? 2 
PHENIX   refinement        '(phenix.refine: 1.7.3_927)' ? 3 
HKL-2000 'data reduction'  .                            ? 4 
HKL-2000 'data scaling'    .                            ? 5 
# 
loop_
_chem_comp_atom.comp_id 
_chem_comp_atom.atom_id 
_chem_comp_atom.type_symbol 
_chem_comp_atom.pdbx_aromatic_flag 
_chem_comp_atom.pdbx_stereo_config 
_chem_comp_atom.pdbx_ordinal 
ALA N    N N N 1   
ALA CA   C N S 2   
ALA C    C N N 3   
ALA O    O N N 4   
ALA CB   C N N 5   
ALA OXT  O N N 6   
ALA H    H N N 7   
ALA H2   H N N 8   
ALA HA   H N N 9   
ALA HB1  H N N 10  
ALA HB2  H N N 11  
ALA HB3  H N N 12  
ALA HXT  H N N 13  
ARG N    N N N 14  
ARG CA   C N S 15  
ARG C    C N N 16  
ARG O    O N N 17  
ARG CB   C N N 18  
ARG CG   C N N 19  
ARG CD   C N N 20  
ARG NE   N N N 21  
ARG CZ   C N N 22  
ARG NH1  N N N 23  
ARG NH2  N N N 24  
ARG OXT  O N N 25  
ARG H    H N N 26  
ARG H2   H N N 27  
ARG HA   H N N 28  
ARG HB2  H N N 29  
ARG HB3  H N N 30  
ARG HG2  H N N 31  
ARG HG3  H N N 32  
ARG HD2  H N N 33  
ARG HD3  H N N 34  
ARG HE   H N N 35  
ARG HH11 H N N 36  
ARG HH12 H N N 37  
ARG HH21 H N N 38  
ARG HH22 H N N 39  
ARG HXT  H N N 40  
ASN N    N N N 41  
ASN CA   C N S 42  
ASN C    C N N 43  
ASN O    O N N 44  
ASN CB   C N N 45  
ASN CG   C N N 46  
ASN OD1  O N N 47  
ASN ND2  N N N 48  
ASN OXT  O N N 49  
ASN H    H N N 50  
ASN H2   H N N 51  
ASN HA   H N N 52  
ASN HB2  H N N 53  
ASN HB3  H N N 54  
ASN HD21 H N N 55  
ASN HD22 H N N 56  
ASN HXT  H N N 57  
ASP N    N N N 58  
ASP CA   C N S 59  
ASP C    C N N 60  
ASP O    O N N 61  
ASP CB   C N N 62  
ASP CG   C N N 63  
ASP OD1  O N N 64  
ASP OD2  O N N 65  
ASP OXT  O N N 66  
ASP H    H N N 67  
ASP H2   H N N 68  
ASP HA   H N N 69  
ASP HB2  H N N 70  
ASP HB3  H N N 71  
ASP HD2  H N N 72  
ASP HXT  H N N 73  
GLN N    N N N 74  
GLN CA   C N S 75  
GLN C    C N N 76  
GLN O    O N N 77  
GLN CB   C N N 78  
GLN CG   C N N 79  
GLN CD   C N N 80  
GLN OE1  O N N 81  
GLN NE2  N N N 82  
GLN OXT  O N N 83  
GLN H    H N N 84  
GLN H2   H N N 85  
GLN HA   H N N 86  
GLN HB2  H N N 87  
GLN HB3  H N N 88  
GLN HG2  H N N 89  
GLN HG3  H N N 90  
GLN HE21 H N N 91  
GLN HE22 H N N 92  
GLN HXT  H N N 93  
GLU N    N N N 94  
GLU CA   C N S 95  
GLU C    C N N 96  
GLU O    O N N 97  
GLU CB   C N N 98  
GLU CG   C N N 99  
GLU CD   C N N 100 
GLU OE1  O N N 101 
GLU OE2  O N N 102 
GLU OXT  O N N 103 
GLU H    H N N 104 
GLU H2   H N N 105 
GLU HA   H N N 106 
GLU HB2  H N N 107 
GLU HB3  H N N 108 
GLU HG2  H N N 109 
GLU HG3  H N N 110 
GLU HE2  H N N 111 
GLU HXT  H N N 112 
GLY N    N N N 113 
GLY CA   C N N 114 
GLY C    C N N 115 
GLY O    O N N 116 
GLY OXT  O N N 117 
GLY H    H N N 118 
GLY H2   H N N 119 
GLY HA2  H N N 120 
GLY HA3  H N N 121 
GLY HXT  H N N 122 
HIS N    N N N 123 
HIS CA   C N S 124 
HIS C    C N N 125 
HIS O    O N N 126 
HIS CB   C N N 127 
HIS CG   C Y N 128 
HIS ND1  N Y N 129 
HIS CD2  C Y N 130 
HIS CE1  C Y N 131 
HIS NE2  N Y N 132 
HIS OXT  O N N 133 
HIS H    H N N 134 
HIS H2   H N N 135 
HIS HA   H N N 136 
HIS HB2  H N N 137 
HIS HB3  H N N 138 
HIS HD1  H N N 139 
HIS HD2  H N N 140 
HIS HE1  H N N 141 
HIS HE2  H N N 142 
HIS HXT  H N N 143 
HOH O    O N N 144 
HOH H1   H N N 145 
HOH H2   H N N 146 
ILE N    N N N 147 
ILE CA   C N S 148 
ILE C    C N N 149 
ILE O    O N N 150 
ILE CB   C N S 151 
ILE CG1  C N N 152 
ILE CG2  C N N 153 
ILE CD1  C N N 154 
ILE OXT  O N N 155 
ILE H    H N N 156 
ILE H2   H N N 157 
ILE HA   H N N 158 
ILE HB   H N N 159 
ILE HG12 H N N 160 
ILE HG13 H N N 161 
ILE HG21 H N N 162 
ILE HG22 H N N 163 
ILE HG23 H N N 164 
ILE HD11 H N N 165 
ILE HD12 H N N 166 
ILE HD13 H N N 167 
ILE HXT  H N N 168 
LEU N    N N N 169 
LEU CA   C N S 170 
LEU C    C N N 171 
LEU O    O N N 172 
LEU CB   C N N 173 
LEU CG   C N N 174 
LEU CD1  C N N 175 
LEU CD2  C N N 176 
LEU OXT  O N N 177 
LEU H    H N N 178 
LEU H2   H N N 179 
LEU HA   H N N 180 
LEU HB2  H N N 181 
LEU HB3  H N N 182 
LEU HG   H N N 183 
LEU HD11 H N N 184 
LEU HD12 H N N 185 
LEU HD13 H N N 186 
LEU HD21 H N N 187 
LEU HD22 H N N 188 
LEU HD23 H N N 189 
LEU HXT  H N N 190 
LYS N    N N N 191 
LYS CA   C N S 192 
LYS C    C N N 193 
LYS O    O N N 194 
LYS CB   C N N 195 
LYS CG   C N N 196 
LYS CD   C N N 197 
LYS CE   C N N 198 
LYS NZ   N N N 199 
LYS OXT  O N N 200 
LYS H    H N N 201 
LYS H2   H N N 202 
LYS HA   H N N 203 
LYS HB2  H N N 204 
LYS HB3  H N N 205 
LYS HG2  H N N 206 
LYS HG3  H N N 207 
LYS HD2  H N N 208 
LYS HD3  H N N 209 
LYS HE2  H N N 210 
LYS HE3  H N N 211 
LYS HZ1  H N N 212 
LYS HZ2  H N N 213 
LYS HZ3  H N N 214 
LYS HXT  H N N 215 
MET N    N N N 216 
MET CA   C N S 217 
MET C    C N N 218 
MET O    O N N 219 
MET CB   C N N 220 
MET CG   C N N 221 
MET SD   S N N 222 
MET CE   C N N 223 
MET OXT  O N N 224 
MET H    H N N 225 
MET H2   H N N 226 
MET HA   H N N 227 
MET HB2  H N N 228 
MET HB3  H N N 229 
MET HG2  H N N 230 
MET HG3  H N N 231 
MET HE1  H N N 232 
MET HE2  H N N 233 
MET HE3  H N N 234 
MET HXT  H N N 235 
PHE N    N N N 236 
PHE CA   C N S 237 
PHE C    C N N 238 
PHE O    O N N 239 
PHE CB   C N N 240 
PHE CG   C Y N 241 
PHE CD1  C Y N 242 
PHE CD2  C Y N 243 
PHE CE1  C Y N 244 
PHE CE2  C Y N 245 
PHE CZ   C Y N 246 
PHE OXT  O N N 247 
PHE H    H N N 248 
PHE H2   H N N 249 
PHE HA   H N N 250 
PHE HB2  H N N 251 
PHE HB3  H N N 252 
PHE HD1  H N N 253 
PHE HD2  H N N 254 
PHE HE1  H N N 255 
PHE HE2  H N N 256 
PHE HZ   H N N 257 
PHE HXT  H N N 258 
PRO N    N N N 259 
PRO CA   C N S 260 
PRO C    C N N 261 
PRO O    O N N 262 
PRO CB   C N N 263 
PRO CG   C N N 264 
PRO CD   C N N 265 
PRO OXT  O N N 266 
PRO H    H N N 267 
PRO HA   H N N 268 
PRO HB2  H N N 269 
PRO HB3  H N N 270 
PRO HG2  H N N 271 
PRO HG3  H N N 272 
PRO HD2  H N N 273 
PRO HD3  H N N 274 
PRO HXT  H N N 275 
SER N    N N N 276 
SER CA   C N S 277 
SER C    C N N 278 
SER O    O N N 279 
SER CB   C N N 280 
SER OG   O N N 281 
SER OXT  O N N 282 
SER H    H N N 283 
SER H2   H N N 284 
SER HA   H N N 285 
SER HB2  H N N 286 
SER HB3  H N N 287 
SER HG   H N N 288 
SER HXT  H N N 289 
THR N    N N N 290 
THR CA   C N S 291 
THR C    C N N 292 
THR O    O N N 293 
THR CB   C N R 294 
THR OG1  O N N 295 
THR CG2  C N N 296 
THR OXT  O N N 297 
THR H    H N N 298 
THR H2   H N N 299 
THR HA   H N N 300 
THR HB   H N N 301 
THR HG1  H N N 302 
THR HG21 H N N 303 
THR HG22 H N N 304 
THR HG23 H N N 305 
THR HXT  H N N 306 
TYR N    N N N 307 
TYR CA   C N S 308 
TYR C    C N N 309 
TYR O    O N N 310 
TYR CB   C N N 311 
TYR CG   C Y N 312 
TYR CD1  C Y N 313 
TYR CD2  C Y N 314 
TYR CE1  C Y N 315 
TYR CE2  C Y N 316 
TYR CZ   C Y N 317 
TYR OH   O N N 318 
TYR OXT  O N N 319 
TYR H    H N N 320 
TYR H2   H N N 321 
TYR HA   H N N 322 
TYR HB2  H N N 323 
TYR HB3  H N N 324 
TYR HD1  H N N 325 
TYR HD2  H N N 326 
TYR HE1  H N N 327 
TYR HE2  H N N 328 
TYR HH   H N N 329 
TYR HXT  H N N 330 
VAL N    N N N 331 
VAL CA   C N S 332 
VAL C    C N N 333 
VAL O    O N N 334 
VAL CB   C N N 335 
VAL CG1  C N N 336 
VAL CG2  C N N 337 
VAL OXT  O N N 338 
VAL H    H N N 339 
VAL H2   H N N 340 
VAL HA   H N N 341 
VAL HB   H N N 342 
VAL HG11 H N N 343 
VAL HG12 H N N 344 
VAL HG13 H N N 345 
VAL HG21 H N N 346 
VAL HG22 H N N 347 
VAL HG23 H N N 348 
VAL HXT  H N N 349 
# 
loop_
_chem_comp_bond.comp_id 
_chem_comp_bond.atom_id_1 
_chem_comp_bond.atom_id_2 
_chem_comp_bond.value_order 
_chem_comp_bond.pdbx_aromatic_flag 
_chem_comp_bond.pdbx_stereo_config 
_chem_comp_bond.pdbx_ordinal 
ALA N   CA   sing N N 1   
ALA N   H    sing N N 2   
ALA N   H2   sing N N 3   
ALA CA  C    sing N N 4   
ALA CA  CB   sing N N 5   
ALA CA  HA   sing N N 6   
ALA C   O    doub N N 7   
ALA C   OXT  sing N N 8   
ALA CB  HB1  sing N N 9   
ALA CB  HB2  sing N N 10  
ALA CB  HB3  sing N N 11  
ALA OXT HXT  sing N N 12  
ARG N   CA   sing N N 13  
ARG N   H    sing N N 14  
ARG N   H2   sing N N 15  
ARG CA  C    sing N N 16  
ARG CA  CB   sing N N 17  
ARG CA  HA   sing N N 18  
ARG C   O    doub N N 19  
ARG C   OXT  sing N N 20  
ARG CB  CG   sing N N 21  
ARG CB  HB2  sing N N 22  
ARG CB  HB3  sing N N 23  
ARG CG  CD   sing N N 24  
ARG CG  HG2  sing N N 25  
ARG CG  HG3  sing N N 26  
ARG CD  NE   sing N N 27  
ARG CD  HD2  sing N N 28  
ARG CD  HD3  sing N N 29  
ARG NE  CZ   sing N N 30  
ARG NE  HE   sing N N 31  
ARG CZ  NH1  sing N N 32  
ARG CZ  NH2  doub N N 33  
ARG NH1 HH11 sing N N 34  
ARG NH1 HH12 sing N N 35  
ARG NH2 HH21 sing N N 36  
ARG NH2 HH22 sing N N 37  
ARG OXT HXT  sing N N 38  
ASN N   CA   sing N N 39  
ASN N   H    sing N N 40  
ASN N   H2   sing N N 41  
ASN CA  C    sing N N 42  
ASN CA  CB   sing N N 43  
ASN CA  HA   sing N N 44  
ASN C   O    doub N N 45  
ASN C   OXT  sing N N 46  
ASN CB  CG   sing N N 47  
ASN CB  HB2  sing N N 48  
ASN CB  HB3  sing N N 49  
ASN CG  OD1  doub N N 50  
ASN CG  ND2  sing N N 51  
ASN ND2 HD21 sing N N 52  
ASN ND2 HD22 sing N N 53  
ASN OXT HXT  sing N N 54  
ASP N   CA   sing N N 55  
ASP N   H    sing N N 56  
ASP N   H2   sing N N 57  
ASP CA  C    sing N N 58  
ASP CA  CB   sing N N 59  
ASP CA  HA   sing N N 60  
ASP C   O    doub N N 61  
ASP C   OXT  sing N N 62  
ASP CB  CG   sing N N 63  
ASP CB  HB2  sing N N 64  
ASP CB  HB3  sing N N 65  
ASP CG  OD1  doub N N 66  
ASP CG  OD2  sing N N 67  
ASP OD2 HD2  sing N N 68  
ASP OXT HXT  sing N N 69  
GLN N   CA   sing N N 70  
GLN N   H    sing N N 71  
GLN N   H2   sing N N 72  
GLN CA  C    sing N N 73  
GLN CA  CB   sing N N 74  
GLN CA  HA   sing N N 75  
GLN C   O    doub N N 76  
GLN C   OXT  sing N N 77  
GLN CB  CG   sing N N 78  
GLN CB  HB2  sing N N 79  
GLN CB  HB3  sing N N 80  
GLN CG  CD   sing N N 81  
GLN CG  HG2  sing N N 82  
GLN CG  HG3  sing N N 83  
GLN CD  OE1  doub N N 84  
GLN CD  NE2  sing N N 85  
GLN NE2 HE21 sing N N 86  
GLN NE2 HE22 sing N N 87  
GLN OXT HXT  sing N N 88  
GLU N   CA   sing N N 89  
GLU N   H    sing N N 90  
GLU N   H2   sing N N 91  
GLU CA  C    sing N N 92  
GLU CA  CB   sing N N 93  
GLU CA  HA   sing N N 94  
GLU C   O    doub N N 95  
GLU C   OXT  sing N N 96  
GLU CB  CG   sing N N 97  
GLU CB  HB2  sing N N 98  
GLU CB  HB3  sing N N 99  
GLU CG  CD   sing N N 100 
GLU CG  HG2  sing N N 101 
GLU CG  HG3  sing N N 102 
GLU CD  OE1  doub N N 103 
GLU CD  OE2  sing N N 104 
GLU OE2 HE2  sing N N 105 
GLU OXT HXT  sing N N 106 
GLY N   CA   sing N N 107 
GLY N   H    sing N N 108 
GLY N   H2   sing N N 109 
GLY CA  C    sing N N 110 
GLY CA  HA2  sing N N 111 
GLY CA  HA3  sing N N 112 
GLY C   O    doub N N 113 
GLY C   OXT  sing N N 114 
GLY OXT HXT  sing N N 115 
HIS N   CA   sing N N 116 
HIS N   H    sing N N 117 
HIS N   H2   sing N N 118 
HIS CA  C    sing N N 119 
HIS CA  CB   sing N N 120 
HIS CA  HA   sing N N 121 
HIS C   O    doub N N 122 
HIS C   OXT  sing N N 123 
HIS CB  CG   sing N N 124 
HIS CB  HB2  sing N N 125 
HIS CB  HB3  sing N N 126 
HIS CG  ND1  sing Y N 127 
HIS CG  CD2  doub Y N 128 
HIS ND1 CE1  doub Y N 129 
HIS ND1 HD1  sing N N 130 
HIS CD2 NE2  sing Y N 131 
HIS CD2 HD2  sing N N 132 
HIS CE1 NE2  sing Y N 133 
HIS CE1 HE1  sing N N 134 
HIS NE2 HE2  sing N N 135 
HIS OXT HXT  sing N N 136 
HOH O   H1   sing N N 137 
HOH O   H2   sing N N 138 
ILE N   CA   sing N N 139 
ILE N   H    sing N N 140 
ILE N   H2   sing N N 141 
ILE CA  C    sing N N 142 
ILE CA  CB   sing N N 143 
ILE CA  HA   sing N N 144 
ILE C   O    doub N N 145 
ILE C   OXT  sing N N 146 
ILE CB  CG1  sing N N 147 
ILE CB  CG2  sing N N 148 
ILE CB  HB   sing N N 149 
ILE CG1 CD1  sing N N 150 
ILE CG1 HG12 sing N N 151 
ILE CG1 HG13 sing N N 152 
ILE CG2 HG21 sing N N 153 
ILE CG2 HG22 sing N N 154 
ILE CG2 HG23 sing N N 155 
ILE CD1 HD11 sing N N 156 
ILE CD1 HD12 sing N N 157 
ILE CD1 HD13 sing N N 158 
ILE OXT HXT  sing N N 159 
LEU N   CA   sing N N 160 
LEU N   H    sing N N 161 
LEU N   H2   sing N N 162 
LEU CA  C    sing N N 163 
LEU CA  CB   sing N N 164 
LEU CA  HA   sing N N 165 
LEU C   O    doub N N 166 
LEU C   OXT  sing N N 167 
LEU CB  CG   sing N N 168 
LEU CB  HB2  sing N N 169 
LEU CB  HB3  sing N N 170 
LEU CG  CD1  sing N N 171 
LEU CG  CD2  sing N N 172 
LEU CG  HG   sing N N 173 
LEU CD1 HD11 sing N N 174 
LEU CD1 HD12 sing N N 175 
LEU CD1 HD13 sing N N 176 
LEU CD2 HD21 sing N N 177 
LEU CD2 HD22 sing N N 178 
LEU CD2 HD23 sing N N 179 
LEU OXT HXT  sing N N 180 
LYS N   CA   sing N N 181 
LYS N   H    sing N N 182 
LYS N   H2   sing N N 183 
LYS CA  C    sing N N 184 
LYS CA  CB   sing N N 185 
LYS CA  HA   sing N N 186 
LYS C   O    doub N N 187 
LYS C   OXT  sing N N 188 
LYS CB  CG   sing N N 189 
LYS CB  HB2  sing N N 190 
LYS CB  HB3  sing N N 191 
LYS CG  CD   sing N N 192 
LYS CG  HG2  sing N N 193 
LYS CG  HG3  sing N N 194 
LYS CD  CE   sing N N 195 
LYS CD  HD2  sing N N 196 
LYS CD  HD3  sing N N 197 
LYS CE  NZ   sing N N 198 
LYS CE  HE2  sing N N 199 
LYS CE  HE3  sing N N 200 
LYS NZ  HZ1  sing N N 201 
LYS NZ  HZ2  sing N N 202 
LYS NZ  HZ3  sing N N 203 
LYS OXT HXT  sing N N 204 
MET N   CA   sing N N 205 
MET N   H    sing N N 206 
MET N   H2   sing N N 207 
MET CA  C    sing N N 208 
MET CA  CB   sing N N 209 
MET CA  HA   sing N N 210 
MET C   O    doub N N 211 
MET C   OXT  sing N N 212 
MET CB  CG   sing N N 213 
MET CB  HB2  sing N N 214 
MET CB  HB3  sing N N 215 
MET CG  SD   sing N N 216 
MET CG  HG2  sing N N 217 
MET CG  HG3  sing N N 218 
MET SD  CE   sing N N 219 
MET CE  HE1  sing N N 220 
MET CE  HE2  sing N N 221 
MET CE  HE3  sing N N 222 
MET OXT HXT  sing N N 223 
PHE N   CA   sing N N 224 
PHE N   H    sing N N 225 
PHE N   H2   sing N N 226 
PHE CA  C    sing N N 227 
PHE CA  CB   sing N N 228 
PHE CA  HA   sing N N 229 
PHE C   O    doub N N 230 
PHE C   OXT  sing N N 231 
PHE CB  CG   sing N N 232 
PHE CB  HB2  sing N N 233 
PHE CB  HB3  sing N N 234 
PHE CG  CD1  doub Y N 235 
PHE CG  CD2  sing Y N 236 
PHE CD1 CE1  sing Y N 237 
PHE CD1 HD1  sing N N 238 
PHE CD2 CE2  doub Y N 239 
PHE CD2 HD2  sing N N 240 
PHE CE1 CZ   doub Y N 241 
PHE CE1 HE1  sing N N 242 
PHE CE2 CZ   sing Y N 243 
PHE CE2 HE2  sing N N 244 
PHE CZ  HZ   sing N N 245 
PHE OXT HXT  sing N N 246 
PRO N   CA   sing N N 247 
PRO N   CD   sing N N 248 
PRO N   H    sing N N 249 
PRO CA  C    sing N N 250 
PRO CA  CB   sing N N 251 
PRO CA  HA   sing N N 252 
PRO C   O    doub N N 253 
PRO C   OXT  sing N N 254 
PRO CB  CG   sing N N 255 
PRO CB  HB2  sing N N 256 
PRO CB  HB3  sing N N 257 
PRO CG  CD   sing N N 258 
PRO CG  HG2  sing N N 259 
PRO CG  HG3  sing N N 260 
PRO CD  HD2  sing N N 261 
PRO CD  HD3  sing N N 262 
PRO OXT HXT  sing N N 263 
SER N   CA   sing N N 264 
SER N   H    sing N N 265 
SER N   H2   sing N N 266 
SER CA  C    sing N N 267 
SER CA  CB   sing N N 268 
SER CA  HA   sing N N 269 
SER C   O    doub N N 270 
SER C   OXT  sing N N 271 
SER CB  OG   sing N N 272 
SER CB  HB2  sing N N 273 
SER CB  HB3  sing N N 274 
SER OG  HG   sing N N 275 
SER OXT HXT  sing N N 276 
THR N   CA   sing N N 277 
THR N   H    sing N N 278 
THR N   H2   sing N N 279 
THR CA  C    sing N N 280 
THR CA  CB   sing N N 281 
THR CA  HA   sing N N 282 
THR C   O    doub N N 283 
THR C   OXT  sing N N 284 
THR CB  OG1  sing N N 285 
THR CB  CG2  sing N N 286 
THR CB  HB   sing N N 287 
THR OG1 HG1  sing N N 288 
THR CG2 HG21 sing N N 289 
THR CG2 HG22 sing N N 290 
THR CG2 HG23 sing N N 291 
THR OXT HXT  sing N N 292 
TYR N   CA   sing N N 293 
TYR N   H    sing N N 294 
TYR N   H2   sing N N 295 
TYR CA  C    sing N N 296 
TYR CA  CB   sing N N 297 
TYR CA  HA   sing N N 298 
TYR C   O    doub N N 299 
TYR C   OXT  sing N N 300 
TYR CB  CG   sing N N 301 
TYR CB  HB2  sing N N 302 
TYR CB  HB3  sing N N 303 
TYR CG  CD1  doub Y N 304 
TYR CG  CD2  sing Y N 305 
TYR CD1 CE1  sing Y N 306 
TYR CD1 HD1  sing N N 307 
TYR CD2 CE2  doub Y N 308 
TYR CD2 HD2  sing N N 309 
TYR CE1 CZ   doub Y N 310 
TYR CE1 HE1  sing N N 311 
TYR CE2 CZ   sing Y N 312 
TYR CE2 HE2  sing N N 313 
TYR CZ  OH   sing N N 314 
TYR OH  HH   sing N N 315 
TYR OXT HXT  sing N N 316 
VAL N   CA   sing N N 317 
VAL N   H    sing N N 318 
VAL N   H2   sing N N 319 
VAL CA  C    sing N N 320 
VAL CA  CB   sing N N 321 
VAL CA  HA   sing N N 322 
VAL C   O    doub N N 323 
VAL C   OXT  sing N N 324 
VAL CB  CG1  sing N N 325 
VAL CB  CG2  sing N N 326 
VAL CB  HB   sing N N 327 
VAL CG1 HG11 sing N N 328 
VAL CG1 HG12 sing N N 329 
VAL CG1 HG13 sing N N 330 
VAL CG2 HG21 sing N N 331 
VAL CG2 HG22 sing N N 332 
VAL CG2 HG23 sing N N 333 
VAL OXT HXT  sing N N 334 
# 
_pdbx_entity_nonpoly.entity_id   2 
_pdbx_entity_nonpoly.name        water 
_pdbx_entity_nonpoly.comp_id     HOH 
# 
_pdbx_initial_refinement_model.id               1 
_pdbx_initial_refinement_model.entity_id_list   ? 
_pdbx_initial_refinement_model.type             'experimental model' 
_pdbx_initial_refinement_model.source_name      PDB 
_pdbx_initial_refinement_model.accession_code   1YZM 
_pdbx_initial_refinement_model.details          'PDB ENTRY 1YZM' 
# 
